data_6II2
#
_entry.id   6II2
#
_cell.length_a   86.215
_cell.length_b   108.593
_cell.length_c   334.737
_cell.angle_alpha   90.00
_cell.angle_beta   90.00
_cell.angle_gamma   90.00
#
_symmetry.space_group_name_H-M   'P 21 21 21'
#
_entity_poly.entity_id   1
_entity_poly.type   'polypeptide(L)'
_entity_poly.pdbx_seq_one_letter_code
;MSGNEKHKENVAIENDGTPPRDKESLSPLTRFLNNELYGEKDARRKIGEITQTLLDHAVENGESQKVTLKGEVGRLTGYY
HQGAASSEGETSATSGKVVLFLHGSGSSAEEQASEIRNHYQKQGIDMLAVNLRGYGESDGGPSEKGLYQDARTMFNYLVN
DKGIDPSNIIIHGYSMGGPIAADLARYAAQNGQAVSGLLLDRPMPSMTKAITAHEVANPAGIVGAIAKAVNGQFSVEKNL
KGLPKETPILLLTDNEGLGEEGEKLRAKLAIAGYNVTGEQTFYGHEASNRLMGQYADQIVSGLFNAEQAAVEAGEVLKGL
EKDFKRYGDALKPDTSVPGKSKDIRTTKDFLNGYKNDHAKEIVDGFRSDMSIKQLVDLFVKGSWSAEQKGALAWEIESRA
LKVTFQNKSEKYNRLFREIASAGVVDAKATEQLAPQLMLLNLSNDGFGGRSDPLSKLVLVAKQLENDGQVGVARQLLEKM
YSAAAVLSNPTLYSDSENANASKLLSSLAAIHAKNPMHDTSMKVWQEKLEGKQALTVNGVVEKITDASANGKPVLLELDA
PGHAMAAWAKGSGDDRVYGFYDPNAGIVEFSSAEKFGDYLTRFFGKSDLNMAQSYKLGKNDAGEAIFNRVVVMDGNTLAS
YKPTFGDKTTMQGILDLPVFDATPMKKPGTSDVDGNAKAVDDTKEALEHHHHHH
;
_entity_poly.pdbx_strand_id   A,B,C,D
#
# COMPACT_ATOMS: atom_id res chain seq x y z
N GLU A 9 22.93 -30.49 -15.57
CA GLU A 9 21.78 -29.54 -15.36
C GLU A 9 20.81 -29.43 -16.57
N ASN A 10 21.33 -29.63 -17.80
CA ASN A 10 20.52 -29.54 -19.03
C ASN A 10 20.70 -30.83 -19.88
N VAL A 11 20.13 -31.94 -19.40
CA VAL A 11 20.18 -33.24 -20.13
C VAL A 11 19.03 -33.37 -21.14
N ALA A 12 19.09 -34.43 -21.94
CA ALA A 12 18.00 -34.88 -22.81
C ALA A 12 16.63 -35.00 -22.13
N ILE A 13 15.57 -34.71 -22.90
CA ILE A 13 14.22 -34.51 -22.36
C ILE A 13 13.10 -35.37 -22.97
N GLU A 14 13.31 -35.95 -24.16
CA GLU A 14 12.23 -36.71 -24.80
C GLU A 14 11.81 -37.84 -23.90
N ASN A 15 10.52 -38.11 -23.89
CA ASN A 15 9.96 -39.19 -23.14
C ASN A 15 8.60 -39.41 -23.79
N ASP A 16 8.32 -40.66 -24.17
CA ASP A 16 6.99 -41.03 -24.64
C ASP A 16 6.21 -41.62 -23.47
N GLY A 17 4.89 -41.50 -23.55
CA GLY A 17 4.01 -42.08 -22.53
C GLY A 17 2.62 -41.97 -23.08
N THR A 18 1.67 -42.74 -22.51
CA THR A 18 0.29 -42.76 -23.08
C THR A 18 -0.96 -42.87 -22.13
N PRO A 19 -0.90 -42.29 -20.91
CA PRO A 19 -2.18 -42.05 -20.15
C PRO A 19 -3.15 -41.00 -20.78
N PRO A 20 -4.27 -40.68 -20.09
CA PRO A 20 -5.00 -39.44 -20.36
C PRO A 20 -4.43 -38.32 -19.51
N ARG A 21 -4.97 -37.11 -19.63
CA ARG A 21 -4.23 -35.91 -19.24
C ARG A 21 -4.77 -35.23 -17.97
N ASP A 22 -3.85 -34.76 -17.11
CA ASP A 22 -4.15 -34.29 -15.73
C ASP A 22 -4.65 -32.85 -15.69
N LYS A 23 -4.98 -32.35 -14.49
CA LYS A 23 -5.34 -30.93 -14.33
C LYS A 23 -5.13 -30.33 -12.94
N GLU A 24 -5.25 -29.00 -12.89
CA GLU A 24 -5.43 -28.22 -11.67
C GLU A 24 -6.73 -27.43 -11.78
N SER A 25 -7.26 -27.02 -10.63
CA SER A 25 -8.34 -26.02 -10.54
C SER A 25 -8.51 -25.70 -9.04
N LEU A 26 -8.99 -24.51 -8.66
CA LEU A 26 -8.82 -24.11 -7.24
C LEU A 26 -9.91 -23.68 -6.21
N SER A 27 -10.31 -22.41 -6.30
CA SER A 27 -11.45 -21.82 -5.59
C SER A 27 -12.20 -21.04 -6.66
N PRO A 28 -13.52 -21.09 -6.62
CA PRO A 28 -14.39 -20.72 -7.73
C PRO A 28 -14.15 -19.33 -8.34
N LEU A 29 -13.54 -18.42 -7.58
CA LEU A 29 -13.08 -17.13 -8.13
C LEU A 29 -11.86 -17.31 -9.01
N THR A 30 -10.81 -17.86 -8.41
CA THR A 30 -9.54 -18.07 -9.10
C THR A 30 -9.70 -19.02 -10.31
N ARG A 31 -10.76 -19.83 -10.31
CA ARG A 31 -11.11 -20.65 -11.47
C ARG A 31 -11.67 -19.82 -12.63
N PHE A 32 -12.67 -19.00 -12.35
CA PHE A 32 -13.25 -18.09 -13.38
C PHE A 32 -12.54 -16.72 -13.40
N LEU A 33 -11.31 -16.71 -12.89
CA LEU A 33 -10.24 -15.78 -13.32
C LEU A 33 -9.27 -16.46 -14.27
N ASN A 34 -8.78 -17.64 -13.87
CA ASN A 34 -7.87 -18.44 -14.71
C ASN A 34 -8.52 -18.76 -16.06
N ASN A 35 -9.83 -18.98 -16.04
CA ASN A 35 -10.58 -19.14 -17.26
C ASN A 35 -10.50 -17.87 -18.09
N GLU A 36 -10.70 -16.71 -17.47
CA GLU A 36 -10.62 -15.42 -18.19
C GLU A 36 -9.23 -15.18 -18.76
N LEU A 37 -8.20 -15.50 -17.98
CA LEU A 37 -6.79 -15.24 -18.38
C LEU A 37 -6.29 -16.18 -19.49
N TYR A 38 -6.49 -17.48 -19.29
CA TYR A 38 -5.88 -18.50 -20.15
C TYR A 38 -6.85 -19.17 -21.14
N GLY A 39 -8.15 -18.98 -20.94
CA GLY A 39 -9.20 -19.72 -21.66
C GLY A 39 -9.86 -20.78 -20.78
N GLU A 40 -11.06 -21.19 -21.15
CA GLU A 40 -11.77 -22.25 -20.42
C GLU A 40 -11.10 -23.61 -20.65
N LYS A 41 -11.21 -24.48 -19.66
CA LYS A 41 -10.49 -25.75 -19.63
C LYS A 41 -10.66 -26.55 -20.94
N ASP A 42 -11.91 -26.67 -21.41
CA ASP A 42 -12.22 -27.40 -22.64
C ASP A 42 -11.66 -26.73 -23.88
N ALA A 43 -11.81 -25.42 -23.96
CA ALA A 43 -11.29 -24.63 -25.07
C ALA A 43 -9.79 -24.78 -25.24
N ARG A 44 -9.09 -24.90 -24.11
CA ARG A 44 -7.64 -25.09 -24.12
C ARG A 44 -7.24 -26.42 -24.78
N ARG A 45 -8.05 -27.46 -24.55
CA ARG A 45 -7.71 -28.82 -24.99
C ARG A 45 -8.26 -29.32 -26.32
N LYS A 46 -9.39 -28.76 -26.72
CA LYS A 46 -10.02 -29.11 -28.01
C LYS A 46 -8.97 -28.91 -29.11
N ILE A 47 -8.72 -30.01 -29.83
CA ILE A 47 -8.13 -30.01 -31.15
C ILE A 47 -9.28 -30.37 -32.12
N GLY A 48 -9.48 -29.55 -33.14
CA GLY A 48 -10.55 -29.76 -34.13
C GLY A 48 -10.22 -30.88 -35.09
N GLU A 49 -11.25 -31.62 -35.50
CA GLU A 49 -11.05 -32.90 -36.22
C GLU A 49 -10.33 -32.72 -37.55
N ILE A 50 -10.55 -31.57 -38.21
CA ILE A 50 -9.95 -31.29 -39.53
C ILE A 50 -8.45 -31.16 -39.39
N THR A 51 -8.00 -30.53 -38.30
CA THR A 51 -6.58 -30.47 -37.98
C THR A 51 -6.05 -31.86 -37.63
N GLN A 52 -6.74 -32.57 -36.75
CA GLN A 52 -6.28 -33.91 -36.39
C GLN A 52 -6.15 -34.81 -37.60
N THR A 53 -7.09 -34.69 -38.55
CA THR A 53 -7.04 -35.48 -39.80
C THR A 53 -5.80 -35.13 -40.64
N LEU A 54 -5.48 -33.84 -40.72
CA LEU A 54 -4.26 -33.38 -41.40
C LEU A 54 -3.00 -33.82 -40.65
N LEU A 55 -3.02 -33.68 -39.32
CA LEU A 55 -1.88 -34.08 -38.45
C LEU A 55 -1.72 -35.58 -38.32
N ASP A 56 -2.79 -36.32 -38.65
CA ASP A 56 -2.67 -37.76 -38.72
C ASP A 56 -2.00 -38.18 -40.03
N HIS A 57 -1.38 -37.22 -40.71
CA HIS A 57 -0.50 -37.51 -41.81
C HIS A 57 0.95 -37.30 -41.40
N ALA A 58 1.23 -37.66 -40.15
CA ALA A 58 2.58 -37.87 -39.67
C ALA A 58 2.97 -39.26 -40.23
N VAL A 59 3.01 -39.32 -41.56
CA VAL A 59 3.50 -40.49 -42.30
C VAL A 59 4.69 -40.14 -43.19
N GLU A 60 5.29 -38.96 -42.96
CA GLU A 60 6.41 -38.46 -43.79
C GLU A 60 7.07 -37.25 -43.11
N SER A 64 9.89 -37.98 -36.61
CA SER A 64 9.95 -36.58 -36.15
C SER A 64 8.57 -35.98 -35.74
N GLN A 65 7.49 -36.48 -36.32
CA GLN A 65 6.26 -35.70 -36.46
C GLN A 65 5.37 -35.55 -35.21
N LYS A 66 5.48 -36.44 -34.22
CA LYS A 66 4.75 -36.26 -32.96
C LYS A 66 5.66 -36.32 -31.75
N VAL A 67 5.35 -35.50 -30.74
CA VAL A 67 6.29 -35.18 -29.65
C VAL A 67 5.62 -35.31 -28.30
N THR A 68 6.42 -35.65 -27.29
CA THR A 68 6.03 -35.51 -25.89
C THR A 68 7.28 -35.33 -25.04
N LEU A 69 7.31 -34.27 -24.25
CA LEU A 69 8.47 -33.93 -23.43
C LEU A 69 8.16 -34.04 -21.94
N LYS A 70 9.19 -34.22 -21.13
CA LYS A 70 9.05 -34.18 -19.67
C LYS A 70 9.01 -32.73 -19.19
N GLY A 71 7.80 -32.25 -18.87
CA GLY A 71 7.63 -30.91 -18.30
C GLY A 71 7.89 -30.91 -16.81
N GLU A 72 7.88 -29.72 -16.22
CA GLU A 72 8.14 -29.54 -14.79
C GLU A 72 7.00 -30.05 -13.89
N VAL A 73 5.76 -29.95 -14.39
CA VAL A 73 4.56 -30.40 -13.64
C VAL A 73 3.83 -31.57 -14.36
N GLY A 74 4.48 -32.15 -15.34
CA GLY A 74 3.84 -33.22 -16.11
C GLY A 74 4.25 -33.23 -17.56
N ARG A 75 3.51 -33.99 -18.35
CA ARG A 75 3.80 -34.16 -19.78
C ARG A 75 3.42 -32.93 -20.58
N LEU A 76 4.19 -32.68 -21.63
CA LEU A 76 3.94 -31.59 -22.55
C LEU A 76 3.87 -32.15 -23.95
N THR A 77 2.66 -32.43 -24.41
CA THR A 77 2.46 -33.04 -25.72
C THR A 77 2.53 -32.01 -26.84
N GLY A 78 2.63 -32.49 -28.07
CA GLY A 78 2.64 -31.63 -29.22
C GLY A 78 3.14 -32.34 -30.46
N TYR A 79 3.58 -31.54 -31.43
CA TYR A 79 4.02 -32.02 -32.72
C TYR A 79 5.26 -31.26 -33.17
N TYR A 80 6.12 -31.94 -33.93
CA TYR A 80 7.26 -31.32 -34.62
C TYR A 80 7.03 -31.48 -36.12
N HIS A 81 7.33 -30.45 -36.89
CA HIS A 81 6.97 -30.44 -38.31
C HIS A 81 8.22 -30.25 -39.18
N GLN A 82 8.34 -31.09 -40.21
CA GLN A 82 9.57 -31.24 -40.99
C GLN A 82 9.66 -30.15 -42.06
N GLY A 83 10.84 -30.02 -42.67
CA GLY A 83 11.00 -29.11 -43.82
C GLY A 83 10.52 -29.78 -45.11
N ALA A 84 10.91 -29.19 -46.24
CA ALA A 84 10.23 -29.40 -47.51
C ALA A 84 11.16 -29.92 -48.62
N ALA A 85 10.59 -30.17 -49.80
CA ALA A 85 11.30 -30.72 -50.96
C ALA A 85 12.28 -29.71 -51.63
N SER A 86 13.57 -30.04 -51.61
CA SER A 86 14.60 -29.27 -52.33
C SER A 86 15.36 -30.13 -53.34
N SER A 95 17.97 -22.92 -44.59
CA SER A 95 18.71 -24.07 -45.14
C SER A 95 19.13 -25.10 -44.05
N GLY A 96 18.21 -25.35 -43.11
CA GLY A 96 18.46 -26.29 -41.98
C GLY A 96 18.09 -25.77 -40.58
N LYS A 97 17.21 -24.77 -40.49
CA LYS A 97 16.90 -24.08 -39.22
C LYS A 97 15.43 -24.29 -38.77
N VAL A 98 15.17 -24.00 -37.49
CA VAL A 98 13.89 -24.38 -36.83
C VAL A 98 13.21 -23.17 -36.17
N VAL A 99 11.88 -23.22 -36.08
CA VAL A 99 11.06 -22.22 -35.36
C VAL A 99 10.45 -22.82 -34.10
N LEU A 100 10.96 -22.46 -32.94
CA LEU A 100 10.30 -22.80 -31.69
C LEU A 100 9.02 -21.99 -31.89
N PHE A 101 7.86 -22.61 -31.71
CA PHE A 101 6.58 -21.89 -31.69
C PHE A 101 6.01 -21.92 -30.27
N LEU A 102 5.84 -20.73 -29.69
CA LEU A 102 5.13 -20.60 -28.43
C LEU A 102 3.76 -20.02 -28.68
N HIS A 103 2.74 -20.82 -28.38
CA HIS A 103 1.35 -20.45 -28.66
C HIS A 103 0.74 -19.52 -27.60
N GLY A 104 -0.33 -18.84 -28.00
CA GLY A 104 -1.10 -17.96 -27.11
C GLY A 104 -2.17 -18.66 -26.32
N SER A 105 -3.00 -17.88 -25.63
CA SER A 105 -4.05 -18.45 -24.79
C SER A 105 -5.28 -18.73 -25.60
N GLY A 106 -6.27 -19.36 -24.97
CA GLY A 106 -7.60 -19.54 -25.58
C GLY A 106 -7.83 -20.84 -26.34
N SER A 107 -6.86 -21.27 -27.14
CA SER A 107 -6.97 -22.49 -27.93
C SER A 107 -5.74 -23.34 -27.75
N SER A 108 -5.80 -24.56 -28.30
CA SER A 108 -4.67 -25.50 -28.27
C SER A 108 -3.50 -25.03 -29.15
N ALA A 109 -2.33 -25.61 -28.92
CA ALA A 109 -1.16 -25.35 -29.75
C ALA A 109 -1.36 -25.84 -31.18
N GLU A 110 -2.13 -26.92 -31.34
CA GLU A 110 -2.34 -27.55 -32.64
C GLU A 110 -3.25 -26.68 -33.52
N GLU A 111 -4.26 -26.09 -32.88
CA GLU A 111 -5.19 -25.18 -33.58
C GLU A 111 -4.52 -23.86 -33.96
N GLN A 112 -3.83 -23.22 -33.02
CA GLN A 112 -3.14 -21.97 -33.29
C GLN A 112 -2.05 -22.13 -34.37
N ALA A 113 -1.38 -23.27 -34.36
CA ALA A 113 -0.25 -23.52 -35.27
C ALA A 113 -0.71 -23.92 -36.69
N SER A 114 -1.84 -24.60 -36.80
CA SER A 114 -2.34 -25.14 -38.07
C SER A 114 -2.28 -24.17 -39.26
N GLU A 115 -2.58 -22.91 -38.99
CA GLU A 115 -2.57 -21.84 -40.01
C GLU A 115 -1.12 -21.42 -40.40
N ILE A 116 -0.25 -21.36 -39.37
CA ILE A 116 1.12 -20.81 -39.48
C ILE A 116 2.18 -21.88 -39.85
N ARG A 117 1.92 -23.08 -39.35
CA ARG A 117 2.67 -24.29 -39.67
C ARG A 117 3.05 -24.58 -41.12
N ASN A 118 2.22 -24.09 -42.06
CA ASN A 118 2.48 -24.30 -43.50
C ASN A 118 3.51 -23.30 -44.11
N HIS A 119 3.45 -22.03 -43.70
CA HIS A 119 4.24 -20.96 -44.33
C HIS A 119 5.73 -21.08 -44.04
N TYR A 120 6.07 -21.68 -42.91
CA TYR A 120 7.45 -22.06 -42.62
C TYR A 120 7.85 -23.34 -43.38
N GLN A 121 6.94 -24.32 -43.35
CA GLN A 121 7.17 -25.62 -44.02
C GLN A 121 7.62 -25.45 -45.46
N LYS A 122 6.84 -24.71 -46.25
CA LYS A 122 7.08 -24.58 -47.70
C LYS A 122 8.45 -23.97 -48.02
N GLN A 123 8.95 -23.12 -47.13
CA GLN A 123 10.30 -22.52 -47.27
C GLN A 123 11.41 -23.51 -46.95
N GLY A 124 11.07 -24.58 -46.25
CA GLY A 124 12.05 -25.58 -45.82
C GLY A 124 12.51 -25.33 -44.40
N ILE A 125 11.61 -24.80 -43.58
CA ILE A 125 11.88 -24.51 -42.18
C ILE A 125 11.09 -25.47 -41.32
N ASP A 126 11.75 -26.06 -40.32
CA ASP A 126 11.07 -26.91 -39.35
C ASP A 126 10.34 -26.03 -38.33
N MET A 127 9.48 -26.65 -37.52
CA MET A 127 8.74 -25.93 -36.46
C MET A 127 8.36 -26.87 -35.33
N LEU A 128 8.65 -26.46 -34.11
CA LEU A 128 8.25 -27.22 -32.92
C LEU A 128 7.01 -26.59 -32.26
N ALA A 129 5.85 -27.18 -32.53
CA ALA A 129 4.59 -26.70 -31.97
C ALA A 129 4.20 -27.56 -30.78
N VAL A 130 4.62 -27.13 -29.59
CA VAL A 130 4.32 -27.87 -28.36
C VAL A 130 3.40 -27.07 -27.45
N ASN A 131 2.42 -27.77 -26.87
CA ASN A 131 1.49 -27.18 -25.91
C ASN A 131 2.20 -26.88 -24.59
N LEU A 132 1.68 -25.87 -23.90
CA LEU A 132 2.12 -25.50 -22.58
C LEU A 132 1.24 -26.26 -21.58
N ARG A 133 1.54 -26.15 -20.29
CA ARG A 133 0.75 -26.85 -19.29
C ARG A 133 -0.71 -26.40 -19.30
N GLY A 134 -1.63 -27.36 -19.34
CA GLY A 134 -3.07 -27.09 -19.37
C GLY A 134 -3.67 -26.93 -20.76
N TYR A 135 -2.85 -27.04 -21.79
CA TYR A 135 -3.30 -26.87 -23.16
C TYR A 135 -3.19 -28.18 -23.90
N GLY A 136 -4.07 -28.38 -24.87
CA GLY A 136 -4.03 -29.55 -25.76
C GLY A 136 -4.15 -30.89 -25.05
N GLU A 137 -3.04 -31.63 -25.01
CA GLU A 137 -2.96 -32.90 -24.29
C GLU A 137 -1.84 -32.86 -23.23
N SER A 138 -1.41 -31.66 -22.86
CA SER A 138 -0.32 -31.50 -21.90
C SER A 138 -0.87 -31.51 -20.49
N ASP A 139 -0.15 -32.18 -19.60
CA ASP A 139 -0.56 -32.24 -18.22
C ASP A 139 -0.28 -30.89 -17.57
N GLY A 140 -1.17 -30.51 -16.66
CA GLY A 140 -0.93 -29.38 -15.76
C GLY A 140 -2.01 -28.35 -15.88
N GLY A 141 -1.82 -27.27 -15.11
CA GLY A 141 -2.72 -26.11 -15.13
C GLY A 141 -1.88 -24.87 -15.35
N PRO A 142 -2.41 -23.89 -16.12
CA PRO A 142 -1.59 -22.74 -16.51
C PRO A 142 -1.13 -21.90 -15.32
N SER A 143 0.11 -21.43 -15.40
CA SER A 143 0.76 -20.65 -14.34
C SER A 143 1.91 -19.86 -14.95
N GLU A 144 2.05 -18.57 -14.57
CA GLU A 144 3.06 -17.68 -15.22
C GLU A 144 4.51 -18.17 -15.07
N LYS A 145 4.91 -18.44 -13.83
CA LYS A 145 6.25 -18.97 -13.56
C LYS A 145 6.43 -20.36 -14.19
N GLY A 146 5.34 -21.10 -14.28
CA GLY A 146 5.34 -22.43 -14.91
C GLY A 146 5.41 -22.41 -16.43
N LEU A 147 4.67 -21.49 -17.06
CA LEU A 147 4.61 -21.41 -18.51
C LEU A 147 5.95 -21.02 -19.10
N TYR A 148 6.70 -20.20 -18.37
CA TYR A 148 8.07 -19.85 -18.77
C TYR A 148 8.98 -21.09 -18.69
N GLN A 149 8.80 -21.89 -17.63
CA GLN A 149 9.52 -23.16 -17.44
C GLN A 149 9.25 -24.14 -18.57
N ASP A 150 7.98 -24.28 -18.96
CA ASP A 150 7.59 -25.18 -20.06
C ASP A 150 8.14 -24.73 -21.43
N ALA A 151 8.22 -23.43 -21.65
CA ALA A 151 8.85 -22.88 -22.85
C ALA A 151 10.29 -23.37 -22.98
N ARG A 152 11.00 -23.34 -21.86
CA ARG A 152 12.39 -23.75 -21.83
C ARG A 152 12.55 -25.27 -22.09
N THR A 153 11.60 -26.06 -21.60
CA THR A 153 11.59 -27.48 -21.88
C THR A 153 11.63 -27.66 -23.39
N MET A 154 10.73 -26.97 -24.07
CA MET A 154 10.67 -27.04 -25.54
C MET A 154 12.02 -26.64 -26.16
N PHE A 155 12.62 -25.57 -25.63
CA PHE A 155 13.97 -25.15 -26.04
C PHE A 155 14.96 -26.29 -25.81
N ASN A 156 14.97 -26.83 -24.61
CA ASN A 156 15.93 -27.87 -24.25
C ASN A 156 15.71 -29.16 -25.05
N TYR A 157 14.50 -29.36 -25.58
CA TYR A 157 14.24 -30.44 -26.58
C TYR A 157 14.94 -30.14 -27.93
N LEU A 158 15.06 -28.86 -28.29
CA LEU A 158 15.66 -28.48 -29.58
C LEU A 158 17.18 -28.60 -29.61
N VAL A 159 17.87 -28.22 -28.53
CA VAL A 159 19.35 -28.20 -28.56
C VAL A 159 19.98 -29.50 -28.09
N ASN A 160 19.43 -30.09 -27.03
CA ASN A 160 20.02 -31.30 -26.49
C ASN A 160 19.48 -32.56 -27.15
N ASP A 161 18.18 -32.70 -27.13
CA ASP A 161 17.52 -33.89 -27.67
C ASP A 161 17.60 -34.03 -29.16
N LYS A 162 17.62 -32.90 -29.85
CA LYS A 162 17.68 -32.94 -31.30
C LYS A 162 18.88 -32.15 -31.85
N GLY A 163 19.75 -31.72 -30.94
CA GLY A 163 21.03 -31.10 -31.26
C GLY A 163 21.05 -30.15 -32.42
N ILE A 164 20.20 -29.13 -32.38
CA ILE A 164 20.26 -28.09 -33.40
C ILE A 164 21.52 -27.29 -33.14
N ASP A 165 22.13 -26.77 -34.19
CA ASP A 165 23.42 -26.09 -34.05
C ASP A 165 23.26 -24.89 -33.09
N PRO A 166 24.40 -24.34 -32.58
CA PRO A 166 24.28 -23.59 -31.33
C PRO A 166 22.94 -22.89 -31.27
N SER A 167 22.75 -21.92 -32.15
CA SER A 167 21.50 -21.29 -32.24
C SER A 167 21.36 -20.51 -33.51
N ASN A 168 20.68 -21.20 -34.40
CA ASN A 168 20.05 -20.67 -35.55
C ASN A 168 18.62 -21.28 -35.41
N ILE A 169 17.86 -20.63 -34.55
CA ILE A 169 16.53 -21.03 -34.15
C ILE A 169 15.85 -19.72 -33.90
N ILE A 170 14.57 -19.63 -34.16
CA ILE A 170 13.82 -18.43 -33.77
C ILE A 170 12.68 -18.79 -32.83
N ILE A 171 12.29 -17.85 -31.98
CA ILE A 171 11.25 -18.16 -31.03
C ILE A 171 9.77 -18.14 -31.33
N HIS A 172 9.24 -17.16 -32.03
CA HIS A 172 7.82 -17.21 -32.41
C HIS A 172 6.75 -17.66 -31.43
N GLY A 173 6.33 -16.94 -30.42
CA GLY A 173 6.34 -15.52 -30.28
C GLY A 173 4.88 -15.37 -30.58
N TYR A 174 4.00 -15.10 -29.63
CA TYR A 174 2.59 -14.94 -29.94
C TYR A 174 1.77 -14.09 -28.95
N SER A 175 0.48 -13.94 -29.17
CA SER A 175 -0.28 -13.38 -28.08
C SER A 175 0.04 -14.24 -26.89
N MET A 176 0.61 -13.63 -25.86
CA MET A 176 1.13 -14.37 -24.69
C MET A 176 2.39 -15.16 -25.02
N GLY A 177 2.36 -15.97 -26.06
CA GLY A 177 3.58 -16.47 -26.66
C GLY A 177 4.68 -15.39 -26.71
N GLY A 178 4.27 -14.12 -26.82
CA GLY A 178 5.19 -12.97 -26.90
C GLY A 178 5.95 -12.75 -25.60
N PRO A 179 5.24 -12.39 -24.51
CA PRO A 179 5.87 -12.29 -23.21
C PRO A 179 6.72 -13.51 -22.88
N ILE A 180 6.18 -14.70 -23.18
CA ILE A 180 6.87 -15.96 -22.88
C ILE A 180 8.12 -16.07 -23.74
N ALA A 181 7.95 -15.89 -25.04
CA ALA A 181 9.05 -15.86 -25.98
C ALA A 181 10.15 -14.90 -25.50
N ALA A 182 9.75 -13.71 -25.09
CA ALA A 182 10.69 -12.73 -24.57
C ALA A 182 11.48 -13.30 -23.39
N ASP A 183 10.76 -13.87 -22.43
CA ASP A 183 11.42 -14.47 -21.27
C ASP A 183 12.42 -15.54 -21.69
N LEU A 184 12.00 -16.46 -22.56
CA LEU A 184 12.87 -17.56 -23.00
C LEU A 184 14.13 -17.02 -23.68
N ALA A 185 13.94 -16.04 -24.56
CA ALA A 185 15.07 -15.41 -25.28
C ALA A 185 16.13 -14.83 -24.32
N ARG A 186 15.66 -14.26 -23.20
CA ARG A 186 16.56 -13.75 -22.16
C ARG A 186 17.29 -14.87 -21.45
N TYR A 187 16.55 -15.93 -21.07
CA TYR A 187 17.14 -17.12 -20.43
C TYR A 187 18.21 -17.79 -21.31
N ALA A 188 17.93 -17.92 -22.60
CA ALA A 188 18.87 -18.53 -23.54
C ALA A 188 20.18 -17.74 -23.63
N ALA A 189 20.05 -16.42 -23.69
CA ALA A 189 21.20 -15.53 -23.75
C ALA A 189 21.98 -15.60 -22.45
N GLN A 190 21.28 -15.43 -21.33
CA GLN A 190 21.87 -15.52 -20.00
C GLN A 190 22.60 -16.83 -19.75
N ASN A 191 22.09 -17.90 -20.38
CA ASN A 191 22.63 -19.27 -20.22
C ASN A 191 23.62 -19.69 -21.35
N GLY A 192 23.97 -18.73 -22.22
CA GLY A 192 25.00 -18.94 -23.25
C GLY A 192 24.56 -19.70 -24.48
N GLN A 193 23.26 -19.98 -24.59
CA GLN A 193 22.73 -20.67 -25.77
C GLN A 193 21.98 -19.68 -26.66
N ALA A 194 22.51 -18.45 -26.74
CA ALA A 194 21.76 -17.28 -27.27
C ALA A 194 21.05 -17.58 -28.56
N VAL A 195 19.74 -17.38 -28.59
CA VAL A 195 18.91 -17.72 -29.75
C VAL A 195 19.13 -16.70 -30.89
N SER A 196 18.81 -17.10 -32.12
CA SER A 196 19.10 -16.29 -33.33
C SER A 196 18.22 -15.06 -33.47
N GLY A 197 16.93 -15.22 -33.24
CA GLY A 197 15.98 -14.15 -33.42
C GLY A 197 14.79 -14.31 -32.52
N LEU A 198 14.13 -13.19 -32.22
CA LEU A 198 12.84 -13.17 -31.54
C LEU A 198 11.77 -12.63 -32.47
N LEU A 199 10.59 -13.22 -32.40
CA LEU A 199 9.46 -12.74 -33.17
C LEU A 199 8.29 -12.53 -32.22
N LEU A 200 7.94 -11.26 -32.00
CA LEU A 200 6.70 -10.91 -31.30
C LEU A 200 5.53 -10.76 -32.30
N ASP A 201 4.78 -11.84 -32.48
CA ASP A 201 3.70 -11.91 -33.46
C ASP A 201 2.40 -11.48 -32.79
N ARG A 202 1.98 -10.25 -33.06
CA ARG A 202 0.70 -9.72 -32.54
C ARG A 202 0.62 -9.91 -31.00
N PRO A 203 1.57 -9.35 -30.28
CA PRO A 203 1.85 -9.84 -28.96
C PRO A 203 0.99 -9.16 -27.93
N MET A 204 0.88 -9.80 -26.77
CA MET A 204 0.35 -9.20 -25.55
C MET A 204 1.44 -8.34 -24.91
N PRO A 205 1.23 -7.01 -24.83
CA PRO A 205 2.25 -6.18 -24.17
C PRO A 205 2.35 -6.47 -22.69
N SER A 206 1.19 -6.59 -22.03
CA SER A 206 1.11 -7.04 -20.64
C SER A 206 -0.28 -7.54 -20.35
N MET A 207 -0.38 -8.52 -19.45
CA MET A 207 -1.67 -9.18 -19.22
C MET A 207 -2.72 -8.14 -18.93
N THR A 208 -2.41 -7.29 -17.96
CA THR A 208 -3.26 -6.17 -17.59
C THR A 208 -3.77 -5.38 -18.80
N LYS A 209 -2.86 -5.02 -19.69
CA LYS A 209 -3.22 -4.22 -20.87
C LYS A 209 -3.91 -5.05 -21.97
N ALA A 210 -3.65 -6.35 -21.97
CA ALA A 210 -4.32 -7.25 -22.89
C ALA A 210 -5.79 -7.43 -22.55
N ILE A 211 -6.09 -7.42 -21.26
CA ILE A 211 -7.47 -7.54 -20.77
C ILE A 211 -8.26 -6.29 -21.12
N THR A 212 -7.79 -5.14 -20.65
CA THR A 212 -8.52 -3.87 -20.83
C THR A 212 -8.54 -3.31 -22.26
N ALA A 213 -7.72 -3.88 -23.15
CA ALA A 213 -7.72 -3.50 -24.58
C ALA A 213 -8.89 -4.18 -25.32
N HIS A 214 -8.96 -5.51 -25.19
CA HIS A 214 -10.03 -6.34 -25.80
C HIS A 214 -11.40 -6.10 -25.17
N GLU A 215 -11.37 -5.76 -23.87
CA GLU A 215 -12.52 -5.15 -23.24
C GLU A 215 -12.36 -3.68 -23.50
N VAL A 216 -13.32 -2.92 -23.04
CA VAL A 216 -13.57 -1.61 -23.61
C VAL A 216 -13.16 -0.52 -22.66
N ALA A 217 -12.25 0.34 -23.12
CA ALA A 217 -11.79 1.47 -22.34
C ALA A 217 -11.17 0.99 -21.01
N ASN A 218 -11.85 1.31 -19.90
CA ASN A 218 -11.24 1.25 -18.57
C ASN A 218 -12.29 1.01 -17.45
N PRO A 219 -13.15 -0.05 -17.59
CA PRO A 219 -14.15 -0.18 -16.53
C PRO A 219 -13.57 -0.41 -15.14
N ALA A 220 -14.44 -0.33 -14.15
CA ALA A 220 -14.03 -0.39 -12.75
C ALA A 220 -14.50 -1.64 -12.03
N GLY A 221 -15.39 -2.40 -12.68
CA GLY A 221 -16.01 -3.56 -12.03
C GLY A 221 -15.01 -4.70 -12.16
N ILE A 222 -15.52 -5.88 -12.46
CA ILE A 222 -14.67 -7.07 -12.50
C ILE A 222 -13.54 -7.04 -13.52
N VAL A 223 -13.78 -6.48 -14.69
CA VAL A 223 -12.76 -6.50 -15.74
C VAL A 223 -11.52 -5.70 -15.31
N GLY A 224 -11.73 -4.67 -14.49
CA GLY A 224 -10.62 -3.86 -13.95
C GLY A 224 -10.02 -4.42 -12.66
N ALA A 225 -10.85 -5.12 -11.90
CA ALA A 225 -10.37 -5.86 -10.72
C ALA A 225 -9.44 -7.02 -11.11
N ILE A 226 -9.77 -7.73 -12.20
CA ILE A 226 -8.88 -8.76 -12.75
C ILE A 226 -7.57 -8.13 -13.20
N ALA A 227 -7.68 -7.02 -13.92
CA ALA A 227 -6.53 -6.29 -14.46
C ALA A 227 -5.58 -5.83 -13.34
N LYS A 228 -6.16 -5.29 -12.27
CA LYS A 228 -5.38 -4.87 -11.10
C LYS A 228 -4.76 -6.06 -10.36
N ALA A 229 -5.43 -7.19 -10.41
CA ALA A 229 -4.93 -8.42 -9.77
C ALA A 229 -3.67 -8.96 -10.47
N VAL A 230 -3.66 -8.84 -11.80
CA VAL A 230 -2.66 -9.52 -12.62
C VAL A 230 -1.57 -8.53 -13.12
N ASN A 231 -1.28 -7.56 -12.27
CA ASN A 231 -0.36 -6.46 -12.58
C ASN A 231 1.08 -6.94 -12.56
N GLY A 232 1.81 -6.65 -13.62
CA GLY A 232 3.21 -7.08 -13.73
C GLY A 232 3.36 -8.56 -14.10
N GLN A 233 2.32 -9.12 -14.71
CA GLN A 233 2.41 -10.45 -15.29
C GLN A 233 2.44 -10.35 -16.80
N PHE A 234 3.23 -11.23 -17.42
CA PHE A 234 3.33 -11.34 -18.87
C PHE A 234 3.62 -10.00 -19.52
N SER A 235 4.61 -9.29 -18.98
CA SER A 235 5.04 -8.00 -19.50
C SER A 235 6.27 -8.21 -20.41
N VAL A 236 6.14 -7.85 -21.69
CA VAL A 236 7.19 -8.09 -22.67
C VAL A 236 8.43 -7.28 -22.36
N GLU A 237 8.25 -5.98 -22.12
CA GLU A 237 9.35 -5.08 -21.77
C GLU A 237 10.08 -5.54 -20.50
N LYS A 238 9.30 -6.03 -19.53
CA LYS A 238 9.86 -6.51 -18.28
C LYS A 238 10.64 -7.82 -18.48
N ASN A 239 10.12 -8.70 -19.33
CA ASN A 239 10.79 -9.97 -19.62
C ASN A 239 12.02 -9.79 -20.49
N LEU A 240 12.05 -8.73 -21.32
CA LEU A 240 13.20 -8.44 -22.21
C LEU A 240 14.39 -7.79 -21.49
N LYS A 241 14.13 -7.10 -20.39
CA LYS A 241 15.22 -6.51 -19.60
C LYS A 241 16.16 -7.60 -19.09
N GLY A 242 17.39 -7.57 -19.60
CA GLY A 242 18.33 -8.65 -19.43
C GLY A 242 18.87 -9.09 -20.77
N LEU A 243 17.98 -9.16 -21.77
CA LEU A 243 18.36 -9.56 -23.11
C LEU A 243 19.38 -8.58 -23.67
N PRO A 244 20.40 -9.10 -24.39
CA PRO A 244 21.33 -8.22 -25.13
C PRO A 244 20.61 -7.46 -26.23
N LYS A 245 20.94 -6.17 -26.36
CA LYS A 245 20.14 -5.26 -27.17
C LYS A 245 20.35 -5.55 -28.66
N GLU A 246 21.49 -6.18 -28.99
CA GLU A 246 21.81 -6.57 -30.37
C GLU A 246 20.84 -7.62 -30.93
N THR A 247 20.29 -8.45 -30.03
CA THR A 247 19.40 -9.55 -30.42
C THR A 247 18.29 -9.01 -31.30
N PRO A 248 18.21 -9.48 -32.55
CA PRO A 248 17.16 -8.98 -33.42
C PRO A 248 15.78 -9.35 -32.88
N ILE A 249 14.91 -8.35 -32.76
CA ILE A 249 13.52 -8.53 -32.37
C ILE A 249 12.67 -8.05 -33.53
N LEU A 250 11.81 -8.93 -34.03
CA LEU A 250 10.80 -8.53 -35.01
C LEU A 250 9.45 -8.40 -34.31
N LEU A 251 8.85 -7.20 -34.40
CA LEU A 251 7.59 -6.89 -33.72
C LEU A 251 6.49 -6.55 -34.75
N LEU A 252 5.53 -7.45 -34.91
CA LEU A 252 4.45 -7.28 -35.90
C LEU A 252 3.15 -7.19 -35.16
N THR A 253 2.46 -6.05 -35.28
CA THR A 253 1.21 -5.81 -34.54
C THR A 253 -0.05 -5.98 -35.38
N ASP A 254 -1.14 -6.28 -34.70
CA ASP A 254 -2.48 -6.35 -35.31
C ASP A 254 -3.06 -4.95 -35.53
N ASN A 255 -4.14 -4.87 -36.30
CA ASN A 255 -4.78 -3.59 -36.59
C ASN A 255 -5.80 -3.16 -35.51
N GLU A 256 -5.90 -3.95 -34.43
CA GLU A 256 -6.87 -3.72 -33.37
C GLU A 256 -6.15 -3.22 -32.12
N GLY A 257 -6.94 -2.95 -31.08
CA GLY A 257 -6.48 -2.29 -29.84
C GLY A 257 -5.25 -2.88 -29.14
N LEU A 258 -4.96 -4.16 -29.36
CA LEU A 258 -3.75 -4.78 -28.83
C LEU A 258 -2.51 -4.35 -29.62
N GLY A 259 -2.67 -4.07 -30.90
CA GLY A 259 -1.62 -3.41 -31.68
C GLY A 259 -1.39 -1.99 -31.25
N GLU A 260 -2.48 -1.24 -31.08
CA GLU A 260 -2.42 0.13 -30.58
C GLU A 260 -1.56 0.22 -29.32
N GLU A 261 -1.69 -0.78 -28.43
CA GLU A 261 -0.83 -0.88 -27.23
C GLU A 261 0.51 -1.51 -27.56
N GLY A 262 0.54 -2.30 -28.64
CA GLY A 262 1.79 -2.88 -29.16
C GLY A 262 2.73 -1.86 -29.79
N GLU A 263 2.18 -0.93 -30.53
CA GLU A 263 2.96 0.15 -31.14
C GLU A 263 3.48 1.14 -30.09
N LYS A 264 2.66 1.41 -29.08
CA LYS A 264 3.11 2.16 -27.90
C LYS A 264 4.35 1.47 -27.32
N LEU A 265 4.28 0.14 -27.20
CA LEU A 265 5.41 -0.69 -26.72
C LEU A 265 6.60 -0.61 -27.66
N ARG A 266 6.35 -0.75 -28.95
CA ARG A 266 7.41 -0.72 -29.96
C ARG A 266 8.34 0.47 -29.71
N ALA A 267 7.73 1.65 -29.53
CA ALA A 267 8.46 2.91 -29.32
C ALA A 267 9.31 2.88 -28.06
N LYS A 268 8.72 2.37 -26.98
CA LYS A 268 9.45 2.22 -25.74
C LYS A 268 10.68 1.37 -25.98
N LEU A 269 10.51 0.28 -26.72
CA LEU A 269 11.60 -0.68 -27.02
C LEU A 269 12.64 -0.11 -27.97
N ALA A 270 12.21 0.69 -28.93
CA ALA A 270 13.14 1.34 -29.87
C ALA A 270 14.07 2.31 -29.13
N ILE A 271 13.45 3.26 -28.45
CA ILE A 271 14.14 4.28 -27.65
C ILE A 271 15.12 3.66 -26.65
N ALA A 272 14.68 2.64 -25.92
CA ALA A 272 15.52 1.91 -24.98
C ALA A 272 16.74 1.33 -25.65
N GLY A 273 16.59 0.94 -26.91
CA GLY A 273 17.72 0.58 -27.77
C GLY A 273 17.78 -0.87 -28.23
N TYR A 274 16.68 -1.61 -28.04
CA TYR A 274 16.61 -2.97 -28.58
C TYR A 274 16.64 -2.92 -30.12
N ASN A 275 17.04 -4.02 -30.74
CA ASN A 275 17.16 -4.09 -32.20
C ASN A 275 15.77 -4.41 -32.82
N VAL A 276 14.85 -3.46 -32.71
CA VAL A 276 13.44 -3.71 -33.03
C VAL A 276 13.14 -3.35 -34.46
N THR A 277 12.81 -4.35 -35.26
CA THR A 277 12.39 -4.15 -36.64
C THR A 277 10.88 -4.48 -36.81
N GLY A 278 10.38 -4.31 -38.04
CA GLY A 278 9.01 -4.71 -38.39
C GLY A 278 8.16 -3.49 -38.51
N GLU A 279 6.85 -3.69 -38.66
CA GLU A 279 5.88 -2.60 -38.78
C GLU A 279 4.58 -3.01 -38.12
N GLN A 280 3.57 -2.16 -38.20
CA GLN A 280 2.20 -2.59 -37.90
C GLN A 280 1.54 -3.17 -39.15
N THR A 281 0.86 -4.30 -38.98
CA THR A 281 0.12 -4.95 -40.08
C THR A 281 -1.27 -4.34 -40.15
N PHE A 282 -2.02 -4.68 -41.20
CA PHE A 282 -3.44 -4.30 -41.25
C PHE A 282 -4.35 -5.55 -41.14
N TYR A 283 -3.85 -6.56 -40.44
CA TYR A 283 -4.59 -7.80 -40.22
C TYR A 283 -5.08 -7.91 -38.78
N GLY A 284 -6.21 -8.58 -38.60
CA GLY A 284 -6.82 -8.80 -37.28
C GLY A 284 -6.03 -9.80 -36.45
N HIS A 285 -6.21 -9.72 -35.14
CA HIS A 285 -5.35 -10.43 -34.16
C HIS A 285 -5.35 -11.96 -34.34
N GLU A 286 -6.45 -12.49 -34.90
CA GLU A 286 -6.58 -13.94 -35.14
C GLU A 286 -6.26 -14.35 -36.58
N ALA A 287 -5.93 -13.39 -37.43
CA ALA A 287 -5.71 -13.67 -38.85
C ALA A 287 -4.28 -14.14 -39.11
N SER A 288 -3.97 -15.35 -38.68
CA SER A 288 -2.63 -15.90 -38.83
C SER A 288 -2.25 -16.06 -40.29
N ASN A 289 -3.06 -16.81 -41.02
CA ASN A 289 -2.75 -17.20 -42.41
C ASN A 289 -2.50 -15.98 -43.30
N ARG A 290 -3.30 -14.94 -43.11
CA ARG A 290 -3.18 -13.71 -43.88
C ARG A 290 -1.90 -12.94 -43.55
N LEU A 291 -1.54 -12.92 -42.26
CA LEU A 291 -0.33 -12.24 -41.77
C LEU A 291 0.93 -12.98 -42.21
N MET A 292 0.99 -14.26 -41.88
CA MET A 292 2.10 -15.11 -42.31
C MET A 292 2.17 -15.18 -43.83
N GLY A 293 1.02 -15.08 -44.48
CA GLY A 293 0.96 -14.98 -45.94
C GLY A 293 1.85 -13.87 -46.48
N GLN A 294 1.73 -12.69 -45.88
CA GLN A 294 2.55 -11.55 -46.27
C GLN A 294 3.97 -11.64 -45.70
N TYR A 295 4.08 -11.80 -44.39
CA TYR A 295 5.36 -11.53 -43.68
C TYR A 295 6.36 -12.70 -43.54
N ALA A 296 6.02 -13.88 -44.06
CA ALA A 296 6.89 -15.07 -43.91
C ALA A 296 8.31 -14.79 -44.40
N ASP A 297 8.41 -14.16 -45.57
CA ASP A 297 9.71 -13.82 -46.15
C ASP A 297 10.50 -12.90 -45.22
N GLN A 298 9.88 -11.77 -44.86
CA GLN A 298 10.47 -10.81 -43.92
C GLN A 298 10.84 -11.44 -42.57
N ILE A 299 10.06 -12.44 -42.13
CA ILE A 299 10.35 -13.14 -40.86
C ILE A 299 11.60 -13.98 -40.97
N VAL A 300 11.68 -14.82 -42.02
CA VAL A 300 12.80 -15.78 -42.17
C VAL A 300 14.09 -15.05 -42.63
N SER A 301 13.92 -13.89 -43.26
CA SER A 301 15.04 -12.98 -43.54
C SER A 301 15.35 -12.08 -42.34
N GLY A 302 14.88 -12.45 -41.15
CA GLY A 302 14.89 -11.55 -40.00
C GLY A 302 15.69 -12.07 -38.82
N LEU A 303 16.47 -13.10 -39.05
CA LEU A 303 17.17 -13.83 -37.98
C LEU A 303 18.70 -13.85 -38.15
N PHE A 304 19.20 -13.26 -39.25
CA PHE A 304 20.66 -13.18 -39.52
C PHE A 304 20.99 -11.76 -40.01
N ASN A 305 22.29 -11.55 -40.28
CA ASN A 305 22.93 -10.23 -40.26
C ASN A 305 23.38 -9.64 -41.61
N ALA A 306 22.95 -10.23 -42.74
CA ALA A 306 23.06 -9.51 -44.05
C ALA A 306 22.03 -9.91 -45.14
N GLU A 307 20.73 -9.64 -44.97
CA GLU A 307 20.12 -8.84 -43.85
C GLU A 307 20.57 -7.36 -43.71
N GLN A 308 21.13 -7.03 -42.54
CA GLN A 308 21.37 -5.64 -42.11
C GLN A 308 22.23 -4.88 -43.11
N ALA A 309 23.11 -5.61 -43.80
CA ALA A 309 23.86 -5.07 -44.92
C ALA A 309 22.94 -4.74 -46.12
N ALA A 310 21.99 -5.64 -46.39
CA ALA A 310 21.03 -5.46 -47.50
C ALA A 310 20.01 -4.34 -47.28
N VAL A 311 19.76 -3.98 -46.01
CA VAL A 311 18.92 -2.81 -45.69
C VAL A 311 19.75 -1.57 -45.35
N GLU A 312 21.05 -1.77 -45.15
CA GLU A 312 22.02 -0.67 -45.06
C GLU A 312 22.22 -0.03 -46.42
N ALA A 313 22.31 -0.87 -47.45
CA ALA A 313 22.44 -0.42 -48.84
C ALA A 313 21.27 0.46 -49.24
N GLY A 314 20.06 -0.09 -49.11
CA GLY A 314 18.83 0.66 -49.33
C GLY A 314 18.64 1.81 -48.36
N GLU A 315 19.30 1.71 -47.21
CA GLU A 315 19.39 2.83 -46.25
C GLU A 315 20.18 4.02 -46.79
N VAL A 316 21.46 3.80 -47.09
CA VAL A 316 22.32 4.84 -47.70
C VAL A 316 21.72 5.30 -49.04
N LEU A 317 20.84 4.48 -49.60
CA LEU A 317 20.07 4.90 -50.76
C LEU A 317 19.39 6.24 -50.51
N LYS A 318 18.54 6.30 -49.49
CA LYS A 318 17.79 7.51 -49.20
C LYS A 318 18.69 8.64 -48.66
N GLY A 319 19.86 8.26 -48.14
CA GLY A 319 20.92 9.20 -47.77
C GLY A 319 21.57 9.91 -48.96
N LEU A 320 21.70 9.18 -50.07
CA LEU A 320 22.03 9.77 -51.35
C LEU A 320 20.91 10.75 -51.77
N GLU A 321 19.65 10.29 -51.64
CA GLU A 321 18.48 11.08 -52.05
C GLU A 321 18.16 12.29 -51.14
N LYS A 322 18.77 12.33 -49.95
CA LYS A 322 18.68 13.50 -49.05
C LYS A 322 19.71 14.52 -49.46
N ASP A 323 20.86 14.03 -49.89
CA ASP A 323 21.87 14.87 -50.52
C ASP A 323 21.34 15.43 -51.87
N PHE A 324 20.53 14.62 -52.58
CA PHE A 324 19.70 15.09 -53.73
C PHE A 324 18.91 16.39 -53.57
N LYS A 325 18.08 16.40 -52.50
CA LYS A 325 17.30 17.57 -52.08
C LYS A 325 17.73 18.88 -52.78
N ILE A 344 13.37 30.39 -48.29
CA ILE A 344 12.04 29.84 -48.73
C ILE A 344 11.25 29.33 -47.54
N ARG A 345 12.02 28.69 -46.65
CA ARG A 345 11.55 28.25 -45.32
C ARG A 345 10.75 29.28 -44.51
N THR A 346 11.04 30.55 -44.72
CA THR A 346 10.32 31.63 -44.04
C THR A 346 9.12 32.15 -44.86
N THR A 347 9.21 32.12 -46.19
CA THR A 347 8.24 32.82 -47.05
C THR A 347 6.81 32.23 -46.98
N LYS A 348 5.84 33.14 -46.90
CA LYS A 348 4.43 32.82 -46.60
C LYS A 348 3.76 31.81 -47.53
N ASP A 349 4.21 31.75 -48.78
CA ASP A 349 3.67 30.80 -49.78
C ASP A 349 4.05 29.35 -49.46
N PHE A 350 5.29 29.14 -49.06
CA PHE A 350 5.79 27.81 -48.69
C PHE A 350 5.06 27.23 -47.48
N LEU A 351 4.80 28.07 -46.49
CA LEU A 351 4.10 27.64 -45.25
C LEU A 351 2.60 27.36 -45.48
N ASN A 352 2.02 27.98 -46.51
CA ASN A 352 0.63 27.66 -46.94
C ASN A 352 0.52 26.23 -47.47
N GLY A 353 1.62 25.71 -48.04
CA GLY A 353 1.65 24.37 -48.62
C GLY A 353 2.26 23.26 -47.78
N TYR A 354 2.91 23.63 -46.68
CA TYR A 354 3.53 22.65 -45.77
C TYR A 354 2.49 22.02 -44.82
N LYS A 355 1.73 21.06 -45.34
CA LYS A 355 0.73 20.34 -44.53
C LYS A 355 0.24 19.06 -45.20
N ASN A 356 -0.47 18.25 -44.41
CA ASN A 356 -0.94 16.94 -44.86
C ASN A 356 -2.10 17.03 -45.86
N ASP A 357 -2.09 16.10 -46.83
CA ASP A 357 -3.15 15.97 -47.86
C ASP A 357 -3.43 17.24 -48.69
N HIS A 358 -2.44 18.14 -48.75
CA HIS A 358 -2.57 19.37 -49.55
C HIS A 358 -1.89 19.22 -50.92
N ALA A 359 -0.83 18.40 -50.98
CA ALA A 359 -0.18 18.04 -52.24
C ALA A 359 -1.06 17.17 -53.14
N LYS A 360 -1.91 16.34 -52.51
CA LYS A 360 -2.75 15.39 -53.25
C LYS A 360 -3.89 16.08 -54.04
N GLU A 361 -4.17 17.34 -53.72
CA GLU A 361 -5.15 18.15 -54.44
C GLU A 361 -4.55 18.92 -55.61
N ILE A 362 -3.49 19.67 -55.35
CA ILE A 362 -2.97 20.68 -56.31
C ILE A 362 -1.64 20.33 -57.03
N VAL A 363 -1.02 19.20 -56.68
CA VAL A 363 0.23 18.77 -57.33
C VAL A 363 0.01 17.46 -58.08
N ASP A 364 0.11 17.52 -59.41
CA ASP A 364 -0.14 16.35 -60.26
C ASP A 364 1.13 15.54 -60.50
N GLY A 365 0.95 14.26 -60.81
CA GLY A 365 2.05 13.30 -60.99
C GLY A 365 2.37 12.45 -59.77
N PHE A 366 1.87 12.88 -58.60
CA PHE A 366 2.27 12.31 -57.29
C PHE A 366 1.17 11.44 -56.69
N ARG A 367 1.50 10.17 -56.45
CA ARG A 367 0.62 9.27 -55.71
C ARG A 367 1.06 9.21 -54.24
N SER A 368 0.11 8.92 -53.36
CA SER A 368 0.39 8.86 -51.91
C SER A 368 1.11 7.58 -51.45
N ASP A 369 1.19 6.58 -52.33
CA ASP A 369 1.89 5.32 -52.00
C ASP A 369 3.36 5.26 -52.50
N MET A 370 3.81 6.30 -53.19
CA MET A 370 5.18 6.37 -53.73
C MET A 370 6.23 6.44 -52.61
N SER A 371 7.45 6.00 -52.94
CA SER A 371 8.60 6.08 -52.02
C SER A 371 9.18 7.50 -52.00
N ILE A 372 10.18 7.71 -51.16
CA ILE A 372 10.95 8.96 -51.19
C ILE A 372 11.70 9.08 -52.51
N LYS A 373 12.25 7.96 -52.99
CA LYS A 373 12.96 7.93 -54.28
C LYS A 373 12.08 8.46 -55.42
N GLN A 374 10.81 8.03 -55.44
CA GLN A 374 9.83 8.46 -56.45
C GLN A 374 9.22 9.85 -56.17
N LEU A 375 9.12 10.25 -54.90
CA LEU A 375 8.65 11.62 -54.52
C LEU A 375 9.68 12.72 -54.79
N VAL A 376 10.96 12.42 -54.53
CA VAL A 376 12.04 13.39 -54.77
C VAL A 376 12.31 13.52 -56.28
N ASP A 377 12.10 12.43 -57.01
CA ASP A 377 12.09 12.47 -58.47
C ASP A 377 10.88 13.25 -59.04
N LEU A 378 9.74 13.15 -58.37
CA LEU A 378 8.57 13.99 -58.71
C LEU A 378 8.85 15.49 -58.53
N PHE A 379 9.73 15.82 -57.59
CA PHE A 379 10.20 17.20 -57.43
C PHE A 379 10.95 17.68 -58.68
N VAL A 380 11.89 16.86 -59.16
CA VAL A 380 12.80 17.27 -60.26
C VAL A 380 12.31 16.89 -61.69
N LYS A 381 11.01 16.67 -61.88
CA LYS A 381 10.43 16.50 -63.24
C LYS A 381 9.92 17.84 -63.81
N GLY A 382 8.76 18.28 -63.33
CA GLY A 382 8.30 19.66 -63.51
C GLY A 382 8.50 20.38 -62.20
N SER A 383 9.31 21.45 -62.21
CA SER A 383 9.68 22.17 -60.98
C SER A 383 8.75 23.36 -60.74
N TRP A 384 8.33 23.51 -59.48
CA TRP A 384 7.01 24.07 -59.14
C TRP A 384 7.03 25.46 -58.50
N SER A 385 5.81 26.00 -58.31
CA SER A 385 5.59 27.28 -57.62
C SER A 385 5.94 27.23 -56.13
N ALA A 386 5.92 28.39 -55.48
CA ALA A 386 6.29 28.53 -54.05
C ALA A 386 5.39 27.70 -53.11
N GLU A 387 4.08 27.68 -53.39
CA GLU A 387 3.12 26.91 -52.58
C GLU A 387 3.13 25.39 -52.89
N GLN A 388 3.29 25.04 -54.16
CA GLN A 388 3.36 23.62 -54.57
C GLN A 388 4.67 22.94 -54.13
N LYS A 389 5.75 23.73 -54.02
CA LYS A 389 7.02 23.23 -53.47
C LYS A 389 6.91 22.90 -51.98
N GLY A 390 6.15 23.71 -51.25
CA GLY A 390 5.84 23.45 -49.83
C GLY A 390 4.97 22.22 -49.60
N ALA A 391 4.08 21.93 -50.54
CA ALA A 391 3.20 20.77 -50.45
C ALA A 391 3.96 19.46 -50.59
N LEU A 392 4.90 19.41 -51.53
CA LEU A 392 5.80 18.26 -51.65
C LEU A 392 6.81 18.18 -50.49
N ALA A 393 7.21 19.33 -49.95
CA ALA A 393 8.16 19.38 -48.83
C ALA A 393 7.67 18.58 -47.63
N TRP A 394 6.44 18.87 -47.19
CA TRP A 394 5.80 18.10 -46.11
C TRP A 394 5.72 16.61 -46.45
N GLU A 395 5.28 16.31 -47.68
CA GLU A 395 5.10 14.92 -48.12
C GLU A 395 6.42 14.15 -48.14
N ILE A 396 7.51 14.83 -48.49
CA ILE A 396 8.84 14.22 -48.50
C ILE A 396 9.43 14.13 -47.08
N GLU A 397 9.43 15.26 -46.37
CA GLU A 397 10.01 15.33 -45.02
C GLU A 397 9.25 14.53 -43.94
N SER A 398 7.98 14.21 -44.19
CA SER A 398 7.18 13.34 -43.30
C SER A 398 7.56 11.85 -43.44
N ARG A 399 7.69 11.37 -44.68
CA ARG A 399 8.29 10.04 -44.95
C ARG A 399 9.68 9.97 -44.32
N ALA A 400 10.44 11.04 -44.50
CA ALA A 400 11.83 11.12 -44.06
C ALA A 400 12.02 10.96 -42.53
N LEU A 401 11.03 11.34 -41.75
CA LEU A 401 11.17 11.36 -40.31
C LEU A 401 11.64 10.00 -39.79
N LYS A 402 10.99 8.92 -40.25
CA LYS A 402 11.31 7.57 -39.76
C LYS A 402 12.76 7.18 -40.02
N VAL A 403 13.32 7.65 -41.14
CA VAL A 403 14.71 7.30 -41.52
C VAL A 403 15.79 8.02 -40.66
N THR A 404 15.36 8.97 -39.82
CA THR A 404 16.28 9.68 -38.94
C THR A 404 16.82 8.83 -37.76
N PHE A 405 16.06 7.82 -37.33
CA PHE A 405 16.34 7.13 -36.04
C PHE A 405 17.51 6.10 -35.97
N GLN A 406 17.50 5.11 -36.84
CA GLN A 406 18.72 4.34 -37.18
C GLN A 406 19.44 5.10 -38.33
N ASN A 407 20.73 4.86 -38.57
CA ASN A 407 21.61 3.96 -37.78
C ASN A 407 22.19 4.74 -36.59
N LYS A 408 22.98 4.05 -35.76
CA LYS A 408 23.89 4.78 -34.87
C LYS A 408 25.24 4.08 -34.83
N SER A 409 26.33 4.85 -34.91
CA SER A 409 27.68 4.29 -34.94
C SER A 409 28.02 3.67 -33.58
N GLU A 410 28.58 2.46 -33.62
CA GLU A 410 28.75 1.63 -32.41
C GLU A 410 29.68 2.25 -31.37
N LYS A 411 30.66 3.04 -31.83
CA LYS A 411 31.58 3.77 -30.93
C LYS A 411 30.85 4.49 -29.77
N TYR A 412 29.71 5.14 -30.07
CA TYR A 412 28.94 5.88 -29.07
C TYR A 412 28.29 4.96 -28.06
N ASN A 413 27.80 3.81 -28.54
CA ASN A 413 27.31 2.73 -27.65
C ASN A 413 28.48 2.12 -26.86
N ARG A 414 29.61 1.93 -27.54
CA ARG A 414 30.80 1.35 -26.93
C ARG A 414 31.29 2.23 -25.78
N LEU A 415 31.35 3.53 -26.03
CA LEU A 415 31.77 4.50 -25.02
C LEU A 415 30.84 4.53 -23.81
N PHE A 416 29.54 4.44 -24.05
CA PHE A 416 28.56 4.39 -22.96
C PHE A 416 28.72 3.13 -22.11
N ARG A 417 28.96 2.00 -22.78
CA ARG A 417 29.15 0.72 -22.10
C ARG A 417 30.44 0.68 -21.29
N GLU A 418 31.50 1.29 -21.82
CA GLU A 418 32.79 1.41 -21.13
C GLU A 418 32.70 2.20 -19.82
N ILE A 419 31.87 3.24 -19.81
CA ILE A 419 31.70 4.07 -18.61
C ILE A 419 30.86 3.35 -17.53
N ALA A 420 29.82 2.63 -17.95
CA ALA A 420 29.02 1.84 -17.01
C ALA A 420 29.79 0.63 -16.45
N SER A 421 30.75 0.11 -17.22
CA SER A 421 31.50 -1.10 -16.84
C SER A 421 32.51 -0.85 -15.71
N ALA A 422 33.41 0.11 -15.93
CA ALA A 422 34.46 0.44 -14.97
C ALA A 422 33.86 1.12 -13.73
N GLY A 423 34.47 0.87 -12.58
CA GLY A 423 34.05 1.50 -11.33
C GLY A 423 32.76 0.94 -10.78
N VAL A 424 32.17 1.66 -9.83
CA VAL A 424 30.93 1.25 -9.17
C VAL A 424 29.77 1.45 -10.14
N VAL A 425 29.31 0.35 -10.75
CA VAL A 425 28.40 0.42 -11.90
C VAL A 425 27.16 1.27 -11.58
N ASP A 426 26.79 2.14 -12.50
CA ASP A 426 25.78 3.18 -12.27
C ASP A 426 24.36 2.62 -12.39
N ALA A 427 23.52 3.01 -11.43
CA ALA A 427 22.17 2.48 -11.30
C ALA A 427 21.26 3.05 -12.36
N LYS A 428 21.33 4.36 -12.57
CA LYS A 428 20.47 5.05 -13.54
C LYS A 428 21.22 5.47 -14.83
N ALA A 429 22.20 4.68 -15.24
CA ALA A 429 22.88 4.96 -16.50
C ALA A 429 21.99 4.55 -17.66
N THR A 430 21.38 5.54 -18.32
CA THR A 430 20.51 5.28 -19.46
C THR A 430 21.15 5.73 -20.78
N GLU A 431 20.54 5.28 -21.87
CA GLU A 431 20.95 5.61 -23.23
C GLU A 431 19.70 5.54 -24.09
N GLN A 432 19.39 6.61 -24.79
CA GLN A 432 18.19 6.67 -25.61
C GLN A 432 18.54 6.94 -27.06
N LEU A 433 18.04 6.10 -27.97
CA LEU A 433 18.13 6.40 -29.41
C LEU A 433 17.08 7.48 -29.54
N ALA A 434 17.57 8.73 -29.56
CA ALA A 434 16.81 9.92 -29.91
C ALA A 434 17.13 10.27 -31.35
N PRO A 435 16.14 10.82 -32.09
CA PRO A 435 16.27 10.90 -33.54
C PRO A 435 17.44 11.76 -33.95
N GLN A 436 18.19 11.28 -34.96
CA GLN A 436 19.50 11.85 -35.32
C GLN A 436 19.44 12.81 -36.52
N LEU A 437 18.21 13.14 -36.93
CA LEU A 437 17.91 14.11 -38.00
C LEU A 437 18.96 14.12 -39.11
N MET A 438 19.05 13.01 -39.85
CA MET A 438 19.74 13.05 -41.13
C MET A 438 18.77 14.16 -41.69
N LEU A 439 19.41 15.35 -41.91
CA LEU A 439 18.63 16.56 -42.26
C LEU A 439 19.49 17.53 -43.09
N SER A 451 18.09 17.93 -33.48
CA SER A 451 19.10 18.80 -32.90
C SER A 451 18.65 20.25 -32.63
N ASP A 452 18.71 21.09 -33.66
CA ASP A 452 18.35 22.50 -33.56
C ASP A 452 17.10 22.63 -32.74
N PRO A 453 16.10 21.74 -32.99
CA PRO A 453 14.88 21.88 -32.24
C PRO A 453 14.88 21.00 -31.04
N LEU A 454 15.26 19.74 -31.19
CA LEU A 454 15.27 18.87 -30.06
C LEU A 454 16.10 19.49 -28.95
N SER A 455 17.34 19.83 -29.24
CA SER A 455 18.24 20.40 -28.25
C SER A 455 17.62 21.54 -27.47
N LYS A 456 16.78 22.35 -28.10
CA LYS A 456 16.01 23.35 -27.36
C LYS A 456 15.07 22.69 -26.36
N LEU A 457 14.45 21.57 -26.76
CA LEU A 457 13.37 20.92 -25.98
C LEU A 457 13.83 20.03 -24.86
N VAL A 458 14.81 19.18 -25.12
CA VAL A 458 15.34 18.30 -24.09
C VAL A 458 15.54 19.07 -22.79
N LEU A 459 15.98 20.32 -22.91
CA LEU A 459 16.20 21.18 -21.76
C LEU A 459 14.89 21.61 -21.09
N VAL A 460 13.90 21.99 -21.90
CA VAL A 460 12.56 22.33 -21.39
C VAL A 460 12.03 21.20 -20.51
N ALA A 461 12.14 19.98 -21.01
CA ALA A 461 11.70 18.79 -20.31
C ALA A 461 12.36 18.65 -18.93
N LYS A 462 13.67 18.83 -18.88
CA LYS A 462 14.40 18.59 -17.64
C LYS A 462 14.04 19.60 -16.54
N GLN A 463 13.62 20.81 -16.94
CA GLN A 463 13.00 21.77 -16.01
C GLN A 463 11.73 21.16 -15.42
N LEU A 464 10.83 20.72 -16.30
CA LEU A 464 9.57 20.07 -15.91
C LEU A 464 9.83 18.86 -15.02
N GLU A 465 10.84 18.07 -15.38
CA GLU A 465 11.20 16.86 -14.64
C GLU A 465 11.80 17.20 -13.28
N ASN A 466 12.49 18.33 -13.21
CA ASN A 466 12.97 18.83 -11.94
C ASN A 466 11.83 19.29 -11.04
N ASP A 467 10.75 19.77 -11.66
CA ASP A 467 9.58 20.29 -10.92
C ASP A 467 8.61 19.21 -10.42
N GLY A 468 9.02 17.93 -10.48
CA GLY A 468 8.21 16.83 -9.95
C GLY A 468 7.71 15.86 -11.01
N GLN A 469 7.36 16.37 -12.19
CA GLN A 469 6.97 15.53 -13.35
C GLN A 469 8.14 14.60 -13.70
N VAL A 470 7.87 13.51 -14.41
CA VAL A 470 8.95 12.57 -14.74
C VAL A 470 8.68 11.72 -15.98
N GLY A 471 9.75 11.48 -16.73
CA GLY A 471 9.72 10.68 -17.95
C GLY A 471 9.49 11.46 -19.25
N VAL A 472 9.24 12.77 -19.16
CA VAL A 472 8.75 13.53 -20.34
C VAL A 472 9.79 13.71 -21.46
N ALA A 473 11.07 13.64 -21.11
CA ALA A 473 12.13 13.61 -22.12
C ALA A 473 12.02 12.32 -22.92
N ARG A 474 12.05 11.22 -22.19
CA ARG A 474 11.85 9.86 -22.72
C ARG A 474 10.56 9.75 -23.55
N GLN A 475 9.48 10.33 -23.04
CA GLN A 475 8.17 10.30 -23.72
C GLN A 475 8.19 11.06 -25.03
N LEU A 476 8.80 12.24 -25.03
CA LEU A 476 8.94 13.02 -26.26
C LEU A 476 9.49 12.14 -27.37
N LEU A 477 10.67 11.57 -27.13
CA LEU A 477 11.34 10.68 -28.11
C LEU A 477 10.42 9.57 -28.64
N GLU A 478 9.73 8.88 -27.73
CA GLU A 478 8.79 7.82 -28.09
C GLU A 478 7.68 8.34 -29.00
N LYS A 479 7.12 9.50 -28.63
CA LYS A 479 6.05 10.13 -29.40
C LYS A 479 6.52 10.61 -30.76
N MET A 480 7.76 11.09 -30.84
CA MET A 480 8.38 11.44 -32.12
C MET A 480 8.53 10.19 -33.00
N TYR A 481 8.89 9.06 -32.38
CA TYR A 481 9.04 7.78 -33.10
C TYR A 481 7.70 7.26 -33.54
N SER A 482 6.73 7.35 -32.64
CA SER A 482 5.35 6.99 -32.94
C SER A 482 4.79 7.83 -34.08
N ALA A 483 4.93 9.15 -33.96
CA ALA A 483 4.49 10.11 -35.00
C ALA A 483 5.12 9.83 -36.36
N ALA A 484 6.38 9.42 -36.36
CA ALA A 484 7.08 9.04 -37.57
C ALA A 484 6.40 7.89 -38.26
N ALA A 485 6.20 6.80 -37.50
CA ALA A 485 5.51 5.62 -38.01
C ALA A 485 4.15 5.98 -38.61
N VAL A 486 3.42 6.86 -37.93
CA VAL A 486 2.10 7.32 -38.40
C VAL A 486 2.20 8.07 -39.73
N LEU A 487 3.06 9.07 -39.80
CA LEU A 487 3.22 9.84 -41.04
C LEU A 487 3.84 9.01 -42.18
N SER A 488 4.71 8.07 -41.84
CA SER A 488 5.43 7.26 -42.85
C SER A 488 4.56 6.12 -43.40
N ASN A 489 3.42 5.88 -42.78
CA ASN A 489 2.41 5.02 -43.33
C ASN A 489 1.17 5.76 -42.79
N PRO A 490 0.45 6.46 -43.70
CA PRO A 490 -0.69 7.30 -43.27
C PRO A 490 -2.02 6.56 -43.24
N THR A 491 -2.21 5.63 -44.17
CA THR A 491 -3.48 4.90 -44.32
C THR A 491 -3.88 4.11 -43.07
N LEU A 492 -2.91 3.42 -42.49
CA LEU A 492 -3.14 2.50 -41.34
C LEU A 492 -3.84 3.16 -40.15
N TYR A 493 -3.37 4.36 -39.81
CA TYR A 493 -3.78 5.03 -38.58
C TYR A 493 -4.91 6.01 -38.90
N SER A 494 -5.64 6.41 -37.87
CA SER A 494 -6.86 7.20 -38.06
C SER A 494 -6.61 8.62 -38.62
N ASP A 495 -7.69 9.20 -39.16
CA ASP A 495 -7.79 10.63 -39.48
C ASP A 495 -7.27 11.56 -38.36
N SER A 496 -7.59 11.22 -37.11
CA SER A 496 -7.22 12.05 -35.98
C SER A 496 -5.74 11.89 -35.67
N GLU A 497 -5.24 10.66 -35.78
CA GLU A 497 -3.85 10.34 -35.47
C GLU A 497 -2.89 10.88 -36.55
N ASN A 498 -3.30 10.79 -37.82
CA ASN A 498 -2.56 11.45 -38.92
C ASN A 498 -2.46 12.97 -38.70
N ALA A 499 -3.54 13.55 -38.20
CA ALA A 499 -3.62 14.99 -37.91
C ALA A 499 -2.71 15.39 -36.75
N ASN A 500 -2.73 14.60 -35.68
CA ASN A 500 -1.92 14.88 -34.50
C ASN A 500 -0.41 14.80 -34.77
N ALA A 501 0.01 13.81 -35.56
CA ALA A 501 1.43 13.63 -35.90
C ALA A 501 1.98 14.80 -36.70
N SER A 502 1.16 15.29 -37.63
CA SER A 502 1.50 16.46 -38.44
C SER A 502 1.49 17.80 -37.67
N LYS A 503 1.11 17.76 -36.39
CA LYS A 503 1.20 18.92 -35.51
C LYS A 503 2.52 18.88 -34.74
N LEU A 504 2.88 17.71 -34.25
CA LEU A 504 4.21 17.49 -33.66
C LEU A 504 5.31 17.72 -34.69
N LEU A 505 5.07 17.28 -35.93
CA LEU A 505 6.00 17.52 -37.03
C LEU A 505 6.07 19.00 -37.37
N SER A 506 4.92 19.66 -37.36
CA SER A 506 4.83 21.09 -37.62
C SER A 506 5.57 21.91 -36.57
N SER A 507 5.36 21.56 -35.30
CA SER A 507 6.00 22.26 -34.19
C SER A 507 7.51 22.15 -34.27
N LEU A 508 8.01 20.98 -34.65
CA LEU A 508 9.45 20.79 -34.84
C LEU A 508 9.96 21.67 -35.96
N ALA A 509 9.22 21.73 -37.06
CA ALA A 509 9.56 22.60 -38.19
C ALA A 509 9.58 24.09 -37.77
N ALA A 510 8.58 24.49 -37.00
CA ALA A 510 8.44 25.89 -36.57
C ALA A 510 9.59 26.35 -35.64
N ILE A 511 10.11 25.42 -34.84
CA ILE A 511 11.32 25.69 -34.05
C ILE A 511 12.55 25.77 -34.96
N HIS A 512 12.55 24.98 -36.02
CA HIS A 512 13.66 24.98 -36.97
C HIS A 512 13.83 26.36 -37.61
N ALA A 513 12.74 26.89 -38.17
CA ALA A 513 12.78 28.17 -38.85
C ALA A 513 12.99 29.33 -37.86
N LYS A 514 12.13 29.44 -36.85
CA LYS A 514 12.23 30.54 -35.84
C LYS A 514 12.86 30.10 -34.51
N ASN A 515 14.16 30.34 -34.40
CA ASN A 515 14.93 30.02 -33.19
C ASN A 515 14.57 30.97 -32.03
N PRO A 516 14.55 30.45 -30.79
CA PRO A 516 14.43 31.30 -29.58
C PRO A 516 15.60 32.27 -29.29
N MET A 517 16.82 31.89 -29.65
CA MET A 517 17.96 32.82 -29.52
C MET A 517 17.85 33.98 -30.52
N HIS A 518 17.39 33.67 -31.74
CA HIS A 518 17.03 34.71 -32.71
C HIS A 518 15.56 35.12 -32.44
N ASP A 519 15.36 35.79 -31.29
CA ASP A 519 14.04 36.34 -30.87
C ASP A 519 14.21 37.49 -29.85
N THR A 520 13.34 38.50 -29.96
CA THR A 520 13.46 39.76 -29.16
C THR A 520 12.27 40.04 -28.21
N SER A 521 11.15 39.31 -28.39
CA SER A 521 9.94 39.55 -27.61
C SER A 521 10.10 39.13 -26.15
N MET A 522 10.87 38.05 -25.95
CA MET A 522 11.33 37.65 -24.62
C MET A 522 12.78 37.20 -24.69
N LYS A 523 13.36 36.95 -23.52
CA LYS A 523 14.72 36.43 -23.42
C LYS A 523 14.73 35.10 -22.69
N VAL A 524 15.02 34.03 -23.42
CA VAL A 524 14.97 32.65 -22.91
C VAL A 524 16.26 32.21 -22.16
N TRP A 525 17.29 33.05 -22.19
CA TRP A 525 18.60 32.72 -21.59
C TRP A 525 18.90 33.58 -20.36
N GLN A 526 19.77 33.07 -19.48
CA GLN A 526 20.29 33.83 -18.33
C GLN A 526 21.58 34.56 -18.73
N GLU A 527 22.57 33.78 -19.19
CA GLU A 527 23.84 34.34 -19.65
C GLU A 527 24.42 33.50 -20.79
N LYS A 528 25.32 34.12 -21.56
CA LYS A 528 25.97 33.47 -22.72
C LYS A 528 27.48 33.46 -22.52
N LEU A 529 28.01 32.32 -22.09
CA LEU A 529 29.46 32.19 -21.86
C LEU A 529 30.22 31.94 -23.17
N GLU A 530 30.72 33.03 -23.75
CA GLU A 530 31.45 33.02 -25.04
C GLU A 530 32.68 33.94 -24.98
N GLY A 531 33.47 33.92 -26.06
CA GLY A 531 34.65 34.78 -26.19
C GLY A 531 35.79 34.26 -25.35
N LYS A 532 36.39 35.12 -24.52
CA LYS A 532 37.37 34.68 -23.51
C LYS A 532 36.72 34.44 -22.14
N GLN A 533 35.39 34.57 -22.07
CA GLN A 533 34.59 33.99 -20.99
C GLN A 533 33.84 32.72 -21.46
N ALA A 534 34.51 31.93 -22.32
CA ALA A 534 33.95 30.71 -22.92
C ALA A 534 34.48 29.49 -22.17
N LEU A 535 33.62 28.48 -21.99
CA LEU A 535 33.94 27.36 -21.09
C LEU A 535 34.69 26.24 -21.81
N THR A 536 35.64 25.64 -21.10
CA THR A 536 36.35 24.44 -21.58
C THR A 536 35.48 23.20 -21.36
N VAL A 537 35.96 22.06 -21.86
CA VAL A 537 35.25 20.76 -21.73
C VAL A 537 35.01 20.39 -20.26
N ASN A 538 36.04 20.54 -19.44
CA ASN A 538 35.91 20.35 -17.99
C ASN A 538 35.12 21.49 -17.33
N GLY A 539 35.17 22.67 -17.93
CA GLY A 539 34.34 23.81 -17.51
C GLY A 539 32.86 23.56 -17.61
N VAL A 540 32.46 22.75 -18.58
CA VAL A 540 31.08 22.31 -18.71
C VAL A 540 30.73 21.25 -17.66
N VAL A 541 31.69 20.38 -17.37
CA VAL A 541 31.52 19.39 -16.32
C VAL A 541 31.34 20.06 -14.96
N GLU A 542 32.06 21.16 -14.72
CA GLU A 542 32.03 21.85 -13.40
C GLU A 542 30.66 22.51 -13.13
N LYS A 543 30.16 23.28 -14.09
CA LYS A 543 28.83 23.92 -13.96
C LYS A 543 27.71 22.90 -13.80
N ILE A 544 27.84 21.78 -14.50
CA ILE A 544 26.84 20.70 -14.45
C ILE A 544 26.91 19.97 -13.10
N THR A 545 28.13 19.62 -12.71
CA THR A 545 28.35 18.81 -11.53
C THR A 545 28.28 19.59 -10.20
N ASP A 546 28.66 20.88 -10.21
CA ASP A 546 28.78 21.64 -8.95
C ASP A 546 27.50 21.58 -8.16
N ALA A 547 27.61 21.12 -6.91
CA ALA A 547 26.47 20.90 -6.05
C ALA A 547 26.29 22.01 -5.01
N SER A 548 26.74 23.22 -5.34
CA SER A 548 26.44 24.40 -4.49
C SER A 548 24.99 24.85 -4.72
N ALA A 549 24.35 24.19 -5.68
CA ALA A 549 22.92 24.22 -5.89
C ALA A 549 22.67 22.77 -5.88
N ASN A 550 21.67 22.30 -5.17
CA ASN A 550 21.42 20.88 -5.19
C ASN A 550 19.96 20.58 -5.34
N GLY A 551 19.20 21.62 -5.62
CA GLY A 551 17.79 21.46 -5.78
C GLY A 551 17.29 22.16 -6.99
N LYS A 552 18.18 22.59 -7.86
CA LYS A 552 17.75 23.32 -9.01
C LYS A 552 18.35 22.72 -10.24
N PRO A 553 17.74 23.00 -11.38
CA PRO A 553 18.24 22.49 -12.65
C PRO A 553 19.36 23.30 -13.22
N VAL A 554 20.24 22.62 -13.93
CA VAL A 554 21.28 23.26 -14.68
C VAL A 554 21.03 22.90 -16.12
N LEU A 555 20.67 23.90 -16.94
CA LEU A 555 20.21 23.64 -18.31
C LEU A 555 21.09 24.34 -19.35
N LEU A 556 22.14 23.66 -19.78
CA LEU A 556 23.13 24.22 -20.70
C LEU A 556 22.84 23.86 -22.14
N GLU A 557 23.30 24.70 -23.06
CA GLU A 557 23.31 24.36 -24.49
C GLU A 557 24.68 24.59 -25.12
N LEU A 558 25.29 23.52 -25.58
CA LEU A 558 26.68 23.52 -26.05
C LEU A 558 26.73 23.67 -27.56
N ASP A 559 27.25 24.81 -28.01
CA ASP A 559 27.14 25.25 -29.39
C ASP A 559 28.49 25.06 -30.08
N ALA A 560 28.64 23.98 -30.83
CA ALA A 560 29.75 23.86 -31.79
C ALA A 560 29.32 24.54 -33.10
N PRO A 561 30.28 24.88 -33.99
CA PRO A 561 29.95 25.71 -35.17
C PRO A 561 29.09 25.03 -36.21
N GLY A 562 29.20 23.71 -36.32
CA GLY A 562 28.27 22.91 -37.14
C GLY A 562 27.04 22.46 -36.36
N HIS A 563 27.24 21.48 -35.48
CA HIS A 563 26.17 20.91 -34.69
C HIS A 563 25.96 21.68 -33.39
N ALA A 564 24.75 21.60 -32.87
CA ALA A 564 24.38 22.30 -31.63
C ALA A 564 23.83 21.29 -30.61
N MET A 565 24.56 21.11 -29.51
CA MET A 565 24.34 20.04 -28.55
C MET A 565 23.80 20.60 -27.24
N ALA A 566 23.50 19.73 -26.29
CA ALA A 566 23.03 20.14 -24.96
C ALA A 566 23.46 19.20 -23.83
N ALA A 567 23.33 19.69 -22.60
CA ALA A 567 23.69 18.95 -21.40
C ALA A 567 23.02 19.56 -20.18
N TRP A 568 22.74 18.73 -19.18
CA TRP A 568 21.87 19.13 -18.06
C TRP A 568 22.19 18.47 -16.73
N ALA A 569 21.55 19.02 -15.70
CA ALA A 569 21.46 18.37 -14.39
C ALA A 569 20.09 18.67 -13.80
N LYS A 570 19.46 17.64 -13.23
CA LYS A 570 18.18 17.77 -12.52
C LYS A 570 18.22 16.85 -11.29
N GLY A 571 17.21 16.97 -10.44
CA GLY A 571 16.99 16.01 -9.35
C GLY A 571 17.36 16.51 -7.96
N SER A 572 17.28 15.60 -6.99
CA SER A 572 17.40 15.94 -5.58
C SER A 572 18.19 14.79 -4.93
N GLY A 573 19.45 15.07 -4.61
CA GLY A 573 20.25 14.24 -3.72
C GLY A 573 20.77 12.96 -4.37
N ASP A 574 20.02 11.88 -4.18
CA ASP A 574 20.36 10.57 -4.78
C ASP A 574 19.87 10.55 -6.22
N ASP A 575 18.66 11.07 -6.40
CA ASP A 575 18.00 11.16 -7.71
C ASP A 575 18.68 12.15 -8.68
N ARG A 576 19.56 13.01 -8.18
CA ARG A 576 20.24 13.97 -9.02
C ARG A 576 21.08 13.26 -10.09
N VAL A 577 20.71 13.50 -11.35
CA VAL A 577 21.39 12.91 -12.53
C VAL A 577 21.89 14.00 -13.48
N TYR A 578 22.98 13.70 -14.18
CA TYR A 578 23.61 14.63 -15.11
C TYR A 578 23.58 13.99 -16.49
N GLY A 579 23.27 14.77 -17.52
CA GLY A 579 23.00 14.24 -18.86
C GLY A 579 23.53 15.08 -19.99
N PHE A 580 23.42 14.54 -21.20
CA PHE A 580 24.02 15.12 -22.39
C PHE A 580 23.31 14.59 -23.63
N TYR A 581 22.95 15.50 -24.53
CA TYR A 581 22.34 15.15 -25.82
C TYR A 581 23.26 15.55 -26.93
N ASP A 582 23.69 14.58 -27.74
CA ASP A 582 24.31 14.87 -29.03
C ASP A 582 23.34 14.46 -30.12
N PRO A 583 23.24 15.27 -31.21
CA PRO A 583 22.27 14.94 -32.25
C PRO A 583 22.52 13.62 -32.96
N ASN A 584 23.75 13.38 -33.38
CA ASN A 584 24.06 12.12 -34.06
C ASN A 584 24.84 11.11 -33.21
N ALA A 585 24.51 11.11 -31.90
CA ALA A 585 25.02 10.08 -30.97
C ALA A 585 24.08 9.76 -29.80
N GLY A 586 22.79 10.05 -29.97
CA GLY A 586 21.79 9.78 -28.94
C GLY A 586 21.94 10.65 -27.69
N ILE A 587 21.38 10.15 -26.60
CA ILE A 587 21.33 10.85 -25.31
C ILE A 587 21.97 9.92 -24.27
N VAL A 588 22.56 10.49 -23.23
CA VAL A 588 22.99 9.70 -22.06
C VAL A 588 22.75 10.47 -20.77
N GLU A 589 22.41 9.74 -19.72
CA GLU A 589 22.33 10.30 -18.39
C GLU A 589 23.18 9.42 -17.48
N PHE A 590 23.74 10.00 -16.43
CA PHE A 590 24.38 9.25 -15.36
C PHE A 590 24.02 9.92 -14.04
N SER A 591 23.89 9.13 -12.98
CA SER A 591 23.73 9.68 -11.61
C SER A 591 25.08 9.85 -10.87
N SER A 592 26.13 9.27 -11.44
CA SER A 592 27.52 9.49 -11.00
C SER A 592 28.20 10.61 -11.79
N ALA A 593 28.47 11.73 -11.11
CA ALA A 593 29.12 12.89 -11.74
C ALA A 593 30.51 12.57 -12.31
N GLU A 594 31.22 11.61 -11.71
CA GLU A 594 32.54 11.21 -12.23
C GLU A 594 32.40 10.48 -13.56
N LYS A 595 31.42 9.60 -13.64
CA LYS A 595 31.12 8.85 -14.88
C LYS A 595 30.68 9.77 -16.04
N PHE A 596 30.00 10.86 -15.68
CA PHE A 596 29.63 11.90 -16.64
C PHE A 596 30.87 12.57 -17.22
N GLY A 597 31.80 12.92 -16.33
CA GLY A 597 33.08 13.48 -16.74
C GLY A 597 33.88 12.54 -17.62
N ASP A 598 33.90 11.26 -17.24
CA ASP A 598 34.61 10.24 -18.02
C ASP A 598 34.08 10.19 -19.45
N TYR A 599 32.76 10.05 -19.60
CA TYR A 599 32.11 10.00 -20.92
C TYR A 599 32.38 11.30 -21.69
N LEU A 600 31.99 12.42 -21.11
CA LEU A 600 31.98 13.70 -21.82
C LEU A 600 33.36 14.11 -22.34
N THR A 601 34.40 13.84 -21.54
CA THR A 601 35.80 14.15 -21.94
C THR A 601 36.29 13.15 -22.98
N ARG A 602 35.94 11.89 -22.80
CA ARG A 602 36.31 10.86 -23.78
C ARG A 602 35.59 11.07 -25.10
N PHE A 603 34.36 11.59 -25.02
CA PHE A 603 33.59 11.94 -26.21
C PHE A 603 34.33 12.98 -27.05
N PHE A 604 34.70 14.09 -26.42
CA PHE A 604 35.32 15.22 -27.12
C PHE A 604 36.84 15.07 -27.30
N GLY A 605 37.53 14.73 -26.21
CA GLY A 605 39.01 14.76 -26.17
C GLY A 605 39.71 13.58 -26.83
N LYS A 606 41.03 13.71 -27.01
CA LYS A 606 41.85 12.71 -27.74
C LYS A 606 41.96 11.36 -27.02
N SER A 607 41.75 11.37 -25.70
CA SER A 607 41.83 10.17 -24.85
C SER A 607 41.20 8.90 -25.44
N ASP A 608 40.03 9.06 -26.06
CA ASP A 608 39.30 7.91 -26.65
C ASP A 608 38.76 8.20 -28.06
N LEU A 609 37.70 9.00 -28.13
CA LEU A 609 36.95 9.14 -29.35
C LEU A 609 37.48 10.32 -30.19
N ASN A 610 37.79 11.44 -29.53
CA ASN A 610 38.31 12.67 -30.18
C ASN A 610 37.27 13.33 -31.12
N MET A 611 36.03 13.45 -30.65
CA MET A 611 34.93 14.02 -31.44
C MET A 611 34.91 15.55 -31.39
N ALA A 612 35.87 16.15 -30.68
CA ALA A 612 36.05 17.61 -30.70
C ALA A 612 36.67 18.06 -32.03
N GLN A 613 37.81 17.49 -32.39
CA GLN A 613 38.46 17.80 -33.67
C GLN A 613 37.44 17.68 -34.82
N SER A 614 36.77 16.53 -34.88
CA SER A 614 35.81 16.25 -35.96
C SER A 614 34.57 17.16 -35.96
N TYR A 615 34.15 17.62 -34.77
CA TYR A 615 33.05 18.63 -34.67
C TYR A 615 33.57 20.08 -34.87
N LYS A 616 34.82 20.19 -35.31
CA LYS A 616 35.34 21.38 -36.02
C LYS A 616 35.35 22.66 -35.18
N LEU A 617 35.72 22.53 -33.91
CA LEU A 617 35.69 23.67 -32.97
C LEU A 617 37.10 24.04 -32.51
N GLY A 618 37.30 25.33 -32.27
CA GLY A 618 38.64 25.91 -32.13
C GLY A 618 39.24 25.69 -30.76
N LYS A 619 40.54 25.93 -30.67
CA LYS A 619 41.29 25.68 -29.45
C LYS A 619 41.51 26.98 -28.69
N ASN A 620 41.63 26.86 -27.37
CA ASN A 620 41.84 28.02 -26.49
C ASN A 620 43.33 28.25 -26.29
N ASP A 621 43.65 29.23 -25.42
CA ASP A 621 45.02 29.70 -25.23
C ASP A 621 46.03 28.60 -24.84
N ALA A 622 45.63 27.72 -23.91
CA ALA A 622 46.49 26.59 -23.49
C ALA A 622 46.56 25.42 -24.50
N GLY A 623 45.58 25.33 -25.41
CA GLY A 623 45.57 24.32 -26.51
C GLY A 623 44.51 23.23 -26.39
N GLU A 624 43.44 23.54 -25.66
CA GLU A 624 42.33 22.62 -25.41
C GLU A 624 41.12 23.11 -26.18
N ALA A 625 40.01 22.38 -26.09
CA ALA A 625 38.79 22.74 -26.79
C ALA A 625 37.83 23.51 -25.90
N ILE A 626 37.19 24.50 -26.51
CA ILE A 626 36.20 25.32 -25.85
C ILE A 626 35.09 25.57 -26.87
N PHE A 627 33.86 25.32 -26.47
CA PHE A 627 32.72 25.50 -27.36
C PHE A 627 32.62 26.93 -27.81
N ASN A 628 32.12 27.13 -29.03
CA ASN A 628 31.85 28.48 -29.56
C ASN A 628 31.17 29.32 -28.52
N ARG A 629 30.05 28.79 -28.05
CA ARG A 629 29.21 29.44 -27.08
C ARG A 629 28.65 28.38 -26.16
N VAL A 630 28.28 28.79 -24.95
CA VAL A 630 27.64 27.90 -23.99
C VAL A 630 26.54 28.68 -23.29
N VAL A 631 25.29 28.35 -23.59
CA VAL A 631 24.13 29.08 -23.02
C VAL A 631 23.65 28.42 -21.72
N VAL A 632 23.63 29.19 -20.64
CA VAL A 632 22.96 28.77 -19.41
C VAL A 632 21.55 29.32 -19.54
N MET A 633 20.57 28.42 -19.67
CA MET A 633 19.22 28.83 -20.05
C MET A 633 18.24 28.81 -18.89
N ASP A 634 17.24 29.67 -19.01
CA ASP A 634 16.08 29.68 -18.13
C ASP A 634 15.01 28.70 -18.67
N GLY A 635 14.65 27.72 -17.85
CA GLY A 635 13.70 26.69 -18.26
C GLY A 635 12.30 27.24 -18.39
N ASN A 636 11.87 28.00 -17.39
CA ASN A 636 10.50 28.52 -17.35
C ASN A 636 10.21 29.52 -18.48
N THR A 637 11.17 30.38 -18.79
CA THR A 637 11.03 31.30 -19.92
C THR A 637 10.98 30.51 -21.24
N LEU A 638 11.94 29.61 -21.42
CA LEU A 638 12.05 28.78 -22.63
C LEU A 638 10.81 27.92 -22.82
N ALA A 639 10.28 27.41 -21.72
CA ALA A 639 9.09 26.57 -21.76
C ALA A 639 7.83 27.33 -22.19
N SER A 640 7.82 28.66 -22.00
CA SER A 640 6.68 29.50 -22.35
C SER A 640 6.73 30.02 -23.80
N TYR A 641 7.88 29.89 -24.45
CA TYR A 641 8.07 30.35 -25.82
C TYR A 641 7.13 29.60 -26.75
N LYS A 642 6.59 30.30 -27.74
CA LYS A 642 5.79 29.69 -28.79
C LYS A 642 6.49 29.93 -30.12
N PRO A 643 6.65 28.87 -30.94
CA PRO A 643 7.39 29.06 -32.20
C PRO A 643 6.58 29.73 -33.30
N THR A 644 5.27 29.49 -33.31
CA THR A 644 4.38 30.08 -34.31
C THR A 644 3.64 31.29 -33.72
N PHE A 645 3.67 32.42 -34.44
CA PHE A 645 2.85 33.59 -34.10
C PHE A 645 1.41 33.31 -34.53
N GLY A 646 0.51 33.30 -33.56
CA GLY A 646 -0.90 32.99 -33.82
C GLY A 646 -1.35 31.69 -33.18
N ASP A 647 -0.39 30.79 -32.95
CA ASP A 647 -0.64 29.52 -32.23
C ASP A 647 -0.16 29.67 -30.78
N LYS A 648 -0.96 29.15 -29.85
CA LYS A 648 -0.78 29.37 -28.39
C LYS A 648 -0.13 28.16 -27.65
N THR A 649 0.21 27.11 -28.42
CA THR A 649 0.94 25.97 -27.87
C THR A 649 2.38 26.35 -27.58
N THR A 650 2.77 26.30 -26.31
CA THR A 650 4.11 26.66 -25.89
C THR A 650 5.07 25.47 -26.04
N MET A 651 6.35 25.71 -25.79
CA MET A 651 7.36 24.64 -25.87
C MET A 651 7.01 23.48 -24.94
N GLN A 652 6.43 23.78 -23.79
CA GLN A 652 5.90 22.76 -22.87
C GLN A 652 4.64 22.07 -23.44
N GLY A 653 3.85 22.83 -24.18
CA GLY A 653 2.70 22.28 -24.92
C GLY A 653 3.08 21.36 -26.07
N ILE A 654 4.22 21.66 -26.71
CA ILE A 654 4.76 20.81 -27.79
C ILE A 654 5.15 19.46 -27.21
N LEU A 655 5.82 19.48 -26.06
CA LEU A 655 6.16 18.25 -25.32
C LEU A 655 4.90 17.41 -25.08
N ASP A 656 3.81 18.05 -24.66
CA ASP A 656 2.57 17.33 -24.30
C ASP A 656 1.55 17.22 -25.45
N LEU A 657 2.02 17.23 -26.70
CA LEU A 657 1.13 16.95 -27.84
C LEU A 657 0.88 15.44 -28.01
N PRO A 658 -0.39 15.04 -28.19
CA PRO A 658 -0.70 13.62 -28.35
C PRO A 658 -0.33 13.12 -29.73
N VAL A 659 -0.16 11.80 -29.86
CA VAL A 659 0.08 11.14 -31.17
C VAL A 659 -0.95 10.02 -31.40
N PHE A 660 -1.01 9.08 -30.45
CA PHE A 660 -2.09 8.09 -30.39
C PHE A 660 -3.21 8.59 -29.50
N ASP A 661 -4.41 8.78 -30.07
CA ASP A 661 -5.59 9.16 -29.28
C ASP A 661 -6.19 7.94 -28.59
N ALA A 662 -6.81 8.19 -27.44
CA ALA A 662 -7.00 7.17 -26.40
C ALA A 662 -8.09 7.59 -25.40
N GLU B 9 29.70 -18.61 -12.59
CA GLU B 9 30.92 -17.89 -13.08
C GLU B 9 31.64 -17.17 -11.94
N ASN B 10 32.63 -17.85 -11.33
CA ASN B 10 33.23 -17.39 -10.06
C ASN B 10 34.68 -17.93 -10.00
N VAL B 11 35.69 -17.04 -9.90
CA VAL B 11 37.06 -17.34 -9.33
C VAL B 11 38.07 -16.11 -9.27
N ALA B 12 39.22 -16.36 -8.58
CA ALA B 12 40.58 -15.70 -8.66
C ALA B 12 40.82 -14.20 -8.29
N ILE B 13 40.24 -13.82 -7.14
CA ILE B 13 39.96 -12.41 -6.78
C ILE B 13 41.03 -11.67 -5.93
N GLU B 14 42.20 -12.27 -5.72
CA GLU B 14 43.31 -11.57 -5.04
C GLU B 14 43.61 -10.29 -5.79
N ASN B 15 44.08 -9.29 -5.08
CA ASN B 15 44.31 -7.98 -5.67
C ASN B 15 45.14 -7.15 -4.71
N ASP B 16 45.75 -6.09 -5.24
CA ASP B 16 46.52 -5.18 -4.42
C ASP B 16 46.68 -3.82 -5.10
N GLY B 17 46.43 -2.78 -4.33
CA GLY B 17 46.64 -1.39 -4.74
C GLY B 17 46.60 -0.55 -3.48
N THR B 18 47.16 0.66 -3.53
CA THR B 18 47.33 1.46 -2.29
C THR B 18 46.98 2.98 -2.32
N PRO B 19 45.88 3.39 -3.00
CA PRO B 19 45.24 4.69 -2.73
C PRO B 19 44.66 4.87 -1.31
N PRO B 20 44.04 6.05 -1.02
CA PRO B 20 43.13 6.16 0.11
C PRO B 20 41.75 5.69 -0.30
N ARG B 21 40.81 5.71 0.63
CA ARG B 21 39.57 4.92 0.49
C ARG B 21 38.28 5.73 0.26
N ASP B 22 37.43 5.23 -0.65
CA ASP B 22 36.31 5.99 -1.24
C ASP B 22 35.08 5.99 -0.34
N LYS B 23 34.02 6.69 -0.77
CA LYS B 23 32.73 6.70 -0.05
C LYS B 23 31.44 7.04 -0.85
N GLU B 24 30.31 6.86 -0.16
CA GLU B 24 28.97 7.32 -0.60
C GLU B 24 28.18 7.98 0.54
N SER B 25 27.48 9.08 0.25
CA SER B 25 26.84 9.89 1.32
C SER B 25 25.38 10.34 1.07
N LEU B 26 25.04 10.58 -0.20
CA LEU B 26 23.64 10.82 -0.64
C LEU B 26 23.19 12.10 0.17
N SER B 27 21.97 12.03 0.74
CA SER B 27 21.10 13.16 1.14
C SER B 27 20.52 12.94 2.56
N PRO B 28 20.15 14.03 3.26
CA PRO B 28 20.35 14.19 4.71
C PRO B 28 19.52 13.30 5.65
N LEU B 29 18.36 12.81 5.21
CA LEU B 29 17.62 11.79 5.97
C LEU B 29 18.32 10.46 5.84
N THR B 30 18.48 10.02 4.60
CA THR B 30 19.08 8.72 4.30
C THR B 30 20.52 8.63 4.84
N ARG B 31 21.15 9.77 5.08
CA ARG B 31 22.47 9.82 5.72
C ARG B 31 22.41 9.54 7.23
N PHE B 32 21.53 10.24 7.93
CA PHE B 32 21.32 10.00 9.39
C PHE B 32 20.24 8.91 9.65
N LEU B 33 19.96 8.12 8.61
CA LEU B 33 19.46 6.73 8.74
C LEU B 33 20.51 5.66 8.50
N ASN B 34 21.35 5.85 7.48
CA ASN B 34 22.49 4.98 7.22
C ASN B 34 23.51 5.05 8.36
N ASN B 35 23.65 6.22 8.96
CA ASN B 35 24.45 6.35 10.19
C ASN B 35 23.86 5.49 11.31
N GLU B 36 22.55 5.60 11.53
CA GLU B 36 21.89 4.82 12.58
C GLU B 36 21.92 3.30 12.31
N LEU B 37 21.84 2.90 11.04
CA LEU B 37 21.86 1.45 10.68
C LEU B 37 23.24 0.85 10.79
N TYR B 38 24.24 1.51 10.18
CA TYR B 38 25.56 0.92 9.99
C TYR B 38 26.69 1.55 10.82
N GLY B 39 26.35 2.59 11.60
CA GLY B 39 27.36 3.36 12.33
C GLY B 39 27.82 4.56 11.53
N GLU B 40 28.31 5.59 12.24
CA GLU B 40 28.80 6.79 11.58
C GLU B 40 30.09 6.49 10.80
N LYS B 41 30.35 7.33 9.80
CA LYS B 41 31.41 7.10 8.82
C LYS B 41 32.80 6.92 9.44
N ASP B 42 33.15 7.78 10.39
CA ASP B 42 34.45 7.69 11.10
C ASP B 42 34.56 6.43 11.97
N ALA B 43 33.49 6.11 12.69
CA ALA B 43 33.43 4.93 13.56
C ALA B 43 33.63 3.61 12.79
N ARG B 44 33.08 3.55 11.57
CA ARG B 44 33.24 2.40 10.68
C ARG B 44 34.70 2.13 10.27
N ARG B 45 35.48 3.20 10.20
CA ARG B 45 36.82 3.14 9.65
C ARG B 45 37.90 2.97 10.71
N LYS B 46 37.77 3.70 11.81
CA LYS B 46 38.87 3.85 12.77
C LYS B 46 39.35 2.50 13.32
N ILE B 47 40.59 2.16 12.97
CA ILE B 47 41.31 1.06 13.59
C ILE B 47 42.21 1.63 14.69
N GLY B 48 41.98 1.20 15.92
CA GLY B 48 42.72 1.71 17.08
C GLY B 48 44.20 1.37 17.00
N GLU B 49 45.05 2.23 17.59
CA GLU B 49 46.51 2.12 17.44
C GLU B 49 47.10 0.88 18.14
N ILE B 50 46.46 0.44 19.22
CA ILE B 50 46.91 -0.73 19.97
C ILE B 50 46.76 -1.98 19.09
N THR B 51 45.61 -2.09 18.43
CA THR B 51 45.34 -3.17 17.47
C THR B 51 46.29 -3.10 16.27
N GLN B 52 46.46 -1.91 15.70
CA GLN B 52 47.39 -1.73 14.57
C GLN B 52 48.84 -2.08 14.93
N THR B 53 49.23 -1.81 16.17
CA THR B 53 50.55 -2.23 16.67
C THR B 53 50.65 -3.77 16.72
N LEU B 54 49.61 -4.41 17.25
CA LEU B 54 49.55 -5.88 17.31
C LEU B 54 49.49 -6.52 15.92
N LEU B 55 48.62 -5.99 15.06
CA LEU B 55 48.54 -6.44 13.66
C LEU B 55 49.83 -6.21 12.89
N ASP B 56 50.57 -5.15 13.25
CA ASP B 56 51.85 -4.84 12.59
C ASP B 56 52.96 -5.85 12.92
N HIS B 57 52.67 -6.82 13.79
CA HIS B 57 53.37 -8.11 13.75
C HIS B 57 52.69 -9.00 12.72
N ALA B 58 52.85 -8.62 11.45
CA ALA B 58 52.46 -9.45 10.32
C ALA B 58 53.66 -10.30 9.93
N VAL B 59 53.86 -11.38 10.71
CA VAL B 59 55.05 -12.28 10.59
C VAL B 59 54.67 -13.70 11.10
N SER B 64 50.56 -14.08 3.59
CA SER B 64 49.23 -14.47 4.07
C SER B 64 48.54 -13.40 4.92
N GLN B 65 49.31 -12.70 5.76
CA GLN B 65 48.75 -11.99 6.93
C GLN B 65 47.90 -10.72 6.63
N LYS B 66 48.12 -10.06 5.50
CA LYS B 66 47.28 -8.89 5.10
C LYS B 66 46.67 -9.08 3.73
N VAL B 67 45.42 -8.62 3.58
CA VAL B 67 44.58 -8.99 2.45
C VAL B 67 43.99 -7.76 1.78
N THR B 68 43.74 -7.86 0.48
CA THR B 68 42.87 -6.92 -0.23
C THR B 68 42.24 -7.59 -1.45
N LEU B 69 40.90 -7.59 -1.50
CA LEU B 69 40.16 -8.32 -2.54
C LEU B 69 39.42 -7.35 -3.46
N LYS B 70 39.16 -7.80 -4.69
CA LYS B 70 38.29 -7.04 -5.61
C LYS B 70 36.84 -7.20 -5.21
N GLY B 71 36.29 -6.17 -4.57
CA GLY B 71 34.86 -6.11 -4.29
C GLY B 71 34.08 -5.68 -5.52
N GLU B 72 32.76 -5.69 -5.38
CA GLU B 72 31.87 -5.29 -6.47
C GLU B 72 31.85 -3.76 -6.70
N VAL B 73 31.99 -2.99 -5.61
CA VAL B 73 32.01 -1.52 -5.68
C VAL B 73 33.36 -0.93 -5.22
N GLY B 74 34.40 -1.74 -5.26
CA GLY B 74 35.74 -1.28 -4.93
C GLY B 74 36.58 -2.29 -4.18
N ARG B 75 37.60 -1.79 -3.50
CA ARG B 75 38.50 -2.61 -2.67
C ARG B 75 37.88 -3.02 -1.33
N LEU B 76 38.20 -4.24 -0.90
CA LEU B 76 37.80 -4.76 0.40
C LEU B 76 39.05 -5.20 1.13
N THR B 77 39.56 -4.30 1.96
CA THR B 77 40.79 -4.54 2.71
C THR B 77 40.52 -5.37 3.96
N GLY B 78 41.57 -5.91 4.53
CA GLY B 78 41.47 -6.72 5.72
C GLY B 78 42.67 -7.59 5.95
N TYR B 79 42.52 -8.58 6.82
CA TYR B 79 43.61 -9.42 7.29
C TYR B 79 43.21 -10.90 7.26
N TYR B 80 44.19 -11.77 7.06
CA TYR B 80 44.04 -13.22 7.20
C TYR B 80 45.02 -13.66 8.30
N HIS B 81 44.56 -14.55 9.18
CA HIS B 81 45.32 -14.89 10.41
C HIS B 81 45.61 -16.39 10.50
N GLN B 82 46.89 -16.74 10.69
CA GLN B 82 47.39 -18.13 10.55
C GLN B 82 47.00 -19.02 11.74
N GLY B 83 47.34 -20.31 11.64
CA GLY B 83 47.10 -21.25 12.74
C GLY B 83 48.05 -21.04 13.92
N ALA B 84 48.58 -22.13 14.47
CA ALA B 84 49.39 -22.06 15.69
C ALA B 84 50.33 -23.25 15.90
N ALA B 85 51.21 -23.10 16.88
CA ALA B 85 52.06 -24.18 17.34
C ALA B 85 51.20 -25.30 17.94
N SER B 86 51.25 -26.46 17.30
CA SER B 86 50.35 -27.60 17.58
C SER B 86 51.12 -28.94 17.61
N SER B 87 50.40 -30.02 17.91
CA SER B 87 50.97 -31.40 18.02
C SER B 87 52.29 -31.60 17.25
N SER B 95 42.03 -29.46 12.77
CA SER B 95 43.38 -29.46 12.18
C SER B 95 43.37 -29.35 10.64
N GLY B 96 43.31 -28.11 10.15
CA GLY B 96 43.34 -27.81 8.71
C GLY B 96 42.30 -26.82 8.19
N LYS B 97 41.48 -26.27 9.08
CA LYS B 97 40.24 -25.56 8.67
C LYS B 97 40.26 -24.05 9.03
N VAL B 98 39.32 -23.31 8.41
CA VAL B 98 39.31 -21.80 8.44
C VAL B 98 37.96 -21.24 8.84
N VAL B 99 37.98 -20.07 9.49
CA VAL B 99 36.78 -19.33 9.89
C VAL B 99 36.60 -18.05 9.05
N LEU B 100 35.60 -18.04 8.18
CA LEU B 100 35.18 -16.82 7.48
C LEU B 100 34.38 -15.92 8.43
N PHE B 101 35.03 -14.86 8.91
CA PHE B 101 34.45 -13.95 9.88
C PHE B 101 33.77 -12.79 9.18
N LEU B 102 32.45 -12.69 9.36
CA LEU B 102 31.68 -11.54 8.89
C LEU B 102 31.32 -10.64 10.05
N HIS B 103 31.88 -9.44 10.05
CA HIS B 103 31.76 -8.52 11.18
C HIS B 103 30.39 -7.81 11.21
N GLY B 104 30.03 -7.33 12.39
CA GLY B 104 28.82 -6.54 12.58
C GLY B 104 29.03 -5.07 12.26
N SER B 105 28.01 -4.26 12.56
CA SER B 105 28.06 -2.83 12.29
C SER B 105 28.79 -2.06 13.41
N GLY B 106 28.95 -0.76 13.22
CA GLY B 106 29.42 0.15 14.30
C GLY B 106 30.93 0.36 14.39
N SER B 107 31.71 -0.69 14.16
CA SER B 107 33.17 -0.60 14.21
C SER B 107 33.81 -1.24 12.98
N SER B 108 35.13 -1.11 12.86
CA SER B 108 35.89 -1.76 11.79
C SER B 108 35.97 -3.26 12.01
N ALA B 109 36.28 -4.00 10.95
CA ALA B 109 36.49 -5.46 11.05
C ALA B 109 37.69 -5.79 11.94
N GLU B 110 38.70 -4.92 11.90
CA GLU B 110 39.92 -5.15 12.67
C GLU B 110 39.66 -5.04 14.17
N GLU B 111 38.82 -4.10 14.57
CA GLU B 111 38.46 -3.89 15.98
C GLU B 111 37.54 -4.99 16.52
N GLN B 112 36.55 -5.36 15.74
CA GLN B 112 35.61 -6.42 16.16
C GLN B 112 36.31 -7.78 16.26
N ALA B 113 37.25 -8.03 15.36
CA ALA B 113 37.94 -9.31 15.30
C ALA B 113 39.04 -9.46 16.36
N SER B 114 39.69 -8.36 16.74
CA SER B 114 40.84 -8.39 17.67
C SER B 114 40.61 -9.30 18.89
N GLU B 115 39.40 -9.26 19.45
CA GLU B 115 39.04 -10.05 20.64
C GLU B 115 38.86 -11.56 20.33
N ILE B 116 38.25 -11.83 19.18
CA ILE B 116 37.82 -13.20 18.77
C ILE B 116 38.96 -13.97 18.05
N ARG B 117 39.69 -13.22 17.23
CA ARG B 117 40.87 -13.67 16.50
C ARG B 117 41.99 -14.51 17.15
N ASN B 118 42.04 -14.43 18.48
CA ASN B 118 42.98 -15.24 19.27
C ASN B 118 42.45 -16.64 19.64
N HIS B 119 41.15 -16.74 19.91
CA HIS B 119 40.58 -17.99 20.43
C HIS B 119 40.47 -19.11 19.39
N TYR B 120 40.37 -18.72 18.14
CA TYR B 120 40.50 -19.66 17.02
C TYR B 120 41.98 -19.96 16.76
N GLN B 121 42.82 -18.92 16.80
CA GLN B 121 44.28 -19.04 16.55
C GLN B 121 44.94 -20.11 17.41
N LYS B 122 44.72 -20.04 18.72
CA LYS B 122 45.38 -20.95 19.69
C LYS B 122 45.03 -22.44 19.48
N GLN B 123 43.83 -22.70 18.98
CA GLN B 123 43.42 -24.07 18.61
C GLN B 123 44.03 -24.57 17.29
N GLY B 124 44.63 -23.66 16.52
CA GLY B 124 45.22 -24.00 15.21
C GLY B 124 44.28 -23.79 14.05
N ILE B 125 43.37 -22.83 14.21
CA ILE B 125 42.36 -22.51 13.20
C ILE B 125 42.75 -21.17 12.55
N ASP B 126 42.64 -21.11 11.22
CA ASP B 126 42.84 -19.86 10.49
C ASP B 126 41.56 -19.04 10.54
N MET B 127 41.67 -17.77 10.16
CA MET B 127 40.52 -16.83 10.20
C MET B 127 40.69 -15.69 9.21
N LEU B 128 39.66 -15.45 8.42
CA LEU B 128 39.66 -14.37 7.43
C LEU B 128 38.79 -13.20 7.90
N ALA B 129 39.44 -12.15 8.39
CA ALA B 129 38.74 -10.97 8.93
C ALA B 129 38.77 -9.79 7.95
N VAL B 130 37.84 -9.81 6.99
CA VAL B 130 37.80 -8.79 5.93
C VAL B 130 36.64 -7.82 6.10
N ASN B 131 36.93 -6.53 5.92
CA ASN B 131 35.93 -5.45 6.03
C ASN B 131 34.97 -5.44 4.85
N LEU B 132 33.72 -5.12 5.15
CA LEU B 132 32.67 -4.98 4.16
C LEU B 132 32.72 -3.56 3.65
N ARG B 133 31.97 -3.27 2.60
CA ARG B 133 32.02 -1.93 1.98
C ARG B 133 31.61 -0.82 2.96
N GLY B 134 32.44 0.22 3.02
CA GLY B 134 32.23 1.33 3.94
C GLY B 134 32.90 1.18 5.30
N TYR B 135 33.53 0.03 5.53
CA TYR B 135 34.19 -0.24 6.82
C TYR B 135 35.71 -0.28 6.67
N GLY B 136 36.39 0.02 7.77
CA GLY B 136 37.85 -0.11 7.86
C GLY B 136 38.60 0.67 6.81
N GLU B 137 39.20 -0.05 5.85
CA GLU B 137 39.87 0.58 4.71
C GLU B 137 39.29 0.12 3.37
N SER B 138 38.04 -0.38 3.41
CA SER B 138 37.39 -0.91 2.22
C SER B 138 36.60 0.16 1.52
N ASP B 139 36.71 0.23 0.20
CA ASP B 139 35.98 1.21 -0.58
C ASP B 139 34.48 0.89 -0.54
N GLY B 140 33.68 1.95 -0.60
CA GLY B 140 32.23 1.81 -0.82
C GLY B 140 31.41 2.42 0.30
N GLY B 141 30.09 2.37 0.12
CA GLY B 141 29.12 2.77 1.15
C GLY B 141 28.11 1.66 1.42
N PRO B 142 27.82 1.39 2.72
CA PRO B 142 27.06 0.19 3.10
C PRO B 142 25.68 0.09 2.45
N SER B 143 25.29 -1.14 2.15
CA SER B 143 24.04 -1.42 1.45
C SER B 143 23.72 -2.90 1.59
N GLU B 144 22.45 -3.23 1.79
CA GLU B 144 22.07 -4.62 2.06
C GLU B 144 22.45 -5.54 0.92
N LYS B 145 21.99 -5.21 -0.28
CA LYS B 145 22.27 -6.01 -1.49
C LYS B 145 23.77 -6.13 -1.72
N GLY B 146 24.48 -5.04 -1.42
CA GLY B 146 25.93 -4.98 -1.58
C GLY B 146 26.71 -5.75 -0.54
N LEU B 147 26.29 -5.66 0.73
CA LEU B 147 26.99 -6.36 1.82
C LEU B 147 27.00 -7.87 1.64
N TYR B 148 25.88 -8.40 1.13
CA TYR B 148 25.79 -9.83 0.81
C TYR B 148 26.78 -10.21 -0.29
N GLN B 149 26.90 -9.33 -1.30
CA GLN B 149 27.85 -9.54 -2.41
C GLN B 149 29.30 -9.54 -1.93
N ASP B 150 29.62 -8.64 -1.01
CA ASP B 150 30.97 -8.54 -0.45
C ASP B 150 31.34 -9.75 0.42
N ALA B 151 30.36 -10.27 1.15
CA ALA B 151 30.54 -11.51 1.92
C ALA B 151 30.99 -12.65 1.01
N ARG B 152 30.38 -12.75 -0.16
CA ARG B 152 30.68 -13.80 -1.12
C ARG B 152 32.05 -13.64 -1.76
N THR B 153 32.50 -12.41 -1.92
CA THR B 153 33.86 -12.12 -2.37
C THR B 153 34.90 -12.70 -1.39
N MET B 154 34.62 -12.58 -0.09
CA MET B 154 35.51 -13.14 0.95
C MET B 154 35.51 -14.67 0.91
N PHE B 155 34.33 -15.24 0.63
CA PHE B 155 34.17 -16.68 0.42
C PHE B 155 34.97 -17.13 -0.81
N ASN B 156 34.77 -16.42 -1.91
CA ASN B 156 35.48 -16.74 -3.16
C ASN B 156 36.99 -16.47 -3.08
N TYR B 157 37.45 -15.71 -2.07
CA TYR B 157 38.89 -15.65 -1.74
C TYR B 157 39.39 -16.93 -1.05
N LEU B 158 38.54 -17.53 -0.21
CA LEU B 158 38.94 -18.75 0.52
C LEU B 158 38.95 -20.00 -0.36
N VAL B 159 37.85 -20.28 -1.06
CA VAL B 159 37.78 -21.47 -1.90
C VAL B 159 38.85 -21.38 -2.97
N ASN B 160 38.75 -20.32 -3.76
CA ASN B 160 39.56 -20.18 -4.96
C ASN B 160 41.04 -19.78 -4.84
N ASP B 161 41.29 -18.68 -4.13
CA ASP B 161 42.62 -18.08 -4.12
C ASP B 161 43.56 -18.63 -3.08
N LYS B 162 43.12 -18.63 -1.83
CA LYS B 162 43.89 -19.26 -0.75
C LYS B 162 43.73 -20.78 -0.86
N GLY B 163 42.66 -21.20 -1.54
CA GLY B 163 42.57 -22.57 -2.02
C GLY B 163 42.18 -23.55 -0.96
N ILE B 164 41.40 -23.12 0.01
CA ILE B 164 40.86 -24.07 0.94
C ILE B 164 39.99 -24.88 -0.03
N ASP B 165 40.41 -26.14 -0.13
CA ASP B 165 39.72 -27.17 -0.89
C ASP B 165 38.38 -27.51 -0.25
N PRO B 166 37.49 -28.23 -1.01
CA PRO B 166 36.12 -28.34 -0.61
C PRO B 166 35.59 -27.24 0.29
N SER B 167 34.76 -27.59 1.25
CA SER B 167 34.25 -26.57 2.12
C SER B 167 34.05 -27.14 3.46
N ASN B 168 35.17 -27.15 4.16
CA ASN B 168 35.20 -27.42 5.54
C ASN B 168 35.67 -26.05 6.06
N ILE B 169 34.67 -25.18 6.19
CA ILE B 169 34.86 -23.79 6.57
C ILE B 169 33.62 -23.44 7.37
N ILE B 170 33.76 -22.53 8.31
CA ILE B 170 32.61 -22.01 9.00
C ILE B 170 32.45 -20.52 8.78
N ILE B 171 31.22 -20.05 8.80
CA ILE B 171 30.94 -18.67 8.63
C ILE B 171 30.61 -18.18 10.01
N HIS B 172 31.29 -17.18 10.52
CA HIS B 172 31.00 -16.69 11.84
C HIS B 172 30.34 -15.37 11.59
N GLY B 173 29.11 -15.19 12.03
CA GLY B 173 28.45 -13.93 11.81
C GLY B 173 28.24 -13.30 13.13
N TYR B 174 28.81 -12.12 13.33
CA TYR B 174 28.67 -11.43 14.58
C TYR B 174 27.75 -10.31 14.42
N SER B 175 26.78 -10.24 15.27
CA SER B 175 25.83 -9.12 15.21
C SER B 175 25.23 -9.03 13.80
N MET B 176 25.36 -7.88 13.14
CA MET B 176 24.89 -7.74 11.76
C MET B 176 25.39 -8.85 10.82
N GLY B 177 26.61 -9.35 11.09
CA GLY B 177 27.18 -10.51 10.39
C GLY B 177 26.25 -11.73 10.28
N GLY B 178 25.45 -11.97 11.32
CA GLY B 178 24.50 -13.09 11.36
C GLY B 178 23.63 -13.21 10.12
N PRO B 179 22.76 -12.21 9.89
CA PRO B 179 21.95 -12.19 8.67
C PRO B 179 22.77 -12.40 7.39
N ILE B 180 23.93 -11.75 7.33
CA ILE B 180 24.81 -11.83 6.16
C ILE B 180 25.37 -13.26 6.03
N ALA B 181 25.89 -13.78 7.13
CA ALA B 181 26.36 -15.15 7.21
C ALA B 181 25.30 -16.13 6.75
N ALA B 182 24.06 -15.90 7.18
CA ALA B 182 22.93 -16.74 6.78
C ALA B 182 22.70 -16.69 5.27
N ASP B 183 22.75 -15.50 4.70
CA ASP B 183 22.64 -15.35 3.26
C ASP B 183 23.76 -16.09 2.55
N LEU B 184 25.01 -15.86 2.95
CA LEU B 184 26.16 -16.50 2.30
C LEU B 184 26.02 -18.02 2.32
N ALA B 185 25.67 -18.56 3.50
CA ALA B 185 25.51 -20.02 3.68
C ALA B 185 24.49 -20.63 2.72
N ARG B 186 23.42 -19.89 2.44
CA ARG B 186 22.43 -20.32 1.46
C ARG B 186 23.02 -20.30 0.05
N TYR B 187 23.69 -19.20 -0.29
CA TYR B 187 24.33 -19.06 -1.61
C TYR B 187 25.37 -20.15 -1.88
N ALA B 188 26.16 -20.48 -0.87
CA ALA B 188 27.15 -21.54 -1.00
C ALA B 188 26.50 -22.89 -1.27
N ALA B 189 25.45 -23.19 -0.51
CA ALA B 189 24.70 -24.45 -0.68
C ALA B 189 24.03 -24.52 -2.05
N GLN B 190 23.33 -23.45 -2.41
CA GLN B 190 22.69 -23.30 -3.73
C GLN B 190 23.70 -23.42 -4.89
N ASN B 191 24.93 -22.97 -4.65
CA ASN B 191 26.00 -22.95 -5.66
C ASN B 191 26.97 -24.15 -5.55
N GLY B 192 26.60 -25.14 -4.74
CA GLY B 192 27.34 -26.42 -4.69
C GLY B 192 28.65 -26.41 -3.92
N GLN B 193 28.94 -25.32 -3.22
CA GLN B 193 30.15 -25.20 -2.42
C GLN B 193 29.81 -25.26 -0.93
N ALA B 194 28.86 -26.12 -0.59
CA ALA B 194 28.16 -26.04 0.69
C ALA B 194 29.13 -25.93 1.84
N VAL B 195 28.96 -24.89 2.66
CA VAL B 195 29.86 -24.63 3.78
C VAL B 195 29.57 -25.60 4.93
N SER B 196 30.55 -25.80 5.80
CA SER B 196 30.50 -26.85 6.85
C SER B 196 29.58 -26.52 8.00
N GLY B 197 29.60 -25.26 8.44
CA GLY B 197 28.79 -24.83 9.57
C GLY B 197 28.48 -23.35 9.51
N LEU B 198 27.40 -22.98 10.20
CA LEU B 198 27.03 -21.57 10.41
C LEU B 198 27.10 -21.25 11.90
N LEU B 199 27.56 -20.04 12.21
CA LEU B 199 27.57 -19.57 13.59
C LEU B 199 26.91 -18.21 13.66
N LEU B 200 25.73 -18.17 14.28
CA LEU B 200 25.06 -16.91 14.59
C LEU B 200 25.48 -16.42 15.98
N ASP B 201 26.49 -15.57 16.00
CA ASP B 201 27.12 -15.09 17.23
C ASP B 201 26.44 -13.80 17.71
N ARG B 202 25.56 -13.92 18.70
CA ARG B 202 24.84 -12.77 19.28
C ARG B 202 24.13 -11.96 18.18
N PRO B 203 23.29 -12.62 17.38
CA PRO B 203 22.96 -12.10 16.08
C PRO B 203 21.83 -11.08 16.09
N MET B 204 21.79 -10.27 15.04
CA MET B 204 20.63 -9.45 14.71
C MET B 204 19.57 -10.36 14.06
N PRO B 205 18.42 -10.58 14.71
CA PRO B 205 17.37 -11.40 14.06
C PRO B 205 16.85 -10.74 12.79
N SER B 206 16.49 -9.46 12.90
CA SER B 206 16.11 -8.61 11.75
C SER B 206 16.36 -7.15 12.09
N MET B 207 16.70 -6.35 11.08
CA MET B 207 17.10 -4.95 11.32
C MET B 207 16.03 -4.21 12.10
N THR B 208 14.79 -4.38 11.67
CA THR B 208 13.63 -3.90 12.39
C THR B 208 13.73 -4.24 13.88
N LYS B 209 13.87 -5.52 14.19
CA LYS B 209 13.83 -6.00 15.58
C LYS B 209 15.08 -5.59 16.34
N ALA B 210 16.19 -5.43 15.63
CA ALA B 210 17.43 -4.98 16.24
C ALA B 210 17.31 -3.56 16.76
N ILE B 211 16.61 -2.72 16.00
CA ILE B 211 16.39 -1.33 16.39
C ILE B 211 15.48 -1.25 17.62
N THR B 212 14.28 -1.79 17.52
CA THR B 212 13.28 -1.67 18.58
C THR B 212 13.69 -2.36 19.89
N ALA B 213 14.51 -3.42 19.80
CA ALA B 213 14.96 -4.18 20.99
C ALA B 213 15.72 -3.34 22.02
N HIS B 214 16.75 -2.64 21.55
CA HIS B 214 17.53 -1.74 22.42
C HIS B 214 16.69 -0.58 23.00
N GLU B 215 15.63 -0.18 22.27
CA GLU B 215 14.72 0.92 22.73
C GLU B 215 13.66 0.39 23.70
N GLY B 221 7.77 8.62 17.29
CA GLY B 221 8.86 9.39 16.71
C GLY B 221 9.66 8.59 15.68
N ILE B 222 10.97 8.84 15.66
CA ILE B 222 11.85 8.29 14.61
C ILE B 222 12.02 6.79 14.70
N VAL B 223 12.21 6.25 15.91
CA VAL B 223 12.69 4.86 16.10
C VAL B 223 11.75 3.80 15.49
N GLY B 224 10.46 4.11 15.44
CA GLY B 224 9.47 3.24 14.81
C GLY B 224 9.31 3.47 13.32
N ALA B 225 9.49 4.72 12.90
CA ALA B 225 9.47 5.08 11.48
C ALA B 225 10.63 4.43 10.70
N ILE B 226 11.83 4.45 11.27
CA ILE B 226 12.97 3.83 10.59
C ILE B 226 12.94 2.30 10.69
N ALA B 227 12.26 1.77 11.71
CA ALA B 227 11.99 0.32 11.80
C ALA B 227 11.03 -0.13 10.71
N LYS B 228 9.95 0.62 10.52
CA LYS B 228 8.97 0.35 9.46
C LYS B 228 9.59 0.52 8.06
N ALA B 229 10.55 1.45 7.94
CA ALA B 229 11.27 1.70 6.68
C ALA B 229 12.19 0.55 6.26
N VAL B 230 12.76 -0.13 7.25
CA VAL B 230 13.78 -1.13 7.01
C VAL B 230 13.23 -2.55 7.29
N ASN B 231 11.97 -2.76 6.90
CA ASN B 231 11.24 -4.00 7.18
C ASN B 231 11.58 -5.10 6.18
N GLY B 232 11.94 -6.27 6.70
CA GLY B 232 12.38 -7.39 5.86
C GLY B 232 13.83 -7.31 5.39
N GLN B 233 14.60 -6.41 6.01
CA GLN B 233 16.04 -6.30 5.76
C GLN B 233 16.79 -7.02 6.87
N PHE B 234 17.88 -7.68 6.48
CA PHE B 234 18.77 -8.37 7.40
C PHE B 234 18.02 -9.35 8.32
N SER B 235 17.10 -10.11 7.72
CA SER B 235 16.31 -11.09 8.46
C SER B 235 16.93 -12.45 8.36
N VAL B 236 17.29 -13.03 9.49
CA VAL B 236 18.01 -14.30 9.53
C VAL B 236 17.12 -15.41 9.00
N GLU B 237 15.89 -15.48 9.53
CA GLU B 237 14.92 -16.49 9.07
C GLU B 237 14.62 -16.39 7.58
N LYS B 238 14.60 -15.16 7.08
CA LYS B 238 14.34 -14.93 5.66
C LYS B 238 15.54 -15.36 4.81
N ASN B 239 16.75 -15.04 5.27
CA ASN B 239 17.99 -15.39 4.57
C ASN B 239 18.35 -16.90 4.62
N LEU B 240 17.85 -17.60 5.64
CA LEU B 240 18.05 -19.05 5.77
C LEU B 240 17.08 -19.88 4.92
N LYS B 241 15.95 -19.29 4.53
CA LYS B 241 14.98 -20.00 3.69
C LYS B 241 15.57 -20.30 2.31
N GLY B 242 15.81 -21.58 2.05
CA GLY B 242 16.61 -22.04 0.92
C GLY B 242 17.68 -23.01 1.39
N LEU B 243 18.33 -22.65 2.50
CA LEU B 243 19.38 -23.49 3.10
C LEU B 243 18.82 -24.89 3.36
N PRO B 244 19.65 -25.95 3.12
CA PRO B 244 19.29 -27.29 3.56
C PRO B 244 19.24 -27.39 5.07
N LYS B 245 18.22 -28.07 5.59
CA LYS B 245 17.91 -28.02 7.02
C LYS B 245 18.94 -28.80 7.86
N GLU B 246 19.63 -29.74 7.20
CA GLU B 246 20.72 -30.51 7.84
C GLU B 246 21.94 -29.66 8.22
N THR B 247 22.12 -28.53 7.55
CA THR B 247 23.27 -27.66 7.78
C THR B 247 23.29 -27.24 9.24
N PRO B 248 24.40 -27.56 9.97
CA PRO B 248 24.47 -27.24 11.39
C PRO B 248 24.56 -25.74 11.60
N ILE B 249 23.63 -25.24 12.40
CA ILE B 249 23.58 -23.83 12.77
C ILE B 249 23.76 -23.74 14.28
N LEU B 250 24.80 -23.03 14.71
CA LEU B 250 25.02 -22.77 16.13
C LEU B 250 24.57 -21.36 16.45
N LEU B 251 23.61 -21.24 17.36
CA LEU B 251 23.00 -19.95 17.70
C LEU B 251 23.30 -19.59 19.16
N LEU B 252 24.20 -18.64 19.36
CA LEU B 252 24.60 -18.16 20.69
C LEU B 252 24.12 -16.72 20.92
N THR B 253 23.22 -16.54 21.90
CA THR B 253 22.60 -15.24 22.14
C THR B 253 23.21 -14.51 23.33
N ASP B 254 23.11 -13.19 23.30
CA ASP B 254 23.51 -12.33 24.43
C ASP B 254 22.46 -12.32 25.54
N ASN B 255 22.83 -11.77 26.69
CA ASN B 255 21.93 -11.71 27.85
C ASN B 255 21.01 -10.48 27.83
N GLU B 256 21.10 -9.68 26.78
CA GLU B 256 20.33 -8.44 26.64
C GLU B 256 19.22 -8.62 25.59
N GLY B 257 18.43 -7.57 25.39
CA GLY B 257 17.19 -7.63 24.57
C GLY B 257 17.28 -8.18 23.15
N LEU B 258 18.47 -8.12 22.55
CA LEU B 258 18.71 -8.72 21.23
C LEU B 258 18.77 -10.25 21.30
N GLY B 259 19.19 -10.78 22.45
CA GLY B 259 19.07 -12.22 22.74
C GLY B 259 17.63 -12.62 23.02
N GLU B 260 16.93 -11.79 23.78
CA GLU B 260 15.50 -11.99 24.05
C GLU B 260 14.73 -12.16 22.74
N GLU B 261 15.12 -11.40 21.72
CA GLU B 261 14.58 -11.54 20.35
C GLU B 261 15.29 -12.64 19.55
N GLY B 262 16.53 -12.95 19.92
CA GLY B 262 17.27 -14.08 19.36
C GLY B 262 16.71 -15.43 19.76
N GLU B 263 16.34 -15.57 21.03
CA GLU B 263 15.71 -16.79 21.51
C GLU B 263 14.30 -16.96 20.95
N LYS B 264 13.60 -15.85 20.74
CA LYS B 264 12.35 -15.87 19.98
C LYS B 264 12.62 -16.51 18.62
N LEU B 265 13.72 -16.09 17.99
CA LEU B 265 14.15 -16.61 16.68
C LEU B 265 14.54 -18.07 16.73
N ARG B 266 15.33 -18.43 17.73
CA ARG B 266 15.78 -19.81 17.91
C ARG B 266 14.61 -20.79 17.81
N ALA B 267 13.54 -20.47 18.54
CA ALA B 267 12.33 -21.28 18.56
C ALA B 267 11.65 -21.39 17.20
N LYS B 268 11.62 -20.29 16.46
CA LYS B 268 11.09 -20.29 15.09
C LYS B 268 11.88 -21.25 14.24
N LEU B 269 13.21 -21.15 14.33
CA LEU B 269 14.12 -21.98 13.56
C LEU B 269 14.06 -23.46 13.94
N ALA B 270 13.96 -23.75 15.25
CA ALA B 270 13.90 -25.15 15.72
C ALA B 270 12.66 -25.84 15.19
N ILE B 271 11.50 -25.22 15.46
CA ILE B 271 10.20 -25.73 15.02
C ILE B 271 10.18 -25.97 13.51
N ALA B 272 10.66 -24.98 12.74
CA ALA B 272 10.77 -25.10 11.29
C ALA B 272 11.58 -26.33 10.86
N GLY B 273 12.60 -26.67 11.66
CA GLY B 273 13.37 -27.90 11.48
C GLY B 273 14.83 -27.72 11.09
N TYR B 274 15.37 -26.51 11.23
CA TYR B 274 16.81 -26.27 11.02
C TYR B 274 17.60 -26.94 12.12
N ASN B 275 18.85 -27.31 11.82
CA ASN B 275 19.70 -28.04 12.78
C ASN B 275 20.33 -27.07 13.78
N VAL B 276 19.49 -26.52 14.65
CA VAL B 276 19.88 -25.41 15.52
C VAL B 276 20.51 -25.90 16.82
N THR B 277 21.79 -25.62 16.99
CA THR B 277 22.53 -25.95 18.21
C THR B 277 22.64 -24.71 19.12
N GLY B 278 23.18 -24.94 20.32
CA GLY B 278 23.64 -23.85 21.20
C GLY B 278 22.67 -23.51 22.32
N GLU B 279 22.99 -22.46 23.06
CA GLU B 279 22.17 -21.99 24.18
C GLU B 279 22.17 -20.45 24.20
N GLN B 280 21.45 -19.86 25.16
CA GLN B 280 21.66 -18.45 25.49
C GLN B 280 22.81 -18.28 26.47
N THR B 281 23.70 -17.33 26.18
CA THR B 281 24.86 -17.07 27.03
C THR B 281 24.52 -16.13 28.17
N PHE B 282 25.53 -15.92 29.03
CA PHE B 282 25.46 -15.05 30.18
C PHE B 282 26.22 -13.73 29.91
N TYR B 283 26.51 -13.45 28.65
CA TYR B 283 27.45 -12.36 28.33
C TYR B 283 26.77 -11.22 27.59
N GLY B 284 27.34 -10.02 27.74
CA GLY B 284 26.85 -8.83 27.05
C GLY B 284 27.17 -8.86 25.58
N HIS B 285 26.38 -8.14 24.79
CA HIS B 285 26.44 -8.20 23.32
C HIS B 285 27.83 -7.87 22.78
N GLU B 286 28.58 -7.04 23.50
CA GLU B 286 29.91 -6.60 23.07
C GLU B 286 31.04 -7.34 23.78
N ALA B 287 30.69 -8.35 24.56
CA ALA B 287 31.67 -9.13 25.32
C ALA B 287 32.14 -10.34 24.49
N SER B 288 33.01 -10.06 23.52
CA SER B 288 33.51 -11.11 22.62
C SER B 288 34.42 -12.07 23.34
N ASN B 289 35.48 -11.51 23.94
CA ASN B 289 36.53 -12.33 24.55
C ASN B 289 35.96 -13.27 25.61
N ARG B 290 35.01 -12.76 26.39
CA ARG B 290 34.39 -13.54 27.47
C ARG B 290 33.56 -14.69 26.90
N LEU B 291 32.83 -14.42 25.81
CA LEU B 291 31.97 -15.42 25.16
C LEU B 291 32.79 -16.47 24.44
N MET B 292 33.73 -16.01 23.61
CA MET B 292 34.66 -16.91 22.93
C MET B 292 35.54 -17.63 23.91
N GLY B 293 35.83 -16.99 25.04
CA GLY B 293 36.52 -17.66 26.15
C GLY B 293 35.88 -18.97 26.56
N GLN B 294 34.57 -18.93 26.76
CA GLN B 294 33.81 -20.11 27.15
C GLN B 294 33.55 -21.01 25.96
N TYR B 295 32.96 -20.46 24.90
CA TYR B 295 32.33 -21.29 23.86
C TYR B 295 33.23 -21.74 22.71
N ALA B 296 34.53 -21.40 22.75
CA ALA B 296 35.44 -21.75 21.64
C ALA B 296 35.40 -23.24 21.33
N ASP B 297 35.47 -24.08 22.36
CA ASP B 297 35.43 -25.54 22.18
C ASP B 297 34.13 -26.00 21.51
N GLN B 298 32.99 -25.58 22.09
CA GLN B 298 31.66 -25.92 21.56
C GLN B 298 31.41 -25.36 20.16
N ILE B 299 32.04 -24.24 19.85
CA ILE B 299 31.89 -23.60 18.53
C ILE B 299 32.47 -24.47 17.46
N VAL B 300 33.61 -25.08 17.80
CA VAL B 300 34.44 -25.77 16.83
C VAL B 300 33.98 -27.20 16.67
N SER B 301 32.91 -27.54 17.35
CA SER B 301 32.32 -28.83 17.22
C SER B 301 30.83 -28.71 16.94
N GLY B 302 30.45 -28.28 15.74
CA GLY B 302 30.80 -26.94 15.23
C GLY B 302 30.88 -26.92 13.74
N LEU B 303 31.85 -27.67 13.23
CA LEU B 303 31.80 -28.15 11.85
C LEU B 303 32.12 -29.63 11.83
N PHE B 304 31.19 -30.43 12.33
CA PHE B 304 31.11 -31.87 11.98
C PHE B 304 29.89 -32.60 12.58
N ASN B 305 29.97 -33.94 12.63
CA ASN B 305 28.79 -34.77 12.88
C ASN B 305 28.96 -35.87 13.95
N ALA B 306 30.05 -35.84 14.73
CA ALA B 306 30.12 -36.68 15.94
C ALA B 306 31.12 -36.19 16.99
N GLU B 307 30.79 -35.19 17.81
CA GLU B 307 29.56 -34.33 17.75
C GLU B 307 28.27 -35.18 17.95
N GLN B 308 27.31 -35.07 17.02
CA GLN B 308 25.90 -35.54 17.22
C GLN B 308 25.80 -36.90 17.92
N ALA B 309 26.72 -37.79 17.60
CA ALA B 309 26.87 -39.08 18.30
C ALA B 309 27.16 -38.89 19.80
N ALA B 310 28.03 -37.93 20.13
CA ALA B 310 28.43 -37.65 21.54
C ALA B 310 27.31 -37.02 22.38
N VAL B 311 26.32 -36.41 21.73
CA VAL B 311 25.13 -35.90 22.42
C VAL B 311 23.91 -36.78 22.24
N GLU B 312 23.99 -37.75 21.33
CA GLU B 312 23.05 -38.88 21.32
C GLU B 312 23.27 -39.74 22.58
N ALA B 313 24.51 -40.17 22.81
CA ALA B 313 24.90 -40.83 24.07
C ALA B 313 24.56 -39.92 25.27
N GLY B 314 24.77 -38.62 25.11
CA GLY B 314 24.43 -37.63 26.14
C GLY B 314 22.95 -37.53 26.45
N GLU B 315 22.11 -37.74 25.44
CA GLU B 315 20.65 -37.66 25.59
C GLU B 315 20.02 -39.00 25.94
N VAL B 316 20.61 -40.09 25.47
CA VAL B 316 20.15 -41.45 25.85
C VAL B 316 20.12 -41.54 27.37
N LEU B 317 21.23 -41.11 27.95
CA LEU B 317 21.41 -40.96 29.40
C LEU B 317 20.33 -40.34 30.31
N LYS B 318 19.61 -39.36 29.74
CA LYS B 318 18.40 -38.82 30.34
C LYS B 318 17.21 -39.73 30.06
N GLY B 319 17.32 -40.56 29.04
CA GLY B 319 16.34 -41.61 28.76
C GLY B 319 16.13 -42.61 29.87
N LEU B 320 17.21 -43.25 30.32
CA LEU B 320 17.13 -44.24 31.43
C LEU B 320 16.54 -43.58 32.67
N GLU B 321 16.94 -42.33 32.88
CA GLU B 321 16.37 -41.44 33.92
C GLU B 321 14.84 -41.34 33.91
N LYS B 322 14.24 -41.68 32.77
CA LYS B 322 12.79 -41.67 32.62
C LYS B 322 12.11 -42.63 33.58
N ASP B 323 12.34 -43.94 33.42
CA ASP B 323 11.83 -44.92 34.40
C ASP B 323 12.61 -44.83 35.72
N PHE B 324 13.76 -44.17 35.71
CA PHE B 324 14.47 -43.92 36.96
C PHE B 324 13.61 -43.18 37.96
N LYS B 325 12.84 -42.20 37.48
CA LYS B 325 11.80 -41.54 38.30
C LYS B 325 10.39 -42.19 38.13
N ARG B 326 10.31 -43.24 37.32
CA ARG B 326 9.08 -44.03 37.10
C ARG B 326 7.78 -43.19 37.20
N ASP B 343 -2.68 -42.51 42.75
CA ASP B 343 -1.22 -42.41 42.92
C ASP B 343 -0.91 -41.22 43.82
N ILE B 344 0.36 -41.07 44.19
CA ILE B 344 0.84 -39.87 44.88
C ILE B 344 0.72 -38.62 43.97
N ARG B 345 0.95 -38.80 42.68
CA ARG B 345 0.98 -37.69 41.71
C ARG B 345 -0.32 -36.88 41.74
N THR B 346 -1.44 -37.58 41.77
CA THR B 346 -2.76 -36.94 41.71
C THR B 346 -3.16 -36.27 43.02
N THR B 347 -2.75 -36.84 44.16
CA THR B 347 -3.27 -36.40 45.45
C THR B 347 -2.90 -34.94 45.81
N LYS B 348 -3.82 -34.29 46.52
CA LYS B 348 -3.74 -32.89 47.01
C LYS B 348 -2.44 -32.37 47.65
N ASP B 349 -1.69 -33.25 48.32
CA ASP B 349 -0.43 -32.84 48.95
C ASP B 349 0.64 -32.57 47.88
N PHE B 350 0.72 -33.47 46.92
CA PHE B 350 1.61 -33.35 45.77
C PHE B 350 1.38 -32.07 44.95
N LEU B 351 0.11 -31.70 44.79
CA LEU B 351 -0.25 -30.51 44.02
C LEU B 351 0.09 -29.20 44.77
N ASN B 352 0.15 -29.25 46.10
CA ASN B 352 0.63 -28.11 46.91
C ASN B 352 2.11 -27.79 46.65
N GLY B 353 2.87 -28.81 46.27
CA GLY B 353 4.31 -28.65 46.02
C GLY B 353 4.70 -28.39 44.57
N TYR B 354 3.85 -28.78 43.62
CA TYR B 354 4.17 -28.71 42.19
C TYR B 354 4.17 -27.24 41.69
N LYS B 355 5.29 -26.55 41.94
CA LYS B 355 5.48 -25.14 41.51
C LYS B 355 6.93 -24.63 41.64
N ASN B 356 7.20 -23.50 40.99
CA ASN B 356 8.55 -22.93 40.89
C ASN B 356 9.04 -22.28 42.18
N ASP B 357 10.32 -22.47 42.47
CA ASP B 357 10.97 -21.92 43.66
C ASP B 357 10.47 -22.46 45.01
N HIS B 358 9.62 -23.48 44.98
CA HIS B 358 9.05 -24.04 46.22
C HIS B 358 9.96 -25.13 46.81
N ALA B 359 10.68 -25.83 45.94
CA ALA B 359 11.66 -26.85 46.37
C ALA B 359 12.85 -26.24 47.11
N LYS B 360 13.21 -25.01 46.77
CA LYS B 360 14.39 -24.36 47.35
C LYS B 360 14.20 -24.01 48.83
N GLU B 361 12.95 -24.02 49.31
CA GLU B 361 12.63 -23.82 50.73
C GLU B 361 12.63 -25.13 51.53
N ILE B 362 11.86 -26.11 51.04
CA ILE B 362 11.51 -27.29 51.85
C ILE B 362 12.29 -28.58 51.50
N VAL B 363 13.11 -28.54 50.44
CA VAL B 363 13.90 -29.71 50.04
C VAL B 363 15.39 -29.44 50.22
N ASP B 364 16.03 -30.22 51.08
CA ASP B 364 17.40 -29.94 51.52
C ASP B 364 18.42 -30.42 50.51
N GLY B 365 19.62 -29.86 50.59
CA GLY B 365 20.77 -30.28 49.78
C GLY B 365 20.69 -29.98 48.29
N PHE B 366 19.54 -29.48 47.84
CA PHE B 366 19.25 -29.34 46.42
C PHE B 366 19.65 -27.94 45.97
N ARG B 367 20.58 -27.89 45.03
CA ARG B 367 20.99 -26.63 44.39
C ARG B 367 20.22 -26.45 43.07
N SER B 368 20.04 -25.20 42.65
CA SER B 368 19.34 -24.88 41.40
C SER B 368 20.14 -25.21 40.13
N ASP B 369 21.45 -25.41 40.27
CA ASP B 369 22.32 -25.74 39.11
C ASP B 369 22.44 -27.25 38.80
N MET B 370 21.88 -28.10 39.65
CA MET B 370 22.01 -29.55 39.51
C MET B 370 21.36 -30.04 38.21
N SER B 371 21.88 -31.17 37.71
CA SER B 371 21.35 -31.81 36.49
C SER B 371 20.10 -32.63 36.81
N ILE B 372 19.47 -33.16 35.77
CA ILE B 372 18.37 -34.10 35.96
C ILE B 372 18.89 -35.36 36.66
N LYS B 373 20.08 -35.83 36.23
CA LYS B 373 20.70 -37.04 36.83
C LYS B 373 20.87 -36.90 38.33
N GLN B 374 21.28 -35.73 38.77
CA GLN B 374 21.41 -35.43 40.19
C GLN B 374 20.04 -35.19 40.87
N LEU B 375 19.13 -34.52 40.17
CA LEU B 375 17.78 -34.23 40.72
C LEU B 375 16.95 -35.51 40.88
N VAL B 376 17.01 -36.38 39.89
CA VAL B 376 16.26 -37.66 39.95
C VAL B 376 16.85 -38.58 41.03
N ASP B 377 18.16 -38.54 41.21
CA ASP B 377 18.82 -39.22 42.34
C ASP B 377 18.44 -38.62 43.69
N LEU B 378 18.28 -37.30 43.74
CA LEU B 378 17.76 -36.63 44.93
C LEU B 378 16.34 -37.14 45.26
N PHE B 379 15.54 -37.43 44.22
CA PHE B 379 14.19 -37.94 44.40
C PHE B 379 14.18 -39.27 45.17
N VAL B 380 14.98 -40.23 44.71
CA VAL B 380 14.89 -41.62 45.20
C VAL B 380 15.68 -41.86 46.50
N LYS B 381 16.87 -41.27 46.62
CA LYS B 381 17.85 -41.77 47.58
C LYS B 381 17.53 -41.39 49.05
N GLY B 382 17.08 -40.16 49.28
CA GLY B 382 16.62 -39.72 50.61
C GLY B 382 15.13 -39.96 50.83
N SER B 383 14.66 -39.62 52.04
CA SER B 383 13.24 -39.70 52.40
C SER B 383 12.58 -38.33 52.28
N TRP B 384 11.46 -38.26 51.56
CA TRP B 384 10.69 -37.02 51.44
C TRP B 384 9.21 -37.26 51.74
N SER B 385 8.52 -36.14 52.01
CA SER B 385 7.07 -36.11 52.23
C SER B 385 6.30 -35.98 50.91
N ALA B 386 4.98 -36.08 51.00
CA ALA B 386 4.10 -35.96 49.84
C ALA B 386 4.24 -34.60 49.14
N GLU B 387 4.40 -33.53 49.93
CA GLU B 387 4.55 -32.17 49.39
C GLU B 387 5.97 -31.90 48.87
N GLN B 388 6.98 -32.40 49.57
CA GLN B 388 8.38 -32.27 49.12
C GLN B 388 8.56 -32.95 47.76
N LYS B 389 8.03 -34.17 47.62
CA LYS B 389 8.12 -34.94 46.37
C LYS B 389 7.54 -34.17 45.18
N GLY B 390 6.43 -33.48 45.42
CA GLY B 390 5.84 -32.58 44.42
C GLY B 390 6.74 -31.42 44.03
N ALA B 391 7.49 -30.90 45.00
CA ALA B 391 8.40 -29.76 44.76
C ALA B 391 9.55 -30.14 43.85
N LEU B 392 10.10 -31.33 44.04
CA LEU B 392 11.09 -31.88 43.13
C LEU B 392 10.50 -32.19 41.75
N ALA B 393 9.27 -32.67 41.74
CA ALA B 393 8.60 -33.10 40.50
C ALA B 393 8.55 -31.98 39.49
N TRP B 394 8.10 -30.81 39.92
CA TRP B 394 8.15 -29.62 39.08
C TRP B 394 9.58 -29.30 38.66
N GLU B 395 10.51 -29.31 39.62
CA GLU B 395 11.89 -28.97 39.32
C GLU B 395 12.50 -29.93 38.30
N ILE B 396 12.16 -31.21 38.39
CA ILE B 396 12.64 -32.22 37.43
C ILE B 396 11.93 -32.06 36.08
N GLU B 397 10.59 -32.11 36.10
CA GLU B 397 9.78 -32.06 34.86
C GLU B 397 9.89 -30.75 34.07
N SER B 398 10.34 -29.68 34.71
CA SER B 398 10.59 -28.41 34.02
C SER B 398 11.89 -28.47 33.19
N ARG B 399 12.97 -28.96 33.80
CA ARG B 399 14.23 -29.24 33.07
C ARG B 399 13.97 -30.21 31.92
N ALA B 400 13.12 -31.19 32.18
CA ALA B 400 12.84 -32.28 31.24
C ALA B 400 12.09 -31.85 29.98
N LEU B 401 11.43 -30.70 30.03
CA LEU B 401 10.62 -30.26 28.89
C LEU B 401 11.49 -30.04 27.66
N LYS B 402 12.61 -29.32 27.83
CA LYS B 402 13.49 -28.98 26.69
C LYS B 402 14.06 -30.21 26.00
N VAL B 403 14.29 -31.27 26.77
CA VAL B 403 14.85 -32.54 26.20
C VAL B 403 13.83 -33.38 25.40
N THR B 404 12.58 -32.93 25.35
CA THR B 404 11.54 -33.63 24.59
C THR B 404 11.59 -33.37 23.06
N PHE B 405 12.16 -32.24 22.65
CA PHE B 405 11.96 -31.71 21.27
C PHE B 405 12.78 -32.32 20.11
N GLN B 406 14.11 -32.32 20.23
CA GLN B 406 14.99 -33.11 19.35
C GLN B 406 15.22 -34.46 20.03
N ASN B 407 15.70 -35.49 19.33
CA ASN B 407 15.81 -35.52 17.85
C ASN B 407 14.51 -36.05 17.28
N LYS B 408 14.46 -36.20 15.95
CA LYS B 408 13.40 -37.00 15.35
C LYS B 408 13.94 -38.04 14.38
N SER B 409 13.46 -39.27 14.52
CA SER B 409 13.99 -40.42 13.77
C SER B 409 13.77 -40.25 12.27
N GLU B 410 14.84 -40.46 11.50
CA GLU B 410 14.91 -39.99 10.10
C GLU B 410 13.76 -40.50 9.24
N LYS B 411 13.33 -41.74 9.48
CA LYS B 411 12.27 -42.37 8.67
C LYS B 411 11.04 -41.47 8.48
N TYR B 412 10.66 -40.72 9.53
CA TYR B 412 9.51 -39.80 9.47
C TYR B 412 9.78 -38.56 8.61
N ASN B 413 11.01 -38.08 8.64
CA ASN B 413 11.46 -37.02 7.74
C ASN B 413 11.61 -37.54 6.31
N ARG B 414 12.13 -38.76 6.18
CA ARG B 414 12.28 -39.44 4.88
C ARG B 414 10.92 -39.57 4.19
N LEU B 415 9.95 -40.11 4.94
CA LEU B 415 8.59 -40.30 4.43
C LEU B 415 7.94 -38.98 3.99
N PHE B 416 8.14 -37.93 4.79
CA PHE B 416 7.62 -36.60 4.45
C PHE B 416 8.24 -36.06 3.16
N ARG B 417 9.55 -36.29 3.01
CA ARG B 417 10.28 -35.84 1.82
C ARG B 417 9.91 -36.65 0.58
N GLU B 418 9.66 -37.94 0.75
CA GLU B 418 9.21 -38.80 -0.35
C GLU B 418 7.87 -38.31 -0.94
N ILE B 419 6.94 -37.91 -0.07
CA ILE B 419 5.61 -37.45 -0.50
C ILE B 419 5.66 -36.10 -1.24
N ALA B 420 6.48 -35.17 -0.76
CA ALA B 420 6.70 -33.89 -1.43
C ALA B 420 7.44 -34.04 -2.77
N SER B 421 8.25 -35.10 -2.91
CA SER B 421 9.07 -35.32 -4.13
C SER B 421 8.26 -35.82 -5.32
N ALA B 422 7.58 -36.94 -5.12
CA ALA B 422 6.77 -37.55 -6.18
C ALA B 422 5.54 -36.68 -6.48
N GLY B 423 5.12 -36.69 -7.74
CA GLY B 423 3.92 -35.97 -8.18
C GLY B 423 4.13 -34.47 -8.24
N VAL B 424 3.02 -33.74 -8.33
CA VAL B 424 3.05 -32.27 -8.44
C VAL B 424 3.40 -31.68 -7.08
N VAL B 425 4.65 -31.25 -6.94
CA VAL B 425 5.24 -30.94 -5.62
C VAL B 425 4.35 -29.93 -4.86
N ASP B 426 4.06 -30.25 -3.60
CA ASP B 426 3.10 -29.49 -2.82
C ASP B 426 3.68 -28.17 -2.33
N ALA B 427 2.85 -27.13 -2.39
CA ALA B 427 3.27 -25.77 -2.08
C ALA B 427 3.37 -25.54 -0.58
N LYS B 428 2.36 -25.99 0.15
CA LYS B 428 2.30 -25.79 1.60
C LYS B 428 2.59 -27.07 2.42
N ALA B 429 3.43 -27.95 1.89
CA ALA B 429 3.85 -29.14 2.62
C ALA B 429 4.82 -28.75 3.74
N THR B 430 4.31 -28.70 4.97
CA THR B 430 5.12 -28.31 6.13
C THR B 430 5.41 -29.48 7.06
N GLU B 431 6.38 -29.28 7.92
CA GLU B 431 6.81 -30.26 8.92
C GLU B 431 7.28 -29.47 10.11
N GLN B 432 6.80 -29.82 11.30
CA GLN B 432 7.14 -29.08 12.52
C GLN B 432 7.64 -30.00 13.60
N LEU B 433 8.77 -29.65 14.21
CA LEU B 433 9.18 -30.31 15.44
C LEU B 433 8.29 -29.82 16.56
N ALA B 434 7.20 -30.57 16.77
CA ALA B 434 6.36 -30.44 17.95
C ALA B 434 6.82 -31.43 19.01
N PRO B 435 6.83 -30.99 20.29
CA PRO B 435 7.54 -31.73 21.34
C PRO B 435 7.04 -33.15 21.45
N GLN B 436 7.98 -34.07 21.60
CA GLN B 436 7.68 -35.50 21.61
C GLN B 436 7.27 -36.07 23.02
N LEU B 437 7.31 -35.25 24.07
CA LEU B 437 6.75 -35.67 25.36
C LEU B 437 5.22 -35.73 25.28
N MET B 438 4.56 -36.66 25.98
CA MET B 438 4.58 -36.76 27.45
C MET B 438 5.90 -37.19 28.12
N LEU B 439 6.54 -38.20 27.55
CA LEU B 439 7.11 -39.31 28.34
C LEU B 439 6.10 -40.10 29.22
N LEU B 440 6.47 -40.33 30.48
CA LEU B 440 5.67 -41.18 31.43
C LEU B 440 4.21 -41.37 31.02
N SER B 451 0.69 -38.10 24.71
CA SER B 451 0.52 -36.66 24.86
C SER B 451 -0.95 -36.28 24.72
N ASP B 452 -1.75 -36.72 25.69
CA ASP B 452 -3.09 -36.11 25.91
C ASP B 452 -3.13 -34.57 26.14
N PRO B 453 -1.99 -33.94 26.55
CA PRO B 453 -2.15 -32.50 26.71
C PRO B 453 -2.12 -31.80 25.39
N LEU B 454 -1.01 -31.94 24.68
CA LEU B 454 -0.88 -31.33 23.37
C LEU B 454 -1.92 -31.94 22.44
N SER B 455 -1.99 -33.26 22.41
CA SER B 455 -2.86 -33.97 21.44
C SER B 455 -4.23 -33.34 21.22
N LYS B 456 -4.79 -32.72 22.26
CA LYS B 456 -6.06 -32.01 22.12
C LYS B 456 -5.90 -30.53 21.74
N LEU B 457 -4.86 -29.87 22.27
CA LEU B 457 -4.61 -28.42 22.01
C LEU B 457 -4.40 -28.05 20.54
N VAL B 458 -3.72 -28.91 19.79
CA VAL B 458 -3.55 -28.74 18.33
C VAL B 458 -4.91 -28.73 17.66
N LEU B 459 -5.79 -29.61 18.11
CA LEU B 459 -7.13 -29.69 17.53
C LEU B 459 -7.94 -28.42 17.76
N VAL B 460 -7.88 -27.88 18.97
CA VAL B 460 -8.49 -26.56 19.27
C VAL B 460 -7.95 -25.55 18.27
N ALA B 461 -6.63 -25.51 18.21
CA ALA B 461 -5.88 -24.52 17.46
C ALA B 461 -6.40 -24.32 16.07
N LYS B 462 -6.66 -25.41 15.37
CA LYS B 462 -7.17 -25.34 13.99
C LYS B 462 -8.50 -24.61 13.85
N GLN B 463 -9.48 -24.98 14.66
CA GLN B 463 -10.78 -24.29 14.69
C GLN B 463 -10.65 -22.75 14.67
N LEU B 464 -9.68 -22.24 15.43
CA LEU B 464 -9.33 -20.81 15.40
C LEU B 464 -8.76 -20.38 14.02
N GLU B 465 -7.85 -21.18 13.49
CA GLU B 465 -7.23 -20.92 12.18
C GLU B 465 -8.22 -21.00 11.03
N ASN B 466 -9.24 -21.83 11.19
CA ASN B 466 -10.36 -21.88 10.25
C ASN B 466 -11.23 -20.61 10.32
N ASP B 467 -11.30 -20.00 11.50
CA ASP B 467 -12.13 -18.79 11.75
C ASP B 467 -11.48 -17.43 11.36
N GLY B 468 -10.32 -17.48 10.70
CA GLY B 468 -9.68 -16.26 10.19
C GLY B 468 -8.28 -16.03 10.74
N GLN B 469 -8.07 -16.42 12.00
CA GLN B 469 -6.74 -16.36 12.62
C GLN B 469 -5.79 -17.32 11.90
N VAL B 470 -4.49 -17.14 12.05
CA VAL B 470 -3.53 -18.01 11.36
C VAL B 470 -2.18 -18.09 12.07
N GLY B 471 -1.59 -19.28 12.01
CA GLY B 471 -0.26 -19.54 12.56
C GLY B 471 -0.24 -19.96 14.02
N VAL B 472 -1.40 -20.03 14.67
CA VAL B 472 -1.43 -20.24 16.13
C VAL B 472 -0.96 -21.63 16.57
N ALA B 473 -1.16 -22.62 15.72
CA ALA B 473 -0.61 -23.94 15.97
C ALA B 473 0.92 -23.86 16.02
N ARG B 474 1.49 -23.32 14.94
CA ARG B 474 2.93 -23.05 14.84
C ARG B 474 3.42 -22.23 16.04
N GLN B 475 2.64 -21.22 16.43
CA GLN B 475 3.01 -20.35 17.54
C GLN B 475 3.03 -21.11 18.86
N LEU B 476 2.00 -21.91 19.11
CA LEU B 476 1.95 -22.71 20.34
C LEU B 476 3.27 -23.43 20.54
N LEU B 477 3.66 -24.23 19.55
CA LEU B 477 4.89 -25.02 19.59
C LEU B 477 6.09 -24.17 19.99
N GLU B 478 6.26 -23.04 19.29
CA GLU B 478 7.35 -22.10 19.55
C GLU B 478 7.32 -21.60 20.99
N LYS B 479 6.13 -21.28 21.47
CA LYS B 479 5.94 -20.79 22.85
C LYS B 479 6.20 -21.88 23.88
N MET B 480 5.83 -23.11 23.57
CA MET B 480 6.17 -24.24 24.42
C MET B 480 7.68 -24.44 24.50
N TYR B 481 8.36 -24.31 23.35
CA TYR B 481 9.80 -24.45 23.31
C TYR B 481 10.49 -23.28 24.03
N SER B 482 9.97 -22.08 23.82
CA SER B 482 10.48 -20.90 24.51
C SER B 482 10.30 -21.05 26.01
N ALA B 483 9.10 -21.43 26.41
CA ALA B 483 8.79 -21.73 27.83
C ALA B 483 9.77 -22.73 28.42
N ALA B 484 10.02 -23.80 27.66
CA ALA B 484 11.01 -24.82 28.04
C ALA B 484 12.34 -24.20 28.40
N ALA B 485 12.91 -23.48 27.44
CA ALA B 485 14.21 -22.85 27.60
C ALA B 485 14.25 -21.96 28.85
N VAL B 486 13.14 -21.27 29.12
CA VAL B 486 13.03 -20.40 30.28
C VAL B 486 13.11 -21.20 31.58
N LEU B 487 12.25 -22.21 31.70
CA LEU B 487 12.21 -23.06 32.90
C LEU B 487 13.45 -23.97 33.04
N SER B 488 14.07 -24.32 31.92
CA SER B 488 15.25 -25.20 31.92
C SER B 488 16.55 -24.44 32.24
N ASN B 489 16.47 -23.11 32.32
CA ASN B 489 17.56 -22.29 32.84
C ASN B 489 16.98 -20.99 33.45
N PRO B 490 16.33 -21.10 34.62
CA PRO B 490 15.44 -20.08 35.18
C PRO B 490 16.12 -18.73 35.50
N THR B 491 17.38 -18.79 35.90
CA THR B 491 18.12 -17.59 36.34
C THR B 491 18.26 -16.54 35.23
N LEU B 492 18.59 -17.01 34.03
CA LEU B 492 18.83 -16.14 32.85
C LEU B 492 17.72 -15.11 32.63
N TYR B 493 16.48 -15.60 32.61
CA TYR B 493 15.33 -14.81 32.18
C TYR B 493 14.68 -14.13 33.38
N SER B 494 13.85 -13.14 33.10
CA SER B 494 13.25 -12.30 34.15
C SER B 494 12.21 -13.05 35.00
N ASP B 495 11.98 -12.53 36.21
CA ASP B 495 11.00 -13.12 37.16
C ASP B 495 9.58 -13.20 36.61
N SER B 496 9.19 -12.23 35.79
CA SER B 496 7.87 -12.27 35.13
C SER B 496 7.79 -13.36 34.07
N GLU B 497 8.89 -13.55 33.34
CA GLU B 497 8.98 -14.56 32.28
C GLU B 497 9.02 -15.99 32.86
N ASN B 498 9.78 -16.17 33.95
CA ASN B 498 9.75 -17.42 34.73
C ASN B 498 8.34 -17.75 35.24
N ALA B 499 7.59 -16.71 35.63
CA ALA B 499 6.22 -16.85 36.12
C ALA B 499 5.24 -17.25 35.02
N ASN B 500 5.39 -16.62 33.85
CA ASN B 500 4.55 -16.92 32.69
C ASN B 500 4.70 -18.36 32.23
N ALA B 501 5.95 -18.82 32.11
CA ALA B 501 6.26 -20.17 31.61
C ALA B 501 5.64 -21.25 32.49
N SER B 502 5.76 -21.06 33.80
CA SER B 502 5.19 -21.98 34.77
C SER B 502 3.64 -22.03 34.75
N LYS B 503 3.01 -21.10 34.03
CA LYS B 503 1.55 -21.13 33.80
C LYS B 503 1.17 -21.93 32.55
N LEU B 504 1.97 -21.78 31.49
CA LEU B 504 1.86 -22.64 30.30
C LEU B 504 2.21 -24.09 30.65
N LEU B 505 3.19 -24.27 31.54
CA LEU B 505 3.54 -25.61 32.06
C LEU B 505 2.41 -26.16 32.91
N SER B 506 1.88 -25.30 33.78
CA SER B 506 0.75 -25.63 34.66
C SER B 506 -0.49 -26.05 33.87
N SER B 507 -0.78 -25.30 32.81
CA SER B 507 -1.96 -25.56 31.97
C SER B 507 -1.86 -26.89 31.24
N LEU B 508 -0.65 -27.25 30.82
CA LEU B 508 -0.39 -28.55 30.19
C LEU B 508 -0.53 -29.70 31.19
N ALA B 509 -0.05 -29.48 32.41
CA ALA B 509 -0.19 -30.43 33.51
C ALA B 509 -1.65 -30.65 33.90
N ALA B 510 -2.41 -29.56 33.95
CA ALA B 510 -3.84 -29.63 34.31
C ALA B 510 -4.68 -30.36 33.26
N ILE B 511 -4.30 -30.26 31.98
CA ILE B 511 -4.93 -31.07 30.92
C ILE B 511 -4.54 -32.55 31.08
N HIS B 512 -3.29 -32.79 31.50
CA HIS B 512 -2.77 -34.14 31.67
C HIS B 512 -3.58 -34.93 32.69
N ALA B 513 -3.78 -34.34 33.86
CA ALA B 513 -4.54 -34.98 34.93
C ALA B 513 -6.04 -35.07 34.61
N LYS B 514 -6.67 -33.92 34.33
CA LYS B 514 -8.12 -33.87 34.01
C LYS B 514 -8.39 -33.77 32.49
N ASN B 515 -8.67 -34.92 31.90
CA ASN B 515 -8.98 -35.03 30.46
C ASN B 515 -10.43 -34.55 30.18
N PRO B 516 -10.66 -33.87 29.02
CA PRO B 516 -12.02 -33.56 28.56
C PRO B 516 -12.92 -34.77 28.22
N MET B 517 -12.32 -35.88 27.76
CA MET B 517 -13.07 -37.13 27.55
C MET B 517 -13.58 -37.70 28.88
N HIS B 518 -12.71 -37.70 29.90
CA HIS B 518 -13.08 -38.09 31.27
C HIS B 518 -13.71 -36.89 32.01
N ASP B 519 -14.82 -36.40 31.47
CA ASP B 519 -15.52 -35.21 31.99
C ASP B 519 -16.86 -35.02 31.26
N THR B 520 -17.88 -34.51 31.98
CA THR B 520 -19.19 -34.16 31.37
C THR B 520 -19.85 -32.90 32.02
N SER B 521 -19.05 -31.92 32.46
CA SER B 521 -19.54 -30.56 32.77
C SER B 521 -20.00 -29.89 31.48
N MET B 522 -19.22 -30.11 30.42
CA MET B 522 -19.66 -29.94 29.03
C MET B 522 -19.25 -31.16 28.21
N LYS B 523 -19.78 -31.28 27.00
CA LYS B 523 -19.41 -32.36 26.07
C LYS B 523 -18.68 -31.82 24.84
N VAL B 524 -17.38 -32.10 24.79
CA VAL B 524 -16.49 -31.52 23.78
C VAL B 524 -16.61 -32.21 22.42
N TRP B 525 -17.21 -33.40 22.40
CA TRP B 525 -17.24 -34.25 21.19
C TRP B 525 -18.62 -34.29 20.54
N GLN B 526 -18.66 -34.54 19.23
CA GLN B 526 -19.90 -34.77 18.48
C GLN B 526 -20.28 -36.26 18.50
N GLU B 527 -19.34 -37.11 18.10
CA GLU B 527 -19.53 -38.56 18.11
C GLU B 527 -18.23 -39.30 18.39
N LYS B 528 -18.36 -40.53 18.88
CA LYS B 528 -17.22 -41.41 19.15
C LYS B 528 -17.32 -42.67 18.29
N LEU B 529 -16.54 -42.71 17.20
CA LEU B 529 -16.61 -43.81 16.23
C LEU B 529 -15.73 -45.01 16.64
N GLU B 530 -16.37 -45.99 17.29
CA GLU B 530 -15.72 -47.20 17.83
C GLU B 530 -16.61 -48.43 17.62
N GLY B 531 -16.05 -49.61 17.91
CA GLY B 531 -16.79 -50.88 17.78
C GLY B 531 -16.81 -51.36 16.33
N LYS B 532 -18.00 -51.63 15.82
CA LYS B 532 -18.20 -51.88 14.38
C LYS B 532 -18.71 -50.61 13.64
N GLN B 533 -18.69 -49.48 14.35
CA GLN B 533 -18.75 -48.14 13.74
C GLN B 533 -17.38 -47.44 13.88
N ALA B 534 -16.30 -48.22 13.84
CA ALA B 534 -14.93 -47.72 14.03
C ALA B 534 -14.24 -47.52 12.70
N LEU B 535 -13.45 -46.44 12.57
CA LEU B 535 -12.90 -46.03 11.28
C LEU B 535 -11.56 -46.71 10.97
N THR B 536 -11.43 -47.18 9.72
CA THR B 536 -10.17 -47.73 9.20
C THR B 536 -9.19 -46.60 8.90
N VAL B 537 -7.99 -46.97 8.44
CA VAL B 537 -6.95 -45.99 8.07
C VAL B 537 -7.43 -45.08 6.91
N ASN B 538 -8.01 -45.71 5.89
CA ASN B 538 -8.63 -44.98 4.77
C ASN B 538 -9.91 -44.26 5.17
N GLY B 539 -10.61 -44.81 6.16
CA GLY B 539 -11.76 -44.13 6.79
C GLY B 539 -11.42 -42.79 7.43
N VAL B 540 -10.20 -42.68 7.95
CA VAL B 540 -9.69 -41.42 8.46
C VAL B 540 -9.40 -40.44 7.31
N VAL B 541 -8.85 -40.97 6.22
CA VAL B 541 -8.59 -40.17 5.01
C VAL B 541 -9.90 -39.64 4.40
N GLU B 542 -10.98 -40.44 4.47
CA GLU B 542 -12.27 -40.09 3.83
C GLU B 542 -12.98 -38.93 4.53
N LYS B 543 -13.07 -38.99 5.86
CA LYS B 543 -13.66 -37.90 6.67
C LYS B 543 -12.87 -36.61 6.53
N ILE B 544 -11.54 -36.74 6.43
CA ILE B 544 -10.64 -35.60 6.35
C ILE B 544 -10.70 -34.91 4.97
N THR B 545 -10.63 -35.72 3.90
CA THR B 545 -10.55 -35.20 2.53
C THR B 545 -11.92 -34.90 1.89
N ASP B 546 -13.01 -35.14 2.60
CA ASP B 546 -14.36 -35.04 2.04
C ASP B 546 -14.68 -33.59 1.60
N ALA B 547 -14.85 -33.41 0.30
CA ALA B 547 -15.11 -32.09 -0.29
C ALA B 547 -16.51 -31.51 0.05
N SER B 548 -17.33 -32.27 0.77
CA SER B 548 -18.69 -31.87 1.15
C SER B 548 -18.71 -30.59 1.96
N ALA B 549 -17.89 -30.55 3.01
CA ALA B 549 -17.58 -29.31 3.72
C ALA B 549 -16.64 -28.52 2.83
N ASN B 550 -16.97 -27.28 2.54
CA ASN B 550 -16.08 -26.51 1.71
C ASN B 550 -15.08 -25.77 2.56
N GLY B 551 -15.56 -25.27 3.70
CA GLY B 551 -14.73 -24.54 4.63
C GLY B 551 -14.91 -24.83 6.11
N LYS B 552 -15.59 -25.92 6.42
CA LYS B 552 -15.87 -26.27 7.82
C LYS B 552 -14.71 -27.12 8.33
N PRO B 553 -14.29 -26.93 9.59
CA PRO B 553 -13.10 -27.63 10.07
C PRO B 553 -13.42 -29.05 10.52
N VAL B 554 -12.60 -30.01 10.05
CA VAL B 554 -12.75 -31.42 10.41
C VAL B 554 -11.69 -31.77 11.46
N LEU B 555 -12.12 -31.93 12.70
CA LEU B 555 -11.19 -32.06 13.83
C LEU B 555 -11.27 -33.45 14.47
N LEU B 556 -10.40 -34.36 14.01
CA LEU B 556 -10.39 -35.75 14.49
C LEU B 556 -9.30 -36.01 15.53
N GLU B 557 -9.57 -36.95 16.44
CA GLU B 557 -8.55 -37.46 17.37
C GLU B 557 -8.43 -38.99 17.32
N LEU B 558 -7.27 -39.47 16.88
CA LEU B 558 -7.06 -40.91 16.63
C LEU B 558 -6.41 -41.57 17.84
N ASP B 559 -7.17 -42.48 18.48
CA ASP B 559 -6.83 -43.06 19.78
C ASP B 559 -6.35 -44.49 19.63
N ALA B 560 -5.04 -44.68 19.54
CA ALA B 560 -4.43 -46.00 19.69
C ALA B 560 -4.32 -46.32 21.19
N PRO B 561 -4.18 -47.61 21.55
CA PRO B 561 -4.19 -47.96 22.99
C PRO B 561 -2.98 -47.39 23.76
N GLY B 562 -1.83 -47.31 23.11
CA GLY B 562 -0.64 -46.67 23.69
C GLY B 562 -0.67 -45.18 23.52
N HIS B 563 -0.46 -44.72 22.30
CA HIS B 563 -0.36 -43.29 22.00
C HIS B 563 -1.69 -42.74 21.46
N ALA B 564 -1.93 -41.46 21.75
CA ALA B 564 -3.15 -40.76 21.31
C ALA B 564 -2.82 -39.63 20.33
N MET B 565 -3.22 -39.81 19.06
CA MET B 565 -2.79 -38.96 17.94
C MET B 565 -3.95 -38.08 17.47
N ALA B 566 -3.69 -37.24 16.46
CA ALA B 566 -4.73 -36.38 15.87
C ALA B 566 -4.50 -36.04 14.39
N ALA B 567 -5.58 -35.58 13.75
CA ALA B 567 -5.59 -35.21 12.32
C ALA B 567 -6.75 -34.26 12.02
N TRP B 568 -6.56 -33.40 11.02
CA TRP B 568 -7.47 -32.27 10.80
C TRP B 568 -7.57 -31.81 9.34
N ALA B 569 -8.61 -31.03 9.07
CA ALA B 569 -8.75 -30.28 7.82
C ALA B 569 -9.31 -28.88 8.13
N LYS B 570 -8.67 -27.86 7.57
CA LYS B 570 -9.12 -26.46 7.69
C LYS B 570 -8.95 -25.75 6.35
N GLY B 571 -9.48 -24.53 6.26
CA GLY B 571 -9.21 -23.64 5.11
C GLY B 571 -10.30 -23.61 4.06
N SER B 572 -10.06 -22.81 3.03
CA SER B 572 -11.06 -22.45 2.02
C SER B 572 -10.48 -22.58 0.62
N GLY B 573 -10.83 -23.67 -0.06
CA GLY B 573 -10.56 -23.81 -1.50
C GLY B 573 -9.16 -24.26 -1.83
N ASP B 574 -8.30 -23.29 -2.16
CA ASP B 574 -6.89 -23.56 -2.40
C ASP B 574 -6.14 -23.67 -1.08
N ASP B 575 -6.51 -22.79 -0.16
CA ASP B 575 -5.92 -22.74 1.17
C ASP B 575 -6.24 -23.97 2.02
N ARG B 576 -7.26 -24.74 1.62
CA ARG B 576 -7.67 -25.92 2.39
C ARG B 576 -6.57 -26.97 2.51
N VAL B 577 -6.10 -27.15 3.73
CA VAL B 577 -5.00 -28.09 4.03
C VAL B 577 -5.46 -29.17 4.98
N TYR B 578 -4.84 -30.34 4.84
CA TYR B 578 -5.14 -31.52 5.64
C TYR B 578 -3.88 -31.90 6.40
N GLY B 579 -4.04 -32.22 7.69
CA GLY B 579 -2.88 -32.39 8.59
C GLY B 579 -3.01 -33.55 9.54
N PHE B 580 -1.93 -33.80 10.27
CA PHE B 580 -1.81 -34.97 11.15
C PHE B 580 -0.71 -34.74 12.19
N TYR B 581 -1.03 -34.99 13.46
CA TYR B 581 -0.08 -34.89 14.57
C TYR B 581 0.14 -36.26 15.20
N ASP B 582 1.37 -36.77 15.08
CA ASP B 582 1.82 -37.92 15.86
C ASP B 582 2.76 -37.42 16.94
N PRO B 583 2.60 -37.93 18.17
CA PRO B 583 3.45 -37.38 19.23
C PRO B 583 4.95 -37.54 19.03
N ASN B 584 5.41 -38.74 18.68
CA ASN B 584 6.87 -38.96 18.53
C ASN B 584 7.38 -38.83 17.08
N ALA B 585 6.52 -38.36 16.16
CA ALA B 585 6.91 -38.18 14.75
C ALA B 585 6.60 -36.78 14.20
N GLY B 586 6.40 -35.81 15.08
CA GLY B 586 6.16 -34.42 14.66
C GLY B 586 4.77 -34.18 14.08
N ILE B 587 4.64 -33.09 13.32
CA ILE B 587 3.39 -32.70 12.66
C ILE B 587 3.63 -32.54 11.16
N VAL B 588 2.64 -32.90 10.36
CA VAL B 588 2.67 -32.64 8.91
C VAL B 588 1.33 -32.10 8.40
N GLU B 589 1.40 -31.15 7.49
CA GLU B 589 0.23 -30.68 6.74
C GLU B 589 0.50 -30.85 5.24
N PHE B 590 -0.57 -31.09 4.46
CA PHE B 590 -0.49 -31.07 3.00
C PHE B 590 -1.76 -30.40 2.46
N SER B 591 -1.61 -29.57 1.42
CA SER B 591 -2.77 -28.99 0.70
C SER B 591 -3.34 -29.93 -0.37
N SER B 592 -2.54 -30.91 -0.78
CA SER B 592 -2.99 -31.98 -1.67
C SER B 592 -3.53 -33.16 -0.86
N ALA B 593 -4.82 -33.43 -0.99
CA ALA B 593 -5.48 -34.54 -0.29
C ALA B 593 -4.89 -35.92 -0.65
N GLU B 594 -4.42 -36.06 -1.89
CA GLU B 594 -3.82 -37.31 -2.35
C GLU B 594 -2.48 -37.58 -1.65
N LYS B 595 -1.70 -36.52 -1.49
CA LYS B 595 -0.41 -36.58 -0.79
C LYS B 595 -0.58 -36.85 0.72
N PHE B 596 -1.71 -36.45 1.27
CA PHE B 596 -2.08 -36.77 2.66
C PHE B 596 -2.37 -38.26 2.80
N GLY B 597 -3.16 -38.79 1.88
CA GLY B 597 -3.43 -40.22 1.81
C GLY B 597 -2.16 -41.03 1.67
N ASP B 598 -1.29 -40.63 0.74
CA ASP B 598 -0.01 -41.30 0.53
C ASP B 598 0.78 -41.40 1.84
N TYR B 599 0.97 -40.26 2.51
CA TYR B 599 1.69 -40.24 3.80
C TYR B 599 0.97 -41.07 4.86
N LEU B 600 -0.29 -40.75 5.12
CA LEU B 600 -1.00 -41.33 6.25
C LEU B 600 -1.14 -42.86 6.18
N THR B 601 -1.27 -43.39 4.97
CA THR B 601 -1.38 -44.85 4.76
C THR B 601 -0.01 -45.54 4.76
N ARG B 602 1.01 -44.86 4.24
CA ARG B 602 2.38 -45.37 4.29
C ARG B 602 2.95 -45.31 5.70
N PHE B 603 2.44 -44.36 6.49
CA PHE B 603 2.78 -44.26 7.92
C PHE B 603 2.30 -45.48 8.69
N PHE B 604 1.01 -45.80 8.54
CA PHE B 604 0.39 -46.92 9.28
C PHE B 604 0.54 -48.29 8.59
N GLY B 605 0.22 -48.35 7.29
CA GLY B 605 0.14 -49.63 6.56
C GLY B 605 1.47 -50.25 6.17
N LYS B 606 1.41 -51.50 5.72
CA LYS B 606 2.60 -52.32 5.37
C LYS B 606 3.40 -51.77 4.17
N SER B 607 2.74 -51.00 3.29
CA SER B 607 3.34 -50.46 2.05
C SER B 607 4.75 -49.86 2.21
N ASP B 608 4.97 -49.16 3.32
CA ASP B 608 6.27 -48.51 3.57
C ASP B 608 6.75 -48.74 5.00
N LEU B 609 6.14 -48.04 5.95
CA LEU B 609 6.70 -47.91 7.28
C LEU B 609 6.12 -49.00 8.20
N ASN B 610 4.81 -49.23 8.12
CA ASN B 610 4.09 -50.24 8.93
C ASN B 610 4.08 -49.90 10.44
N MET B 611 3.74 -48.65 10.75
CA MET B 611 3.71 -48.16 12.14
C MET B 611 2.40 -48.54 12.84
N ALA B 612 1.45 -49.12 12.09
CA ALA B 612 0.22 -49.63 12.69
C ALA B 612 0.52 -50.82 13.60
N GLN B 613 1.13 -51.86 13.03
CA GLN B 613 1.54 -53.04 13.82
C GLN B 613 2.32 -52.64 15.06
N SER B 614 3.30 -51.76 14.85
CA SER B 614 4.15 -51.25 15.91
C SER B 614 3.38 -50.47 17.00
N TYR B 615 2.42 -49.63 16.58
CA TYR B 615 1.53 -48.89 17.53
C TYR B 615 0.32 -49.75 18.05
N LYS B 616 0.42 -51.08 17.89
CA LYS B 616 -0.28 -52.11 18.73
C LYS B 616 -1.83 -52.32 18.76
N LEU B 617 -2.46 -52.32 17.58
CA LEU B 617 -3.93 -52.25 17.49
C LEU B 617 -4.54 -53.36 16.63
N GLY B 618 -5.77 -53.77 16.99
CA GLY B 618 -6.42 -54.94 16.43
C GLY B 618 -7.02 -54.70 15.06
N LYS B 619 -7.31 -55.78 14.36
CA LYS B 619 -7.88 -55.72 13.01
C LYS B 619 -9.39 -55.96 13.05
N ASN B 620 -10.09 -55.36 12.10
CA ASN B 620 -11.56 -55.48 12.00
C ASN B 620 -11.95 -56.62 11.06
N ASP B 621 -13.25 -56.74 10.87
CA ASP B 621 -13.89 -57.90 10.24
C ASP B 621 -13.20 -58.38 8.95
N ALA B 622 -12.88 -57.45 8.06
CA ALA B 622 -12.23 -57.79 6.76
C ALA B 622 -10.71 -58.05 6.87
N GLY B 623 -10.09 -57.56 7.95
CA GLY B 623 -8.63 -57.64 8.15
C GLY B 623 -7.89 -56.32 7.98
N GLU B 624 -8.61 -55.21 8.08
CA GLU B 624 -8.01 -53.86 8.04
C GLU B 624 -7.79 -53.41 9.49
N ALA B 625 -6.93 -52.42 9.67
CA ALA B 625 -6.72 -51.83 10.98
C ALA B 625 -7.87 -50.93 11.35
N ILE B 626 -8.03 -50.77 12.65
CA ILE B 626 -9.04 -49.95 13.23
C ILE B 626 -8.44 -49.44 14.52
N PHE B 627 -8.47 -48.13 14.71
CA PHE B 627 -8.12 -47.59 16.00
C PHE B 627 -9.31 -47.85 16.92
N ASN B 628 -9.13 -47.40 18.15
CA ASN B 628 -10.06 -47.63 19.24
C ASN B 628 -11.28 -46.73 19.15
N ARG B 629 -11.00 -45.44 19.04
CA ARG B 629 -12.02 -44.46 18.73
C ARG B 629 -11.40 -43.30 17.94
N VAL B 630 -12.18 -42.72 17.05
CA VAL B 630 -11.72 -41.64 16.20
C VAL B 630 -12.68 -40.47 16.44
N VAL B 631 -12.41 -39.73 17.52
CA VAL B 631 -13.32 -38.71 18.03
C VAL B 631 -13.44 -37.57 17.03
N VAL B 632 -14.64 -37.37 16.50
CA VAL B 632 -14.94 -36.19 15.67
C VAL B 632 -15.37 -35.06 16.60
N MET B 633 -14.50 -34.10 16.83
CA MET B 633 -14.68 -33.15 17.94
C MET B 633 -15.22 -31.79 17.52
N ASP B 634 -15.98 -31.18 18.42
CA ASP B 634 -16.44 -29.81 18.26
C ASP B 634 -15.36 -28.85 18.76
N GLY B 635 -14.94 -27.93 17.89
CA GLY B 635 -13.84 -27.01 18.21
C GLY B 635 -14.24 -25.95 19.21
N ASN B 636 -15.42 -25.37 19.01
CA ASN B 636 -15.89 -24.28 19.88
C ASN B 636 -16.16 -24.73 21.32
N THR B 637 -16.69 -25.94 21.48
CA THR B 637 -16.89 -26.53 22.82
C THR B 637 -15.56 -26.86 23.48
N LEU B 638 -14.69 -27.50 22.72
CA LEU B 638 -13.36 -27.87 23.21
C LEU B 638 -12.53 -26.63 23.53
N ALA B 639 -12.69 -25.58 22.74
CA ALA B 639 -11.96 -24.33 22.96
C ALA B 639 -12.37 -23.59 24.23
N SER B 640 -13.61 -23.82 24.68
CA SER B 640 -14.15 -23.17 25.89
C SER B 640 -13.88 -23.94 27.20
N TYR B 641 -13.45 -25.20 27.10
CA TYR B 641 -13.10 -26.02 28.26
C TYR B 641 -11.97 -25.36 29.06
N LYS B 642 -12.09 -25.40 30.38
CA LYS B 642 -11.00 -24.95 31.26
C LYS B 642 -10.53 -26.16 32.09
N PRO B 643 -9.22 -26.41 32.12
CA PRO B 643 -8.74 -27.59 32.86
C PRO B 643 -8.81 -27.45 34.39
N THR B 644 -8.59 -26.23 34.89
CA THR B 644 -8.52 -25.97 36.32
C THR B 644 -9.87 -25.47 36.86
N PHE B 645 -10.34 -26.13 37.94
CA PHE B 645 -11.49 -25.67 38.72
C PHE B 645 -11.01 -24.47 39.57
N GLY B 646 -11.62 -23.30 39.36
CA GLY B 646 -11.19 -22.06 40.02
C GLY B 646 -10.23 -21.20 39.23
N ASP B 647 -10.10 -21.49 37.93
CA ASP B 647 -9.36 -20.63 36.99
C ASP B 647 -10.07 -20.57 35.65
N LYS B 648 -10.10 -19.39 35.08
CA LYS B 648 -11.03 -19.07 33.98
C LYS B 648 -10.40 -19.15 32.58
N THR B 649 -9.07 -19.31 32.51
CA THR B 649 -8.39 -19.39 31.21
C THR B 649 -8.80 -20.67 30.47
N THR B 650 -9.39 -20.49 29.28
CA THR B 650 -9.93 -21.60 28.48
C THR B 650 -8.84 -22.22 27.60
N MET B 651 -9.17 -23.28 26.89
CA MET B 651 -8.21 -23.96 26.00
C MET B 651 -7.68 -23.04 24.89
N GLN B 652 -8.53 -22.14 24.42
CA GLN B 652 -8.10 -21.06 23.52
C GLN B 652 -7.18 -20.06 24.24
N GLY B 653 -7.49 -19.77 25.51
CA GLY B 653 -6.65 -18.93 26.37
C GLY B 653 -5.26 -19.51 26.65
N ILE B 654 -5.21 -20.85 26.76
CA ILE B 654 -3.94 -21.57 26.92
C ILE B 654 -3.06 -21.32 25.70
N LEU B 655 -3.66 -21.44 24.51
CA LEU B 655 -2.96 -21.15 23.25
C LEU B 655 -2.35 -19.75 23.25
N ASP B 656 -3.09 -18.77 23.77
CA ASP B 656 -2.66 -17.36 23.76
C ASP B 656 -1.98 -16.86 25.05
N LEU B 657 -1.43 -17.78 25.85
CA LEU B 657 -0.63 -17.39 27.02
C LEU B 657 0.72 -16.81 26.55
N PRO B 658 1.20 -15.73 27.21
CA PRO B 658 2.51 -15.15 26.87
C PRO B 658 3.65 -15.94 27.50
N VAL B 659 4.84 -15.86 26.89
CA VAL B 659 6.05 -16.45 27.47
C VAL B 659 7.08 -15.35 27.66
N PHE B 660 7.49 -14.72 26.56
CA PHE B 660 8.34 -13.53 26.60
C PHE B 660 7.44 -12.29 26.68
N ASP B 661 7.51 -11.57 27.79
CA ASP B 661 6.57 -10.45 28.04
C ASP B 661 7.01 -9.13 27.39
N ALA B 662 6.03 -8.28 27.08
CA ALA B 662 6.25 -7.08 26.27
C ALA B 662 5.42 -5.92 26.79
N ASN C 10 -8.27 30.99 -14.86
CA ASN C 10 -8.13 32.03 -13.79
C ASN C 10 -9.49 32.70 -13.46
N VAL C 11 -10.55 31.88 -13.40
CA VAL C 11 -11.95 32.36 -13.24
C VAL C 11 -12.97 31.22 -12.81
N ALA C 12 -14.05 31.63 -12.12
CA ALA C 12 -15.32 30.82 -11.89
C ALA C 12 -15.22 29.41 -11.20
N ILE C 13 -14.77 29.39 -9.94
CA ILE C 13 -14.11 28.20 -9.35
C ILE C 13 -14.87 27.46 -8.20
N GLU C 14 -16.20 27.52 -8.20
CA GLU C 14 -17.01 26.83 -7.18
C GLU C 14 -17.88 25.76 -7.82
N ASN C 15 -17.31 24.56 -7.97
CA ASN C 15 -18.09 23.37 -8.30
C ASN C 15 -18.19 22.55 -7.02
N ASP C 16 -19.40 22.29 -6.57
CA ASP C 16 -19.61 21.67 -5.26
C ASP C 16 -20.15 20.23 -5.38
N GLY C 17 -19.49 19.31 -4.68
CA GLY C 17 -19.89 17.88 -4.66
C GLY C 17 -19.46 17.15 -3.38
N THR C 18 -20.13 16.02 -3.12
CA THR C 18 -20.23 15.42 -1.76
C THR C 18 -19.97 13.87 -1.76
N PRO C 19 -18.73 13.45 -2.13
CA PRO C 19 -18.07 12.19 -1.64
C PRO C 19 -17.44 12.29 -0.23
N PRO C 20 -16.70 11.25 0.22
CA PRO C 20 -15.73 11.42 1.30
C PRO C 20 -14.41 11.92 0.73
N ARG C 21 -13.37 12.01 1.55
CA ARG C 21 -12.18 12.80 1.18
C ARG C 21 -10.88 11.97 0.98
N ASP C 22 -10.13 12.30 -0.09
CA ASP C 22 -8.99 11.50 -0.60
C ASP C 22 -7.69 11.76 0.14
N LYS C 23 -6.66 10.95 -0.16
CA LYS C 23 -5.31 11.16 0.43
C LYS C 23 -4.12 10.66 -0.40
N GLU C 24 -2.94 10.98 0.08
CA GLU C 24 -1.72 10.52 -0.50
C GLU C 24 -0.71 10.23 0.60
N SER C 25 -0.06 9.09 0.58
CA SER C 25 0.76 8.67 1.72
C SER C 25 2.26 8.48 1.43
N LEU C 26 2.59 8.08 0.23
CA LEU C 26 3.96 7.80 -0.12
C LEU C 26 4.72 6.64 0.57
N SER C 27 5.93 6.93 1.10
CA SER C 27 6.86 5.90 1.61
C SER C 27 7.40 6.37 2.98
N PRO C 28 7.88 5.42 3.81
CA PRO C 28 7.77 5.52 5.28
C PRO C 28 8.62 6.57 5.99
N LEU C 29 9.73 7.02 5.39
CA LEU C 29 10.49 8.17 5.93
C LEU C 29 9.77 9.47 5.64
N THR C 30 9.49 9.68 4.35
CA THR C 30 8.82 10.89 3.87
C THR C 30 7.39 11.01 4.41
N ARG C 31 6.82 9.90 4.90
CA ARG C 31 5.54 9.94 5.62
C ARG C 31 5.70 10.51 7.05
N PHE C 32 6.63 9.94 7.81
CA PHE C 32 6.92 10.42 9.18
C PHE C 32 7.97 11.53 9.15
N LEU C 33 8.13 12.17 7.98
CA LEU C 33 8.59 13.57 7.87
C LEU C 33 7.40 14.49 7.64
N ASN C 34 6.61 14.20 6.60
CA ASN C 34 5.41 14.98 6.26
C ASN C 34 4.43 15.07 7.42
N ASN C 35 4.44 14.04 8.28
CA ASN C 35 3.74 14.10 9.57
C ASN C 35 4.37 15.14 10.54
N GLU C 36 5.70 15.15 10.64
CA GLU C 36 6.39 16.16 11.44
C GLU C 36 6.22 17.59 10.87
N LEU C 37 6.21 17.74 9.55
CA LEU C 37 6.08 19.08 8.92
C LEU C 37 4.67 19.65 9.03
N TYR C 38 3.68 18.87 8.62
CA TYR C 38 2.30 19.37 8.42
C TYR C 38 1.30 18.94 9.50
N GLY C 39 1.71 18.02 10.37
CA GLY C 39 0.80 17.38 11.34
C GLY C 39 0.33 16.02 10.85
N GLU C 40 -0.02 15.13 11.78
CA GLU C 40 -0.48 13.78 11.43
C GLU C 40 -1.82 13.84 10.71
N LYS C 41 -2.10 12.80 9.93
CA LYS C 41 -3.24 12.75 9.02
C LYS C 41 -4.60 13.02 9.69
N ASP C 42 -4.83 12.39 10.85
CA ASP C 42 -6.06 12.59 11.64
C ASP C 42 -6.16 14.00 12.24
N ALA C 43 -5.04 14.48 12.80
CA ALA C 43 -4.98 15.82 13.40
C ALA C 43 -5.34 16.91 12.40
N ARG C 44 -4.87 16.75 11.16
CA ARG C 44 -5.18 17.67 10.05
C ARG C 44 -6.68 17.77 9.72
N ARG C 45 -7.40 16.66 9.91
CA ARG C 45 -8.82 16.56 9.52
C ARG C 45 -9.89 16.76 10.59
N LYS C 46 -9.53 16.41 11.84
CA LYS C 46 -10.44 16.57 12.98
C LYS C 46 -10.96 18.00 13.06
N ILE C 47 -12.28 18.13 12.96
CA ILE C 47 -12.97 19.31 13.39
C ILE C 47 -13.69 18.91 14.68
N GLY C 48 -13.40 19.62 15.77
CA GLY C 48 -14.02 19.34 17.07
C GLY C 48 -15.52 19.59 17.03
N GLU C 49 -16.27 18.86 17.86
CA GLU C 49 -17.73 18.90 17.79
C GLU C 49 -18.33 20.24 18.29
N ILE C 50 -17.61 20.92 19.19
CA ILE C 50 -18.06 22.22 19.74
C ILE C 50 -18.11 23.25 18.61
N THR C 51 -17.04 23.27 17.81
CA THR C 51 -16.94 24.14 16.63
C THR C 51 -18.00 23.77 15.58
N GLN C 52 -18.11 22.47 15.26
CA GLN C 52 -19.12 22.01 14.29
C GLN C 52 -20.54 22.38 14.73
N THR C 53 -20.81 22.34 16.04
CA THR C 53 -22.09 22.81 16.59
C THR C 53 -22.29 24.31 16.34
N LEU C 54 -21.25 25.10 16.59
CA LEU C 54 -21.28 26.54 16.31
C LEU C 54 -21.42 26.80 14.80
N LEU C 55 -20.61 26.12 13.99
CA LEU C 55 -20.68 26.26 12.52
C LEU C 55 -22.00 25.76 11.92
N ASP C 56 -22.63 24.78 12.57
CA ASP C 56 -23.98 24.30 12.17
C ASP C 56 -25.03 25.41 12.32
N HIS C 57 -24.52 26.55 12.79
CA HIS C 57 -25.20 27.83 12.80
C HIS C 57 -24.56 28.60 11.64
N ALA C 58 -25.16 28.71 10.44
CA ALA C 58 -26.53 28.29 10.09
C ALA C 58 -27.54 29.30 10.60
N VAL C 59 -27.05 30.52 10.89
CA VAL C 59 -27.89 31.64 11.30
C VAL C 59 -28.95 31.26 12.34
N GLN C 65 -22.63 30.46 3.68
CA GLN C 65 -21.81 30.16 4.85
C GLN C 65 -20.85 28.94 4.71
N LYS C 66 -21.16 28.00 3.81
CA LYS C 66 -20.26 26.85 3.55
C LYS C 66 -19.72 26.83 2.11
N VAL C 67 -18.47 26.38 1.96
CA VAL C 67 -17.70 26.55 0.71
C VAL C 67 -17.01 25.27 0.26
N THR C 68 -17.01 25.04 -1.05
CA THR C 68 -16.16 24.01 -1.66
C THR C 68 -15.73 24.45 -3.05
N LEU C 69 -14.41 24.48 -3.24
CA LEU C 69 -13.78 24.97 -4.48
C LEU C 69 -13.06 23.86 -5.20
N LYS C 70 -12.88 24.04 -6.51
CA LYS C 70 -12.06 23.14 -7.33
C LYS C 70 -10.58 23.45 -7.11
N GLY C 71 -9.91 22.61 -6.34
CA GLY C 71 -8.47 22.69 -6.16
C GLY C 71 -7.72 22.02 -7.29
N GLU C 72 -6.39 22.20 -7.29
CA GLU C 72 -5.52 21.62 -8.30
C GLU C 72 -5.38 20.10 -8.13
N VAL C 73 -5.47 19.63 -6.89
CA VAL C 73 -5.34 18.20 -6.54
C VAL C 73 -6.67 17.59 -6.01
N GLY C 74 -7.73 18.36 -6.06
CA GLY C 74 -9.04 17.87 -5.65
C GLY C 74 -9.89 18.96 -5.04
N ARG C 75 -10.85 18.56 -4.22
CA ARG C 75 -11.73 19.51 -3.54
C ARG C 75 -11.05 20.22 -2.38
N LEU C 76 -11.41 21.48 -2.19
CA LEU C 76 -10.94 22.27 -1.07
C LEU C 76 -12.14 22.80 -0.31
N THR C 77 -12.51 22.08 0.76
CA THR C 77 -13.69 22.44 1.56
C THR C 77 -13.34 23.50 2.57
N GLY C 78 -14.39 24.13 3.10
CA GLY C 78 -14.24 25.15 4.10
C GLY C 78 -15.49 25.98 4.26
N TYR C 79 -15.33 27.13 4.92
CA TYR C 79 -16.45 28.00 5.28
C TYR C 79 -16.15 29.46 4.92
N TYR C 80 -17.21 30.19 4.61
CA TYR C 80 -17.18 31.65 4.44
C TYR C 80 -18.06 32.27 5.52
N HIS C 81 -17.57 33.34 6.13
CA HIS C 81 -18.23 33.90 7.32
C HIS C 81 -18.61 35.36 7.06
N GLN C 82 -19.88 35.68 7.34
CA GLN C 82 -20.52 36.94 6.92
C GLN C 82 -20.11 38.07 7.87
N GLY C 83 -20.39 39.30 7.45
CA GLY C 83 -20.18 40.46 8.31
C GLY C 83 -21.47 40.74 9.03
N ALA C 84 -21.51 41.87 9.71
CA ALA C 84 -22.48 42.15 10.77
C ALA C 84 -23.36 43.34 10.38
N ALA C 85 -24.35 43.65 11.22
CA ALA C 85 -25.12 44.88 11.06
C ALA C 85 -24.13 46.03 11.06
N SER C 86 -24.14 46.87 10.02
CA SER C 86 -23.20 48.00 9.92
C SER C 86 -23.16 48.78 11.23
N SER C 87 -24.35 49.06 11.77
CA SER C 87 -24.53 49.59 13.14
C SER C 87 -25.99 50.01 13.38
N GLY C 96 -17.35 46.84 3.76
CA GLY C 96 -17.63 45.75 2.82
C GLY C 96 -16.40 45.02 2.29
N LYS C 97 -15.43 44.75 3.18
CA LYS C 97 -14.18 44.08 2.80
C LYS C 97 -14.01 42.71 3.51
N VAL C 98 -13.07 41.90 3.00
CA VAL C 98 -12.95 40.45 3.35
C VAL C 98 -11.50 40.10 3.76
N VAL C 99 -11.38 39.09 4.61
CA VAL C 99 -10.07 38.54 5.05
C VAL C 99 -9.85 37.11 4.51
N LEU C 100 -8.93 36.97 3.56
CA LEU C 100 -8.53 35.64 3.09
C LEU C 100 -7.63 35.02 4.14
N PHE C 101 -8.18 34.06 4.88
CA PHE C 101 -7.46 33.39 5.96
C PHE C 101 -6.74 32.13 5.49
N LEU C 102 -5.42 32.17 5.56
CA LEU C 102 -4.60 30.99 5.31
C LEU C 102 -4.14 30.42 6.63
N HIS C 103 -4.58 29.19 6.91
CA HIS C 103 -4.32 28.51 8.18
C HIS C 103 -2.93 27.88 8.24
N GLY C 104 -2.45 27.66 9.45
CA GLY C 104 -1.16 27.00 9.71
C GLY C 104 -1.28 25.48 9.77
N SER C 105 -0.16 24.82 10.06
CA SER C 105 -0.11 23.35 10.11
C SER C 105 -0.67 22.80 11.42
N GLY C 106 -0.81 21.47 11.50
CA GLY C 106 -1.20 20.77 12.74
C GLY C 106 -2.70 20.50 12.94
N SER C 107 -3.53 21.51 12.68
CA SER C 107 -4.97 21.39 12.88
C SER C 107 -5.72 21.74 11.60
N SER C 108 -7.04 21.57 11.63
CA SER C 108 -7.93 21.95 10.53
C SER C 108 -8.08 23.47 10.43
N ALA C 109 -8.53 23.94 9.27
CA ALA C 109 -8.82 25.36 9.07
C ALA C 109 -9.97 25.84 9.94
N GLU C 110 -10.91 24.94 10.25
CA GLU C 110 -12.08 25.28 11.08
C GLU C 110 -11.70 25.48 12.55
N GLU C 111 -10.73 24.69 13.04
CA GLU C 111 -10.26 24.79 14.45
C GLU C 111 -9.31 25.98 14.70
N GLN C 112 -8.44 26.26 13.74
CA GLN C 112 -7.55 27.42 13.83
C GLN C 112 -8.32 28.73 13.72
N ALA C 113 -9.34 28.73 12.87
CA ALA C 113 -10.13 29.95 12.58
C ALA C 113 -11.16 30.31 13.66
N SER C 114 -11.70 29.28 14.34
CA SER C 114 -12.76 29.48 15.37
C SER C 114 -12.49 30.60 16.40
N GLU C 115 -11.22 30.75 16.78
CA GLU C 115 -10.80 31.77 17.74
C GLU C 115 -10.76 33.16 17.09
N ILE C 116 -10.28 33.20 15.86
CA ILE C 116 -10.00 34.45 15.11
C ILE C 116 -11.15 34.96 14.24
N ARG C 117 -11.98 34.02 13.81
CA ARG C 117 -13.27 34.23 13.13
C ARG C 117 -14.31 35.20 13.72
N ASN C 118 -14.22 35.48 15.03
CA ASN C 118 -15.19 36.37 15.69
C ASN C 118 -14.76 37.84 15.71
N HIS C 119 -13.45 38.07 15.83
CA HIS C 119 -12.92 39.44 16.02
C HIS C 119 -13.00 40.28 14.74
N TYR C 120 -12.98 39.61 13.59
CA TYR C 120 -13.28 40.25 12.30
C TYR C 120 -14.79 40.43 12.11
N GLN C 121 -15.56 39.40 12.50
CA GLN C 121 -17.04 39.39 12.33
C GLN C 121 -17.73 40.57 13.00
N LYS C 122 -17.34 40.85 14.25
CA LYS C 122 -17.99 41.90 15.06
C LYS C 122 -17.75 43.30 14.48
N GLN C 123 -16.62 43.49 13.81
CA GLN C 123 -16.31 44.76 13.13
C GLN C 123 -17.10 44.96 11.84
N GLY C 124 -17.62 43.87 11.28
CA GLY C 124 -18.33 43.90 10.00
C GLY C 124 -17.40 43.55 8.84
N ILE C 125 -16.48 42.62 9.11
CA ILE C 125 -15.55 42.10 8.11
C ILE C 125 -15.90 40.64 7.82
N ASP C 126 -15.95 40.28 6.53
CA ASP C 126 -16.09 38.88 6.13
C ASP C 126 -14.75 38.16 6.26
N MET C 127 -14.80 36.83 6.18
CA MET C 127 -13.59 36.00 6.28
C MET C 127 -13.78 34.69 5.52
N LEU C 128 -12.81 34.34 4.68
CA LEU C 128 -12.82 33.06 3.95
C LEU C 128 -11.85 32.07 4.59
N ALA C 129 -12.39 31.13 5.37
CA ALA C 129 -11.57 30.13 6.09
C ALA C 129 -11.59 28.76 5.39
N VAL C 130 -10.75 28.60 4.38
CA VAL C 130 -10.75 27.39 3.55
C VAL C 130 -9.53 26.53 3.88
N ASN C 131 -9.74 25.22 3.91
CA ASN C 131 -8.68 24.24 4.17
C ASN C 131 -7.80 24.06 2.94
N LEU C 132 -6.52 23.79 3.19
CA LEU C 132 -5.55 23.49 2.14
C LEU C 132 -5.57 21.98 1.94
N ARG C 133 -4.91 21.50 0.89
CA ARG C 133 -4.95 20.07 0.56
C ARG C 133 -4.45 19.24 1.72
N GLY C 134 -5.21 18.22 2.09
CA GLY C 134 -4.85 17.33 3.21
C GLY C 134 -5.24 17.85 4.59
N TYR C 135 -6.04 18.91 4.63
CA TYR C 135 -6.59 19.44 5.88
C TYR C 135 -8.13 19.40 5.87
N GLY C 136 -8.72 19.32 7.06
CA GLY C 136 -10.18 19.34 7.22
C GLY C 136 -10.94 18.28 6.45
N GLU C 137 -11.60 18.70 5.36
CA GLU C 137 -12.32 17.79 4.45
C GLU C 137 -11.88 18.03 2.99
N SER C 138 -10.68 18.58 2.81
CA SER C 138 -10.13 18.89 1.48
C SER C 138 -9.33 17.71 0.96
N ASP C 139 -9.53 17.37 -0.31
CA ASP C 139 -8.82 16.27 -0.94
C ASP C 139 -7.37 16.66 -1.15
N GLY C 140 -6.49 15.65 -1.04
CA GLY C 140 -5.07 15.79 -1.38
C GLY C 140 -4.15 15.52 -0.22
N GLY C 141 -2.85 15.61 -0.49
CA GLY C 141 -1.80 15.50 0.53
C GLY C 141 -0.88 16.71 0.50
N PRO C 142 -0.47 17.21 1.69
CA PRO C 142 0.23 18.50 1.73
C PRO C 142 1.57 18.53 0.98
N SER C 143 1.86 19.68 0.37
CA SER C 143 3.01 19.85 -0.51
C SER C 143 3.26 21.35 -0.71
N GLU C 144 4.52 21.77 -0.70
CA GLU C 144 4.86 23.21 -0.75
C GLU C 144 4.39 23.89 -2.04
N LYS C 145 4.73 23.30 -3.19
CA LYS C 145 4.28 23.82 -4.50
C LYS C 145 2.76 23.74 -4.66
N GLY C 146 2.16 22.77 -3.98
CA GLY C 146 0.72 22.58 -4.00
C GLY C 146 -0.06 23.52 -3.10
N LEU C 147 0.44 23.74 -1.88
CA LEU C 147 -0.23 24.61 -0.91
C LEU C 147 -0.35 26.04 -1.41
N TYR C 148 0.70 26.53 -2.07
CA TYR C 148 0.68 27.86 -2.69
C TYR C 148 -0.42 27.92 -3.74
N GLN C 149 -0.51 26.86 -4.55
CA GLN C 149 -1.54 26.73 -5.59
C GLN C 149 -2.95 26.80 -5.00
N ASP C 150 -3.15 26.11 -3.88
CA ASP C 150 -4.46 26.07 -3.20
C ASP C 150 -4.83 27.42 -2.59
N ALA C 151 -3.84 28.15 -2.09
CA ALA C 151 -4.05 29.51 -1.60
C ALA C 151 -4.65 30.40 -2.69
N ARG C 152 -4.14 30.24 -3.91
CA ARG C 152 -4.59 31.05 -5.05
C ARG C 152 -5.99 30.68 -5.54
N THR C 153 -6.40 29.44 -5.31
CA THR C 153 -7.78 29.00 -5.58
C THR C 153 -8.78 29.71 -4.68
N MET C 154 -8.41 29.88 -3.41
CA MET C 154 -9.24 30.62 -2.43
C MET C 154 -9.31 32.11 -2.78
N PHE C 155 -8.19 32.67 -3.27
CA PHE C 155 -8.14 34.03 -3.83
C PHE C 155 -9.07 34.15 -5.05
N ASN C 156 -8.92 33.24 -6.01
CA ASN C 156 -9.73 33.25 -7.22
C ASN C 156 -11.19 32.94 -6.94
N TYR C 157 -11.52 32.40 -5.77
CA TYR C 157 -12.92 32.32 -5.32
C TYR C 157 -13.44 33.69 -4.85
N LEU C 158 -12.56 34.51 -4.29
CA LEU C 158 -12.97 35.82 -3.79
C LEU C 158 -13.16 36.88 -4.89
N VAL C 159 -12.16 37.08 -5.74
CA VAL C 159 -12.28 38.12 -6.80
C VAL C 159 -13.26 37.73 -7.95
N ASN C 160 -13.24 36.47 -8.35
CA ASN C 160 -14.04 36.02 -9.51
C ASN C 160 -15.48 35.68 -9.19
N ASP C 161 -15.67 34.71 -8.30
CA ASP C 161 -17.00 34.21 -7.97
C ASP C 161 -17.77 35.01 -6.96
N LYS C 162 -17.15 35.20 -5.79
CA LYS C 162 -17.68 36.14 -4.80
C LYS C 162 -17.54 37.58 -5.32
N GLY C 163 -16.88 37.71 -6.47
CA GLY C 163 -16.89 38.95 -7.28
C GLY C 163 -16.41 40.25 -6.62
N ILE C 164 -15.32 40.16 -5.87
CA ILE C 164 -14.69 41.30 -5.17
C ILE C 164 -13.85 42.18 -6.11
N ASP C 165 -13.37 43.32 -5.63
CA ASP C 165 -12.70 44.28 -6.49
C ASP C 165 -11.20 44.55 -6.87
N PRO C 166 -10.11 43.90 -6.30
CA PRO C 166 -10.29 43.04 -5.15
C PRO C 166 -9.47 43.66 -4.02
N SER C 167 -9.15 44.95 -4.12
CA SER C 167 -8.38 45.59 -3.12
C SER C 167 -9.33 45.89 -2.02
N ASN C 168 -10.06 44.88 -1.64
CA ASN C 168 -10.98 44.90 -0.53
C ASN C 168 -10.66 43.73 0.37
N ILE C 169 -9.50 43.10 0.13
CA ILE C 169 -9.07 41.92 0.80
C ILE C 169 -7.68 41.94 1.36
N ILE C 170 -7.56 41.44 2.58
CA ILE C 170 -6.28 41.17 3.16
C ILE C 170 -6.00 39.69 3.30
N ILE C 171 -4.72 39.35 3.15
CA ILE C 171 -4.26 37.99 3.37
C ILE C 171 -3.85 37.90 4.84
N HIS C 172 -4.56 37.07 5.60
CA HIS C 172 -4.16 36.75 6.96
C HIS C 172 -3.48 35.39 6.91
N GLY C 173 -2.18 35.39 7.19
CA GLY C 173 -1.38 34.17 7.24
C GLY C 173 -0.97 33.91 8.67
N TYR C 174 -1.56 32.90 9.28
CA TYR C 174 -1.16 32.46 10.60
C TYR C 174 -0.16 31.33 10.50
N SER C 175 0.91 31.40 11.28
CA SER C 175 1.91 30.33 11.37
C SER C 175 2.42 29.95 9.96
N MET C 176 2.29 28.67 9.57
CA MET C 176 2.68 28.25 8.22
C MET C 176 2.04 29.12 7.14
N GLY C 177 0.83 29.59 7.41
CA GLY C 177 0.11 30.53 6.54
C GLY C 177 0.93 31.74 6.10
N GLY C 178 1.80 32.23 7.00
CA GLY C 178 2.68 33.38 6.72
C GLY C 178 3.47 33.29 5.42
N PRO C 179 4.33 32.26 5.29
CA PRO C 179 5.03 32.00 4.04
C PRO C 179 4.10 31.88 2.83
N ILE C 180 2.95 31.24 3.02
CA ILE C 180 1.98 31.00 1.95
C ILE C 180 1.31 32.33 1.58
N ALA C 181 0.87 33.05 2.59
CA ALA C 181 0.30 34.39 2.45
C ALA C 181 1.23 35.33 1.69
N ALA C 182 2.53 35.27 2.03
CA ALA C 182 3.56 36.06 1.36
C ALA C 182 3.66 35.68 -0.13
N ASP C 183 3.63 34.39 -0.43
CA ASP C 183 3.68 33.91 -1.81
C ASP C 183 2.46 34.39 -2.58
N LEU C 184 1.27 34.24 -1.99
CA LEU C 184 0.02 34.67 -2.65
C LEU C 184 -0.01 36.17 -2.94
N ALA C 185 0.44 36.96 -1.96
CA ALA C 185 0.50 38.42 -2.14
C ALA C 185 1.40 38.84 -3.32
N ARG C 186 2.51 38.12 -3.52
CA ARG C 186 3.41 38.36 -4.66
C ARG C 186 2.74 37.99 -5.99
N TYR C 187 2.11 36.82 -6.04
CA TYR C 187 1.39 36.36 -7.24
C TYR C 187 0.30 37.35 -7.64
N ALA C 188 -0.48 37.80 -6.66
CA ALA C 188 -1.58 38.75 -6.90
C ALA C 188 -1.07 40.07 -7.48
N ALA C 189 0.02 40.56 -6.94
CA ALA C 189 0.67 41.77 -7.45
C ALA C 189 1.22 41.53 -8.85
N GLN C 190 1.96 40.44 -9.01
CA GLN C 190 2.52 40.04 -10.30
C GLN C 190 1.44 39.84 -11.38
N ASN C 191 0.25 39.43 -10.95
CA ASN C 191 -0.87 39.15 -11.84
C ASN C 191 -1.91 40.29 -11.89
N GLY C 192 -1.56 41.46 -11.36
CA GLY C 192 -2.38 42.67 -11.53
C GLY C 192 -3.68 42.73 -10.70
N GLN C 193 -3.81 41.82 -9.74
CA GLN C 193 -4.93 41.86 -8.80
C GLN C 193 -4.43 42.25 -7.41
N ALA C 194 -3.49 43.20 -7.37
CA ALA C 194 -2.66 43.48 -6.20
C ALA C 194 -3.51 43.62 -4.92
N VAL C 195 -3.27 42.74 -3.96
CA VAL C 195 -4.07 42.68 -2.72
C VAL C 195 -3.81 43.91 -1.82
N SER C 196 -4.80 44.27 -1.01
CA SER C 196 -4.73 45.48 -0.18
C SER C 196 -3.67 45.44 0.93
N GLY C 197 -3.63 44.34 1.69
CA GLY C 197 -2.68 44.22 2.81
C GLY C 197 -2.28 42.79 3.11
N LEU C 198 -1.08 42.63 3.65
CA LEU C 198 -0.60 41.34 4.13
C LEU C 198 -0.60 41.37 5.65
N LEU C 199 -0.84 40.22 6.26
CA LEU C 199 -0.68 40.03 7.70
C LEU C 199 0.10 38.75 7.97
N LEU C 200 1.29 38.90 8.54
CA LEU C 200 2.08 37.77 9.01
C LEU C 200 1.84 37.56 10.51
N ASP C 201 0.86 36.72 10.82
CA ASP C 201 0.37 36.51 12.18
C ASP C 201 1.17 35.38 12.87
N ARG C 202 2.13 35.76 13.70
CA ARG C 202 2.98 34.80 14.43
C ARG C 202 3.60 33.78 13.45
N PRO C 203 4.38 34.28 12.47
CA PRO C 203 4.62 33.53 11.27
C PRO C 203 5.83 32.62 11.38
N MET C 204 5.83 31.59 10.54
CA MET C 204 7.02 30.76 10.31
C MET C 204 7.95 31.54 9.38
N PRO C 205 9.15 31.94 9.88
CA PRO C 205 10.11 32.63 8.99
C PRO C 205 10.62 31.73 7.87
N SER C 206 10.99 30.50 8.23
CA SER C 206 11.27 29.43 7.28
C SER C 206 11.06 28.09 7.96
N MET C 207 10.75 27.07 7.18
CA MET C 207 10.45 25.74 7.73
C MET C 207 11.61 25.26 8.59
N THR C 208 12.81 25.35 8.02
CA THR C 208 14.04 25.05 8.73
C THR C 208 14.10 25.73 10.10
N LYS C 209 13.94 27.06 10.11
CA LYS C 209 14.03 27.86 11.34
C LYS C 209 12.84 27.67 12.29
N ALA C 210 11.68 27.29 11.74
CA ALA C 210 10.51 26.96 12.54
C ALA C 210 10.74 25.69 13.38
N ILE C 211 11.42 24.71 12.78
CA ILE C 211 11.74 23.46 13.47
C ILE C 211 12.74 23.70 14.61
N THR C 212 13.89 24.27 14.27
CA THR C 212 14.99 24.48 15.25
C THR C 212 14.80 25.63 16.26
N ALA C 213 13.73 26.42 16.10
CA ALA C 213 13.35 27.47 17.07
C ALA C 213 12.72 26.91 18.35
N HIS C 214 11.67 26.09 18.20
CA HIS C 214 10.99 25.45 19.35
C HIS C 214 11.90 24.44 20.07
N GLU C 215 12.84 23.85 19.32
CA GLU C 215 13.95 23.08 19.92
C GLU C 215 15.21 23.98 19.96
N VAL C 216 16.24 23.47 20.64
CA VAL C 216 17.25 24.13 21.48
C VAL C 216 18.46 24.65 20.67
N ALA C 217 18.17 25.57 19.73
CA ALA C 217 19.18 26.44 19.06
C ALA C 217 20.14 25.87 18.00
N ASN C 218 20.84 24.78 18.28
CA ASN C 218 21.71 24.13 17.27
C ASN C 218 22.04 22.61 17.38
N PRO C 219 21.25 21.84 18.09
CA PRO C 219 21.61 20.46 18.38
C PRO C 219 21.07 19.54 17.32
N ALA C 220 21.82 18.49 17.00
CA ALA C 220 21.40 17.49 16.04
C ALA C 220 20.53 16.65 16.96
N GLY C 221 20.04 15.51 16.51
CA GLY C 221 20.32 14.99 15.19
C GLY C 221 19.10 14.84 14.36
N ILE C 222 18.14 14.00 14.72
CA ILE C 222 17.03 13.98 13.78
C ILE C 222 16.47 15.38 13.51
N VAL C 223 16.29 16.19 14.55
CA VAL C 223 15.59 17.49 14.42
C VAL C 223 16.33 18.46 13.49
N GLY C 224 17.66 18.32 13.43
CA GLY C 224 18.49 19.09 12.50
C GLY C 224 18.62 18.44 11.13
N ALA C 225 18.57 17.11 11.09
CA ALA C 225 18.55 16.36 9.81
C ALA C 225 17.31 16.68 9.00
N ILE C 226 16.18 16.79 9.68
CA ILE C 226 14.92 17.20 9.04
C ILE C 226 15.02 18.68 8.59
N ALA C 227 15.60 19.52 9.44
CA ALA C 227 15.82 20.94 9.12
C ALA C 227 16.69 21.10 7.88
N LYS C 228 17.76 20.33 7.81
CA LYS C 228 18.67 20.35 6.66
C LYS C 228 18.03 19.76 5.40
N ALA C 229 17.07 18.85 5.59
CA ALA C 229 16.31 18.26 4.47
C ALA C 229 15.32 19.23 3.84
N VAL C 230 14.77 20.12 4.66
CA VAL C 230 13.68 21.00 4.25
C VAL C 230 14.17 22.48 4.07
N ASN C 231 15.42 22.60 3.59
CA ASN C 231 16.08 23.90 3.42
C ASN C 231 15.46 24.66 2.26
N GLY C 232 15.18 25.94 2.50
CA GLY C 232 14.62 26.82 1.47
C GLY C 232 13.14 26.59 1.16
N GLN C 233 12.43 25.95 2.09
CA GLN C 233 10.99 25.77 1.97
C GLN C 233 10.28 26.72 2.93
N PHE C 234 9.17 27.28 2.46
CA PHE C 234 8.30 28.14 3.28
C PHE C 234 9.03 29.35 3.87
N SER C 235 9.87 29.98 3.06
CA SER C 235 10.66 31.13 3.50
C SER C 235 9.92 32.42 3.15
N VAL C 236 9.61 33.22 4.18
CA VAL C 236 8.83 34.44 4.00
C VAL C 236 9.59 35.48 3.19
N GLU C 237 10.83 35.72 3.57
CA GLU C 237 11.69 36.65 2.83
C GLU C 237 11.84 36.23 1.36
N LYS C 238 11.98 34.93 1.13
CA LYS C 238 12.16 34.40 -0.23
C LYS C 238 10.87 34.51 -1.05
N ASN C 239 9.73 34.29 -0.40
CA ASN C 239 8.42 34.40 -1.06
C ASN C 239 8.04 35.87 -1.36
N LEU C 240 8.47 36.79 -0.50
CA LEU C 240 8.14 38.21 -0.67
C LEU C 240 8.92 38.88 -1.81
N LYS C 241 10.10 38.34 -2.12
CA LYS C 241 10.96 38.94 -3.15
C LYS C 241 10.29 38.86 -4.53
N GLY C 242 9.88 40.03 -5.02
CA GLY C 242 8.97 40.14 -6.15
C GLY C 242 7.84 41.09 -5.82
N LEU C 243 7.37 41.02 -4.58
CA LEU C 243 6.31 41.91 -4.11
C LEU C 243 6.78 43.37 -4.20
N PRO C 244 5.88 44.28 -4.59
CA PRO C 244 6.18 45.71 -4.51
C PRO C 244 6.34 46.14 -3.05
N LYS C 245 7.33 46.99 -2.80
CA LYS C 245 7.76 47.30 -1.44
C LYS C 245 6.76 48.23 -0.72
N GLU C 246 5.91 48.93 -1.49
CA GLU C 246 4.84 49.78 -0.94
C GLU C 246 3.76 48.97 -0.22
N THR C 247 3.59 47.70 -0.61
CA THR C 247 2.54 46.85 -0.08
C THR C 247 2.65 46.75 1.42
N PRO C 248 1.59 47.16 2.15
CA PRO C 248 1.66 47.16 3.60
C PRO C 248 1.71 45.76 4.17
N ILE C 249 2.73 45.51 4.97
CA ILE C 249 2.93 44.23 5.62
C ILE C 249 2.85 44.48 7.11
N LEU C 250 1.93 43.79 7.79
CA LEU C 250 1.86 43.85 9.25
C LEU C 250 2.42 42.56 9.83
N LEU C 251 3.46 42.70 10.66
CA LEU C 251 4.19 41.54 11.20
C LEU C 251 4.06 41.47 12.73
N LEU C 252 3.25 40.55 13.22
CA LEU C 252 3.02 40.39 14.66
C LEU C 252 3.66 39.08 15.09
N THR C 253 4.59 39.15 16.04
CA THR C 253 5.30 37.95 16.49
C THR C 253 4.83 37.48 17.85
N ASP C 254 5.03 36.19 18.11
CA ASP C 254 4.78 35.59 19.43
C ASP C 254 5.93 35.90 20.40
N ASN C 255 5.71 35.57 21.68
CA ASN C 255 6.72 35.81 22.73
C ASN C 255 7.73 34.66 22.88
N GLU C 256 7.61 33.65 22.03
CA GLU C 256 8.45 32.45 22.10
C GLU C 256 9.41 32.41 20.92
N GLY C 257 10.29 31.41 20.92
CA GLY C 257 11.44 31.34 20.00
C GLY C 257 11.16 31.60 18.53
N LEU C 258 9.92 31.38 18.08
CA LEU C 258 9.53 31.66 16.69
C LEU C 258 9.38 33.18 16.42
N GLY C 259 9.01 33.93 17.46
CA GLY C 259 9.05 35.39 17.43
C GLY C 259 10.47 35.93 17.45
N GLU C 260 11.31 35.37 18.32
CA GLU C 260 12.75 35.68 18.35
C GLU C 260 13.37 35.58 16.94
N GLU C 261 12.97 34.55 16.18
CA GLU C 261 13.39 34.41 14.77
C GLU C 261 12.54 35.29 13.84
N GLY C 262 11.30 35.56 14.24
CA GLY C 262 10.42 36.50 13.53
C GLY C 262 10.89 37.95 13.57
N GLU C 263 11.44 38.37 14.71
CA GLU C 263 12.00 39.72 14.84
C GLU C 263 13.34 39.85 14.12
N LYS C 264 14.11 38.78 14.10
CA LYS C 264 15.27 38.66 13.20
C LYS C 264 14.83 38.94 11.76
N LEU C 265 13.72 38.29 11.35
CA LEU C 265 13.11 38.49 10.01
C LEU C 265 12.58 39.90 9.79
N ARG C 266 11.92 40.45 10.79
CA ARG C 266 11.38 41.80 10.70
C ARG C 266 12.45 42.79 10.23
N ALA C 267 13.60 42.73 10.90
CA ALA C 267 14.76 43.57 10.56
C ALA C 267 15.27 43.37 9.11
N LYS C 268 15.33 42.11 8.68
CA LYS C 268 15.73 41.79 7.29
C LYS C 268 14.78 42.45 6.30
N LEU C 269 13.49 42.38 6.61
CA LEU C 269 12.45 42.96 5.77
C LEU C 269 12.45 44.50 5.81
N ALA C 270 12.70 45.08 6.98
CA ALA C 270 12.71 46.55 7.12
C ALA C 270 13.85 47.17 6.34
N ILE C 271 15.04 46.61 6.52
CA ILE C 271 16.25 47.05 5.80
C ILE C 271 16.08 46.88 4.29
N ALA C 272 15.55 45.73 3.87
CA ALA C 272 15.31 45.47 2.44
C ALA C 272 14.39 46.52 1.79
N GLY C 273 13.47 47.06 2.58
CA GLY C 273 12.65 48.23 2.17
C GLY C 273 11.15 47.97 2.07
N TYR C 274 10.68 46.83 2.59
CA TYR C 274 9.24 46.53 2.65
C TYR C 274 8.52 47.39 3.69
N ASN C 275 7.25 47.66 3.45
CA ASN C 275 6.45 48.52 4.31
C ASN C 275 5.99 47.73 5.56
N VAL C 276 6.93 47.43 6.44
CA VAL C 276 6.68 46.49 7.55
C VAL C 276 6.22 47.21 8.82
N THR C 277 4.95 46.98 9.17
CA THR C 277 4.35 47.56 10.36
C THR C 277 4.34 46.53 11.52
N GLY C 278 3.87 46.96 12.68
CA GLY C 278 3.55 46.07 13.81
C GLY C 278 4.61 46.10 14.88
N GLU C 279 4.47 45.20 15.85
CA GLU C 279 5.44 45.03 16.94
C GLU C 279 5.59 43.54 17.28
N GLN C 280 6.39 43.24 18.29
CA GLN C 280 6.31 41.93 18.94
C GLN C 280 5.25 41.96 20.03
N THR C 281 4.41 40.93 20.07
CA THR C 281 3.39 40.77 21.14
C THR C 281 4.02 40.09 22.35
N PHE C 282 3.29 40.04 23.46
CA PHE C 282 3.66 39.11 24.55
C PHE C 282 2.63 37.99 24.74
N TYR C 283 2.10 37.48 23.63
CA TYR C 283 1.20 36.31 23.65
C TYR C 283 1.90 35.08 23.06
N GLY C 284 1.50 33.90 23.56
CA GLY C 284 2.01 32.62 23.05
C GLY C 284 1.55 32.31 21.64
N HIS C 285 2.32 31.48 20.94
CA HIS C 285 2.13 31.20 19.51
C HIS C 285 0.73 30.68 19.16
N GLU C 286 0.09 29.99 20.12
CA GLU C 286 -1.25 29.41 19.91
C GLU C 286 -2.38 30.26 20.51
N ALA C 287 -2.04 31.42 21.06
CA ALA C 287 -3.00 32.29 21.77
C ALA C 287 -3.70 33.25 20.81
N SER C 288 -4.55 32.71 19.94
CA SER C 288 -5.20 33.52 18.88
C SER C 288 -6.15 34.55 19.44
N ASN C 289 -7.07 34.11 20.30
CA ASN C 289 -8.13 34.98 20.83
C ASN C 289 -7.55 36.15 21.61
N ARG C 290 -6.48 35.90 22.36
CA ARG C 290 -5.84 36.93 23.16
C ARG C 290 -5.13 37.97 22.28
N LEU C 291 -4.45 37.48 21.23
CA LEU C 291 -3.73 38.35 20.26
C LEU C 291 -4.70 39.19 19.44
N MET C 292 -5.63 38.52 18.78
CA MET C 292 -6.67 39.21 18.02
C MET C 292 -7.47 40.14 18.93
N GLY C 293 -7.69 39.71 20.16
CA GLY C 293 -8.32 40.53 21.18
C GLY C 293 -7.72 41.93 21.21
N GLN C 294 -6.40 42.00 21.31
CA GLN C 294 -5.70 43.28 21.37
C GLN C 294 -5.59 43.95 19.99
N TYR C 295 -5.12 43.20 19.00
CA TYR C 295 -4.62 43.80 17.76
C TYR C 295 -5.65 43.95 16.63
N ALA C 296 -6.90 43.57 16.87
CA ALA C 296 -7.94 43.60 15.80
C ALA C 296 -8.09 44.98 15.14
N ASP C 297 -8.09 46.04 15.95
CA ASP C 297 -8.19 47.42 15.44
C ASP C 297 -6.96 47.77 14.59
N GLN C 298 -5.78 47.58 15.16
CA GLN C 298 -4.51 47.82 14.47
C GLN C 298 -4.37 46.99 13.17
N ILE C 299 -4.94 45.79 13.17
CA ILE C 299 -4.97 44.94 11.95
C ILE C 299 -5.83 45.57 10.88
N VAL C 300 -7.10 45.83 11.20
CA VAL C 300 -8.12 46.26 10.23
C VAL C 300 -7.88 47.70 9.74
N SER C 301 -7.23 48.50 10.57
CA SER C 301 -6.71 49.80 10.16
C SER C 301 -5.35 49.66 9.44
N GLY C 302 -4.99 48.43 9.04
CA GLY C 302 -3.70 48.17 8.40
C GLY C 302 -3.81 47.61 6.99
N LEU C 303 -4.75 48.19 6.22
CA LEU C 303 -5.11 47.73 4.87
C LEU C 303 -5.12 48.87 3.85
N PHE C 304 -4.62 50.04 4.26
CA PHE C 304 -4.64 51.28 3.46
C PHE C 304 -3.69 52.30 4.14
N ASN C 305 -3.55 53.49 3.55
CA ASN C 305 -2.31 54.32 3.58
C ASN C 305 -2.35 55.61 4.44
N ALA C 306 -3.39 55.79 5.26
CA ALA C 306 -3.41 56.91 6.21
C ALA C 306 -4.35 56.72 7.42
N GLU C 307 -4.05 55.84 8.40
CA GLU C 307 -2.84 54.97 8.49
C GLU C 307 -1.52 55.79 8.49
N GLN C 308 -0.61 55.56 7.54
CA GLN C 308 0.78 56.05 7.61
C GLN C 308 0.84 57.53 8.04
N ALA C 309 -0.09 58.33 7.53
CA ALA C 309 -0.28 59.73 7.97
C ALA C 309 -0.58 59.87 9.47
N ALA C 310 -1.33 58.92 10.04
CA ALA C 310 -1.66 58.92 11.48
C ALA C 310 -0.45 58.59 12.38
N VAL C 311 0.54 57.92 11.83
CA VAL C 311 1.82 57.66 12.54
C VAL C 311 3.00 58.51 12.07
N GLU C 312 2.80 59.33 11.02
CA GLU C 312 3.75 60.42 10.72
C GLU C 312 3.82 61.35 11.94
N ALA C 313 2.64 61.69 12.46
CA ALA C 313 2.51 62.45 13.71
C ALA C 313 3.42 61.90 14.79
N GLY C 314 3.65 60.60 14.77
CA GLY C 314 4.59 59.94 15.68
C GLY C 314 6.01 60.44 15.58
N GLU C 315 6.54 60.49 14.35
CA GLU C 315 7.85 61.11 14.12
C GLU C 315 7.81 62.61 14.38
N VAL C 316 6.85 63.30 13.73
CA VAL C 316 6.53 64.73 14.01
C VAL C 316 6.51 65.06 15.50
N LEU C 317 5.80 64.23 16.26
CA LEU C 317 5.51 64.51 17.66
C LEU C 317 6.75 64.33 18.50
N LYS C 318 7.29 63.11 18.47
CA LYS C 318 8.54 62.79 19.16
C LYS C 318 9.67 63.66 18.60
N GLY C 319 9.47 64.16 17.38
CA GLY C 319 10.39 65.07 16.72
C GLY C 319 10.53 66.43 17.34
N LEU C 320 9.41 67.06 17.71
CA LEU C 320 9.46 68.34 18.45
C LEU C 320 9.65 68.06 19.91
N GLU C 321 9.19 66.89 20.35
CA GLU C 321 9.57 66.35 21.63
C GLU C 321 11.10 66.42 21.81
N LYS C 322 11.82 66.25 20.69
CA LYS C 322 13.29 66.38 20.66
C LYS C 322 13.82 66.26 19.22
N LYS C 348 33.06 65.30 32.33
CA LYS C 348 33.10 63.95 32.90
C LYS C 348 32.24 63.66 34.18
N ASP C 349 31.40 64.60 34.62
CA ASP C 349 30.27 64.23 35.51
C ASP C 349 29.16 63.57 34.69
N PHE C 350 28.87 64.18 33.54
CA PHE C 350 27.89 63.67 32.58
C PHE C 350 28.26 62.28 32.05
N LEU C 351 29.54 62.07 31.79
CA LEU C 351 30.03 60.79 31.27
C LEU C 351 30.05 59.68 32.33
N ASN C 352 30.15 60.06 33.61
CA ASN C 352 29.97 59.12 34.72
C ASN C 352 28.55 58.55 34.77
N GLY C 353 27.58 59.33 34.32
CA GLY C 353 26.16 58.95 34.35
C GLY C 353 25.59 58.33 33.08
N TYR C 354 26.32 58.41 31.97
CA TYR C 354 25.82 57.92 30.67
C TYR C 354 25.98 56.39 30.53
N LYS C 355 25.09 55.64 31.17
CA LYS C 355 25.11 54.17 31.13
C LYS C 355 23.80 53.52 31.63
N ASN C 356 23.64 52.24 31.32
CA ASN C 356 22.41 51.49 31.62
C ASN C 356 22.23 51.21 33.13
N ASP C 357 20.97 51.26 33.58
CA ASP C 357 20.57 50.97 34.98
C ASP C 357 21.16 51.91 36.05
N HIS C 358 21.80 53.00 35.62
CA HIS C 358 22.44 53.95 36.55
C HIS C 358 21.46 55.04 36.99
N ALA C 359 20.51 55.37 36.10
CA ALA C 359 19.44 56.33 36.41
C ALA C 359 18.50 55.84 37.51
N LYS C 360 18.33 54.52 37.63
CA LYS C 360 17.41 53.94 38.63
C LYS C 360 17.93 54.03 40.08
N GLU C 361 19.19 54.39 40.27
CA GLU C 361 19.75 54.70 41.59
C GLU C 361 19.63 56.19 41.96
N ILE C 362 20.12 57.06 41.07
CA ILE C 362 20.39 58.47 41.41
C ILE C 362 19.37 59.50 40.87
N VAL C 363 18.39 59.03 40.09
CA VAL C 363 17.33 59.92 39.55
C VAL C 363 15.98 59.50 40.11
N SER C 371 7.32 57.13 28.14
CA SER C 371 7.78 57.39 26.77
C SER C 371 8.92 58.40 26.76
N ILE C 372 9.47 58.62 25.56
CA ILE C 372 10.44 59.70 25.36
C ILE C 372 9.76 61.04 25.65
N LYS C 373 8.53 61.20 25.15
CA LYS C 373 7.72 62.42 25.37
C LYS C 373 7.64 62.81 26.85
N GLN C 374 7.45 61.80 27.70
CA GLN C 374 7.36 62.02 29.15
C GLN C 374 8.74 62.11 29.82
N LEU C 375 9.73 61.41 29.27
CA LEU C 375 11.12 61.47 29.80
C LEU C 375 11.84 62.79 29.49
N VAL C 376 11.64 63.33 28.28
CA VAL C 376 12.26 64.62 27.89
C VAL C 376 11.57 65.79 28.61
N ASP C 377 10.26 65.64 28.85
CA ASP C 377 9.53 66.56 29.73
C ASP C 377 10.01 66.46 31.20
N LEU C 378 10.36 65.24 31.63
CA LEU C 378 11.02 65.03 32.95
C LEU C 378 12.37 65.78 33.03
N PHE C 379 13.04 65.89 31.90
CA PHE C 379 14.33 66.58 31.83
C PHE C 379 14.17 68.08 32.11
N SER C 385 22.42 68.52 39.06
CA SER C 385 23.60 67.65 39.00
C SER C 385 24.20 67.62 37.61
N ALA C 386 25.39 67.05 37.53
CA ALA C 386 26.03 66.78 36.27
C ALA C 386 26.10 65.28 35.99
N GLU C 387 25.62 64.46 36.95
CA GLU C 387 25.55 62.99 36.78
C GLU C 387 24.12 62.51 36.55
N GLN C 388 23.15 63.12 37.25
CA GLN C 388 21.73 62.80 37.04
C GLN C 388 21.33 63.03 35.58
N LYS C 389 21.71 64.18 35.03
CA LYS C 389 21.39 64.54 33.64
C LYS C 389 21.99 63.55 32.62
N GLY C 390 23.19 63.06 32.90
CA GLY C 390 23.82 62.02 32.08
C GLY C 390 23.11 60.68 32.16
N ALA C 391 22.60 60.34 33.34
CA ALA C 391 21.88 59.08 33.54
C ALA C 391 20.56 59.01 32.76
N LEU C 392 19.83 60.12 32.73
CA LEU C 392 18.63 60.24 31.89
C LEU C 392 18.97 60.31 30.40
N ALA C 393 20.10 60.95 30.08
CA ALA C 393 20.56 61.09 28.68
C ALA C 393 20.67 59.75 27.97
N TRP C 394 21.35 58.80 28.61
CA TRP C 394 21.42 57.42 28.09
C TRP C 394 20.02 56.81 27.98
N GLU C 395 19.23 56.96 29.04
CA GLU C 395 17.87 56.39 29.09
C GLU C 395 16.97 56.96 27.97
N ILE C 396 17.14 58.26 27.68
CA ILE C 396 16.40 58.92 26.61
C ILE C 396 16.94 58.52 25.23
N GLU C 397 18.25 58.68 25.05
CA GLU C 397 18.90 58.43 23.74
C GLU C 397 18.89 56.95 23.30
N SER C 398 18.72 56.03 24.26
CA SER C 398 18.58 54.60 23.94
C SER C 398 17.22 54.29 23.32
N ARG C 399 16.15 54.76 23.98
CA ARG C 399 14.78 54.72 23.39
C ARG C 399 14.76 55.37 22.01
N ALA C 400 15.49 56.48 21.90
CA ALA C 400 15.52 57.31 20.69
C ALA C 400 16.16 56.65 19.47
N LEU C 401 16.81 55.49 19.65
CA LEU C 401 17.43 54.82 18.51
C LEU C 401 16.41 54.42 17.44
N LYS C 402 15.26 53.87 17.85
CA LYS C 402 14.24 53.42 16.88
C LYS C 402 13.65 54.56 16.05
N VAL C 403 13.54 55.74 16.65
CA VAL C 403 12.98 56.93 15.96
C VAL C 403 13.93 57.49 14.87
N THR C 404 15.14 56.95 14.79
CA THR C 404 16.10 57.35 13.75
C THR C 404 15.81 56.77 12.35
N PHE C 405 14.99 55.72 12.24
CA PHE C 405 14.90 54.95 10.96
C PHE C 405 13.95 55.46 9.84
N GLN C 406 12.66 55.64 10.18
CA GLN C 406 11.71 56.35 9.29
C GLN C 406 11.75 57.86 9.64
N ASN C 407 11.27 58.76 8.77
CA ASN C 407 10.77 58.46 7.41
C ASN C 407 11.93 58.48 6.40
N LYS C 408 11.62 58.16 5.15
CA LYS C 408 12.55 58.49 4.07
C LYS C 408 11.79 59.01 2.86
N SER C 409 12.31 60.06 2.24
CA SER C 409 11.61 60.78 1.18
C SER C 409 11.58 59.97 -0.11
N GLU C 410 10.38 59.84 -0.69
CA GLU C 410 10.16 59.01 -1.89
C GLU C 410 11.10 59.31 -3.04
N LYS C 411 11.45 60.59 -3.22
CA LYS C 411 12.35 61.03 -4.31
C LYS C 411 13.63 60.18 -4.44
N TYR C 412 14.18 59.76 -3.31
CA TYR C 412 15.39 58.92 -3.28
C TYR C 412 15.10 57.50 -3.78
N ASN C 413 13.92 56.99 -3.41
CA ASN C 413 13.43 55.69 -3.91
C ASN C 413 13.07 55.78 -5.40
N ARG C 414 12.42 56.89 -5.77
CA ARG C 414 12.05 57.17 -7.16
C ARG C 414 13.28 57.16 -8.07
N LEU C 415 14.30 57.91 -7.68
CA LEU C 415 15.54 58.00 -8.46
C LEU C 415 16.23 56.64 -8.61
N PHE C 416 16.21 55.86 -7.53
CA PHE C 416 16.82 54.52 -7.54
C PHE C 416 16.16 53.59 -8.55
N ARG C 417 14.82 53.59 -8.58
CA ARG C 417 14.07 52.69 -9.48
C ARG C 417 14.24 53.08 -10.95
N GLU C 418 14.29 54.39 -11.22
CA GLU C 418 14.55 54.90 -12.58
C GLU C 418 15.88 54.37 -13.15
N ILE C 419 16.92 54.39 -12.32
CA ILE C 419 18.27 53.96 -12.76
C ILE C 419 18.35 52.45 -13.01
N ALA C 420 17.70 51.64 -12.17
CA ALA C 420 17.65 50.19 -12.36
C ALA C 420 16.74 49.82 -13.54
N ALA C 427 21.59 43.70 -11.99
CA ALA C 427 21.29 42.47 -11.27
C ALA C 427 21.31 42.66 -9.75
N LYS C 428 22.38 43.26 -9.22
CA LYS C 428 22.49 43.51 -7.76
C LYS C 428 22.36 45.01 -7.41
N ALA C 429 21.41 45.70 -8.06
CA ALA C 429 20.99 47.03 -7.62
C ALA C 429 20.19 46.88 -6.32
N THR C 430 20.78 47.29 -5.20
CA THR C 430 20.10 47.21 -3.89
C THR C 430 19.84 48.60 -3.31
N GLU C 431 18.98 48.62 -2.30
CA GLU C 431 18.60 49.84 -1.60
C GLU C 431 18.22 49.47 -0.17
N GLN C 432 18.86 50.11 0.80
CA GLN C 432 18.74 49.73 2.21
C GLN C 432 18.28 50.93 3.00
N LEU C 433 17.25 50.75 3.83
CA LEU C 433 16.90 51.71 4.89
C LEU C 433 17.95 51.51 5.98
N ALA C 434 18.98 52.35 5.91
CA ALA C 434 19.99 52.49 6.96
C ALA C 434 19.63 53.67 7.85
N PRO C 435 19.82 53.52 9.18
CA PRO C 435 19.28 54.51 10.10
C PRO C 435 19.81 55.89 9.83
N GLN C 436 18.93 56.88 9.91
CA GLN C 436 19.24 58.25 9.47
C GLN C 436 19.71 59.17 10.62
N LEU C 437 19.95 58.55 11.78
CA LEU C 437 20.60 59.20 12.98
C LEU C 437 20.39 60.71 13.13
N SER C 451 26.98 62.17 15.62
CA SER C 451 26.06 61.58 14.66
C SER C 451 26.67 61.56 13.26
N ASP C 452 27.82 60.88 13.19
CA ASP C 452 28.57 60.57 11.98
C ASP C 452 29.17 59.15 12.09
N PRO C 453 28.70 58.33 13.13
CA PRO C 453 29.36 57.01 13.22
C PRO C 453 29.20 55.91 12.14
N LEU C 454 28.02 55.72 11.57
CA LEU C 454 27.82 54.64 10.60
C LEU C 454 28.67 54.74 9.35
N SER C 455 28.81 55.96 8.84
CA SER C 455 29.60 56.24 7.65
C SER C 455 31.00 55.66 7.55
N LYS C 456 31.79 55.81 8.62
CA LYS C 456 33.10 55.14 8.75
C LYS C 456 32.91 53.65 8.80
N LEU C 457 31.94 53.23 9.62
CA LEU C 457 31.64 51.83 9.82
C LEU C 457 31.30 51.09 8.52
N VAL C 458 30.47 51.72 7.68
CA VAL C 458 30.12 51.15 6.36
C VAL C 458 31.35 50.91 5.51
N LEU C 459 32.16 51.96 5.38
CA LEU C 459 33.37 51.93 4.56
C LEU C 459 34.25 50.74 4.95
N VAL C 460 34.44 50.58 6.26
CA VAL C 460 35.18 49.43 6.84
C VAL C 460 34.58 48.11 6.42
N ALA C 461 33.28 47.98 6.73
CA ALA C 461 32.51 46.77 6.44
C ALA C 461 32.73 46.25 5.02
N LYS C 462 33.05 47.14 4.09
CA LYS C 462 33.37 46.74 2.71
C LYS C 462 34.72 46.08 2.53
N GLN C 463 35.73 46.66 3.16
CA GLN C 463 37.04 46.01 3.23
C GLN C 463 36.89 44.53 3.61
N LEU C 464 36.11 44.27 4.65
CA LEU C 464 35.82 42.89 5.09
C LEU C 464 35.11 42.09 4.00
N GLU C 465 34.15 42.71 3.33
CA GLU C 465 33.40 42.06 2.23
C GLU C 465 34.25 41.81 0.98
N ASN C 466 35.25 42.67 0.78
CA ASN C 466 36.27 42.45 -0.24
C ASN C 466 37.18 41.23 0.08
N ASP C 467 37.41 41.00 1.38
CA ASP C 467 38.29 39.91 1.86
C ASP C 467 37.67 38.50 1.93
N GLY C 468 36.45 38.33 1.40
CA GLY C 468 35.80 37.01 1.34
C GLY C 468 34.48 36.88 2.11
N GLN C 469 34.38 37.61 3.23
CA GLN C 469 33.12 37.72 3.99
C GLN C 469 32.07 38.43 3.11
N VAL C 470 30.79 38.28 3.44
CA VAL C 470 29.73 38.92 2.64
C VAL C 470 28.45 39.19 3.43
N GLY C 471 27.80 40.30 3.09
CA GLY C 471 26.55 40.71 3.69
C GLY C 471 26.68 41.53 4.98
N VAL C 472 27.91 41.78 5.44
CA VAL C 472 28.11 42.39 6.78
C VAL C 472 27.69 43.87 6.89
N ALA C 473 27.68 44.59 5.77
CA ALA C 473 27.10 45.94 5.73
C ALA C 473 25.59 45.88 6.00
N ARG C 474 24.92 45.05 5.21
CA ARG C 474 23.50 44.77 5.38
C ARG C 474 23.20 44.28 6.80
N GLN C 475 24.03 43.35 7.30
CA GLN C 475 23.84 42.79 8.64
C GLN C 475 23.91 43.86 9.72
N LEU C 476 24.94 44.70 9.66
CA LEU C 476 25.10 45.79 10.64
C LEU C 476 23.78 46.51 10.82
N LEU C 477 23.23 47.00 9.70
CA LEU C 477 21.97 47.75 9.68
C LEU C 477 20.83 46.99 10.37
N GLU C 478 20.75 45.69 10.11
CA GLU C 478 19.72 44.84 10.70
C GLU C 478 19.92 44.71 12.20
N LYS C 479 21.18 44.61 12.61
CA LYS C 479 21.52 44.51 14.03
C LYS C 479 21.32 45.82 14.78
N MET C 480 21.60 46.95 14.12
CA MET C 480 21.27 48.25 14.69
C MET C 480 19.77 48.41 14.90
N TYR C 481 18.98 48.00 13.90
CA TYR C 481 17.52 48.05 14.00
C TYR C 481 17.03 47.11 15.10
N SER C 482 17.55 45.88 15.11
CA SER C 482 17.24 44.91 16.15
C SER C 482 17.58 45.48 17.52
N ALA C 483 18.78 46.01 17.65
CA ALA C 483 19.23 46.66 18.89
C ALA C 483 18.27 47.76 19.30
N ALA C 484 17.81 48.53 18.33
CA ALA C 484 16.85 49.61 18.58
C ALA C 484 15.59 49.08 19.23
N ALA C 485 14.96 48.11 18.59
CA ALA C 485 13.74 47.50 19.10
C ALA C 485 13.94 46.96 20.52
N VAL C 486 15.11 46.43 20.82
CA VAL C 486 15.43 45.90 22.16
C VAL C 486 15.52 47.00 23.22
N LEU C 487 16.25 48.06 22.90
CA LEU C 487 16.41 49.20 23.83
C LEU C 487 15.15 50.06 23.96
N SER C 488 14.35 50.12 22.88
CA SER C 488 13.11 50.94 22.85
C SER C 488 11.91 50.24 23.51
N ASN C 489 12.10 48.97 23.84
CA ASN C 489 11.21 48.24 24.73
C ASN C 489 12.08 47.22 25.50
N PRO C 490 12.63 47.64 26.66
CA PRO C 490 13.66 46.86 27.38
C PRO C 490 13.13 45.64 28.14
N THR C 491 11.92 45.75 28.69
CA THR C 491 11.30 44.66 29.48
C THR C 491 11.08 43.40 28.65
N LEU C 492 10.54 43.60 27.45
CA LEU C 492 10.19 42.51 26.52
C LEU C 492 11.29 41.44 26.36
N TYR C 493 12.54 41.87 26.23
CA TYR C 493 13.63 40.96 25.85
C TYR C 493 14.59 40.70 27.03
N SER C 494 15.22 39.54 27.00
CA SER C 494 16.10 39.08 28.08
C SER C 494 17.19 40.10 28.39
N ASP C 495 17.42 40.33 29.67
CA ASP C 495 18.37 41.34 30.14
C ASP C 495 19.83 41.13 29.69
N SER C 496 20.13 40.00 29.05
CA SER C 496 21.48 39.73 28.51
C SER C 496 21.68 40.27 27.10
N GLU C 497 20.65 40.14 26.27
CA GLU C 497 20.65 40.69 24.90
C GLU C 497 20.57 42.21 24.99
N ASN C 498 19.61 42.68 25.79
CA ASN C 498 19.49 44.07 26.20
C ASN C 498 20.82 44.65 26.72
N ALA C 499 21.60 43.80 27.37
CA ALA C 499 23.00 44.12 27.72
C ALA C 499 23.87 44.27 26.46
N ASN C 500 23.66 43.37 25.51
CA ASN C 500 24.33 43.42 24.20
C ASN C 500 24.03 44.69 23.41
N ALA C 501 22.75 45.07 23.34
CA ALA C 501 22.30 46.24 22.55
C ALA C 501 22.93 47.54 23.05
N SER C 502 23.02 47.67 24.36
CA SER C 502 23.67 48.82 24.99
C SER C 502 25.20 48.82 24.86
N LYS C 503 25.76 47.82 24.17
CA LYS C 503 27.17 47.78 23.80
C LYS C 503 27.38 48.24 22.36
N LEU C 504 26.48 47.82 21.46
CA LEU C 504 26.42 48.38 20.10
C LEU C 504 26.08 49.87 20.14
N LEU C 505 25.14 50.24 21.00
CA LEU C 505 24.78 51.66 21.23
C LEU C 505 25.99 52.43 21.77
N SER C 506 26.63 51.86 22.79
CA SER C 506 27.84 52.44 23.40
C SER C 506 28.93 52.67 22.35
N SER C 507 29.20 51.63 21.55
CA SER C 507 30.24 51.69 20.52
C SER C 507 29.99 52.79 19.51
N LEU C 508 28.73 52.95 19.12
CA LEU C 508 28.33 54.05 18.23
C LEU C 508 28.57 55.41 18.90
N ALA C 509 28.24 55.50 20.20
CA ALA C 509 28.43 56.73 20.99
C ALA C 509 29.92 57.08 21.16
N ALA C 510 30.75 56.05 21.32
CA ALA C 510 32.20 56.23 21.49
C ALA C 510 32.90 56.66 20.18
N ILE C 511 32.35 56.26 19.03
CA ILE C 511 32.81 56.78 17.74
C ILE C 511 32.35 58.23 17.55
N HIS C 512 31.17 58.57 18.06
CA HIS C 512 30.63 59.93 17.97
C HIS C 512 31.53 60.95 18.66
N ALA C 513 31.91 60.63 19.90
CA ALA C 513 32.76 61.53 20.70
C ALA C 513 34.21 61.57 20.23
N LYS C 514 34.83 60.40 20.05
CA LYS C 514 36.24 60.30 19.59
C LYS C 514 36.36 59.83 18.12
N ASN C 515 36.48 60.80 17.21
CA ASN C 515 36.58 60.54 15.77
C ASN C 515 37.95 59.95 15.39
N PRO C 516 37.99 58.97 14.46
CA PRO C 516 39.26 58.55 13.86
C PRO C 516 39.92 59.65 13.03
N VAL C 524 44.32 56.23 10.25
CA VAL C 524 43.28 55.50 9.50
C VAL C 524 43.13 55.85 8.01
N TRP C 525 43.79 56.94 7.58
CA TRP C 525 43.59 57.51 6.24
C TRP C 525 44.87 57.41 5.40
N GLN C 526 44.69 57.40 4.08
CA GLN C 526 45.82 57.46 3.14
C GLN C 526 46.16 58.90 2.76
N GLU C 527 45.13 59.66 2.36
CA GLU C 527 45.27 61.09 2.06
C GLU C 527 43.97 61.86 2.36
N LYS C 528 44.11 63.17 2.59
CA LYS C 528 42.98 64.07 2.85
C LYS C 528 42.88 65.15 1.77
N LEU C 529 42.03 64.91 0.76
CA LEU C 529 41.93 65.82 -0.39
C LEU C 529 41.00 67.02 -0.09
N GLU C 530 41.63 68.11 0.35
CA GLU C 530 40.91 69.33 0.74
C GLU C 530 41.61 70.58 0.20
N GLY C 531 40.93 71.72 0.30
CA GLY C 531 41.41 72.98 -0.25
C GLY C 531 41.20 73.07 -1.76
N LYS C 532 42.28 73.35 -2.48
CA LYS C 532 42.23 73.63 -3.93
C LYS C 532 42.49 72.39 -4.80
N GLN C 533 42.86 71.28 -4.17
CA GLN C 533 42.97 69.97 -4.83
C GLN C 533 41.85 69.01 -4.36
N ALA C 534 40.66 69.59 -4.14
CA ALA C 534 39.50 68.85 -3.63
C ALA C 534 38.67 68.29 -4.79
N LEU C 535 38.05 67.14 -4.57
CA LEU C 535 37.41 66.36 -5.64
C LEU C 535 36.00 66.84 -5.97
N THR C 536 35.69 66.88 -7.27
CA THR C 536 34.37 67.24 -7.77
C THR C 536 33.41 66.05 -7.73
N VAL C 537 32.14 66.30 -8.02
CA VAL C 537 31.09 65.25 -8.01
C VAL C 537 31.42 64.11 -8.99
N ASN C 538 31.85 64.47 -10.19
CA ASN C 538 32.29 63.49 -11.19
C ASN C 538 33.69 62.93 -10.87
N GLY C 539 34.50 63.72 -10.18
CA GLY C 539 35.77 63.25 -9.60
C GLY C 539 35.62 62.09 -8.62
N VAL C 540 34.51 62.09 -7.89
CA VAL C 540 34.16 60.98 -6.98
C VAL C 540 33.76 59.74 -7.80
N VAL C 541 33.02 59.95 -8.89
CA VAL C 541 32.64 58.85 -9.80
C VAL C 541 33.88 58.22 -10.47
N GLU C 542 34.87 59.04 -10.80
CA GLU C 542 36.04 58.58 -11.55
C GLU C 542 36.95 57.65 -10.73
N LYS C 543 37.27 58.07 -9.51
CA LYS C 543 38.10 57.25 -8.60
C LYS C 543 37.41 55.95 -8.15
N ILE C 544 36.08 56.02 -8.04
CA ILE C 544 35.25 54.85 -7.69
C ILE C 544 35.15 53.85 -8.86
N THR C 545 34.86 54.34 -10.07
CA THR C 545 34.57 53.48 -11.23
C THR C 545 35.81 53.03 -12.02
N ASP C 546 36.99 53.53 -11.66
CA ASP C 546 38.21 53.31 -12.47
C ASP C 546 38.66 51.85 -12.40
N LYS C 552 41.07 45.83 -5.65
CA LYS C 552 41.39 46.55 -4.43
C LYS C 552 40.24 47.51 -4.06
N PRO C 553 39.92 47.62 -2.75
CA PRO C 553 38.74 48.36 -2.34
C PRO C 553 38.98 49.88 -2.32
N VAL C 554 38.06 50.62 -2.94
CA VAL C 554 38.11 52.08 -2.97
C VAL C 554 37.14 52.61 -1.91
N LEU C 555 37.68 53.11 -0.80
CA LEU C 555 36.88 53.47 0.38
C LEU C 555 36.94 54.98 0.64
N LEU C 556 35.98 55.71 0.07
CA LEU C 556 35.93 57.19 0.14
C LEU C 556 34.93 57.72 1.16
N GLU C 557 35.28 58.82 1.82
CA GLU C 557 34.35 59.51 2.71
C GLU C 557 34.15 60.97 2.29
N LEU C 558 32.91 61.30 1.94
CA LEU C 558 32.57 62.60 1.38
C LEU C 558 31.95 63.53 2.45
N ASP C 559 32.71 64.58 2.83
CA ASP C 559 32.40 65.41 4.00
C ASP C 559 31.81 66.77 3.60
N ALA C 560 30.48 66.87 3.62
CA ALA C 560 29.79 68.16 3.49
C ALA C 560 29.81 68.88 4.87
N PRO C 561 29.57 70.22 4.91
CA PRO C 561 29.74 70.99 6.15
C PRO C 561 28.74 70.64 7.24
N GLY C 562 27.53 70.24 6.85
CA GLY C 562 26.53 69.76 7.81
C GLY C 562 26.68 68.27 8.04
N HIS C 563 26.27 67.50 7.03
CA HIS C 563 26.33 66.04 7.10
C HIS C 563 27.60 65.51 6.48
N ALA C 564 27.90 64.24 6.77
CA ALA C 564 29.11 63.59 6.28
C ALA C 564 28.77 62.23 5.67
N MET C 565 29.02 62.09 4.37
CA MET C 565 28.56 60.96 3.56
C MET C 565 29.72 60.07 3.14
N ALA C 566 29.43 59.00 2.40
CA ALA C 566 30.48 58.06 1.93
C ALA C 566 30.15 57.42 0.60
N ALA C 567 31.14 56.74 0.02
CA ALA C 567 30.97 55.98 -1.22
C ALA C 567 32.13 54.99 -1.41
N TRP C 568 31.87 53.90 -2.12
CA TRP C 568 32.84 52.78 -2.16
C TRP C 568 32.82 51.95 -3.45
N ALA C 569 33.85 51.14 -3.60
CA ALA C 569 33.92 50.08 -4.60
C ALA C 569 34.63 48.86 -4.01
N LYS C 570 34.06 47.68 -4.22
CA LYS C 570 34.65 46.42 -3.77
C LYS C 570 34.43 45.37 -4.85
N GLY C 571 35.04 44.19 -4.66
CA GLY C 571 34.71 43.01 -5.48
C GLY C 571 35.71 42.71 -6.58
N SER C 572 35.41 41.64 -7.31
CA SER C 572 36.34 41.05 -8.28
C SER C 572 35.62 40.69 -9.58
N GLY C 573 35.75 41.55 -10.59
CA GLY C 573 35.32 41.24 -11.95
C GLY C 573 33.82 41.41 -12.16
N ASP C 574 33.10 40.31 -12.03
CA ASP C 574 31.63 40.30 -12.16
C ASP C 574 30.98 40.79 -10.87
N ASP C 575 31.56 40.38 -9.75
CA ASP C 575 31.07 40.78 -8.41
C ASP C 575 31.34 42.25 -8.05
N ARG C 576 32.23 42.92 -8.80
CA ARG C 576 32.64 44.30 -8.49
C ARG C 576 31.47 45.29 -8.53
N VAL C 577 31.10 45.79 -7.35
CA VAL C 577 29.99 46.73 -7.18
C VAL C 577 30.47 48.07 -6.63
N TYR C 578 29.74 49.12 -6.98
CA TYR C 578 30.04 50.48 -6.54
C TYR C 578 28.83 50.98 -5.75
N GLY C 579 29.09 51.69 -4.65
CA GLY C 579 28.01 52.08 -3.72
C GLY C 579 28.15 53.47 -3.12
N PHE C 580 27.13 53.86 -2.35
CA PHE C 580 27.05 55.22 -1.80
C PHE C 580 26.12 55.18 -0.57
N TYR C 581 26.58 55.78 0.52
CA TYR C 581 25.77 55.99 1.75
C TYR C 581 25.53 57.49 1.99
N ASP C 582 24.27 57.91 1.92
CA ASP C 582 23.83 59.21 2.43
C ASP C 582 23.09 58.99 3.75
N PRO C 583 23.35 59.85 4.75
CA PRO C 583 22.67 59.66 6.04
C PRO C 583 21.14 59.74 5.99
N ASN C 584 20.58 60.77 5.37
CA ASN C 584 19.10 60.88 5.27
C ASN C 584 18.55 60.47 3.88
N ALA C 585 19.19 59.50 3.24
CA ALA C 585 18.68 58.92 1.99
C ALA C 585 19.09 57.45 1.77
N GLY C 586 19.28 56.72 2.87
CA GLY C 586 19.64 55.30 2.81
C GLY C 586 20.95 55.03 2.09
N ILE C 587 21.07 53.81 1.58
CA ILE C 587 22.28 53.31 0.92
C ILE C 587 21.87 52.78 -0.45
N VAL C 588 22.77 52.88 -1.44
CA VAL C 588 22.58 52.21 -2.75
C VAL C 588 23.88 51.60 -3.26
N GLU C 589 23.75 50.43 -3.86
CA GLU C 589 24.86 49.79 -4.59
C GLU C 589 24.41 49.53 -6.01
N PHE C 590 25.37 49.56 -6.94
CA PHE C 590 25.15 49.13 -8.33
C PHE C 590 26.40 48.38 -8.80
N SER C 591 26.21 47.31 -9.58
CA SER C 591 27.32 46.62 -10.25
C SER C 591 27.70 47.29 -11.59
N SER C 592 26.78 48.10 -12.12
CA SER C 592 27.03 48.89 -13.33
C SER C 592 27.58 50.27 -12.98
N ALA C 593 28.84 50.51 -13.36
CA ALA C 593 29.52 51.80 -13.10
C ALA C 593 28.83 53.01 -13.73
N GLU C 594 28.18 52.80 -14.87
CA GLU C 594 27.44 53.87 -15.54
C GLU C 594 26.21 54.27 -14.74
N LYS C 595 25.48 53.26 -14.27
CA LYS C 595 24.28 53.47 -13.44
C LYS C 595 24.60 54.16 -12.10
N PHE C 596 25.81 53.95 -11.61
CA PHE C 596 26.31 54.64 -10.42
C PHE C 596 26.52 56.14 -10.71
N GLY C 597 27.20 56.41 -11.81
CA GLY C 597 27.37 57.79 -12.29
C GLY C 597 26.05 58.50 -12.47
N ASP C 598 25.09 57.82 -13.09
CA ASP C 598 23.75 58.38 -13.34
C ASP C 598 23.09 58.81 -12.03
N TYR C 599 23.05 57.89 -11.06
CA TYR C 599 22.47 58.18 -9.74
C TYR C 599 23.25 59.30 -9.03
N LEU C 600 24.55 59.08 -8.85
CA LEU C 600 25.36 59.96 -7.98
C LEU C 600 25.39 61.42 -8.46
N THR C 601 25.40 61.62 -9.77
CA THR C 601 25.39 62.97 -10.37
C THR C 601 23.98 63.58 -10.37
N ARG C 602 22.97 62.74 -10.55
CA ARG C 602 21.57 63.19 -10.48
C ARG C 602 21.15 63.48 -9.05
N PHE C 603 21.78 62.79 -8.10
CA PHE C 603 21.62 63.08 -6.68
C PHE C 603 22.10 64.50 -6.35
N PHE C 604 23.35 64.80 -6.71
CA PHE C 604 23.98 66.08 -6.36
C PHE C 604 23.67 67.22 -7.34
N GLY C 605 23.86 66.95 -8.63
CA GLY C 605 23.80 68.00 -9.66
C GLY C 605 22.41 68.47 -10.04
N LYS C 606 22.35 69.56 -10.82
CA LYS C 606 21.07 70.18 -11.25
C LYS C 606 20.19 69.27 -12.15
N SER C 607 20.81 68.33 -12.86
CA SER C 607 20.12 67.43 -13.82
C SER C 607 18.76 66.89 -13.35
N ASP C 608 18.67 66.52 -12.08
CA ASP C 608 17.45 65.92 -11.52
C ASP C 608 17.10 66.50 -10.15
N LEU C 609 17.84 66.09 -9.13
CA LEU C 609 17.46 66.32 -7.74
C LEU C 609 18.07 67.64 -7.21
N ASN C 610 19.36 67.85 -7.52
CA ASN C 610 20.10 69.08 -7.12
C ASN C 610 20.31 69.16 -5.60
N MET C 611 20.77 68.06 -5.01
CA MET C 611 20.98 67.97 -3.56
C MET C 611 22.35 68.51 -3.13
N ALA C 612 23.15 68.97 -4.09
CA ALA C 612 24.43 69.62 -3.79
C ALA C 612 24.23 71.05 -3.26
N GLN C 613 23.41 71.76 -4.03
CA GLN C 613 22.98 73.11 -3.74
C GLN C 613 22.15 72.99 -2.47
N SER C 614 21.49 71.85 -2.28
CA SER C 614 20.70 71.64 -1.09
C SER C 614 21.61 71.71 0.12
N TYR C 615 22.80 71.17 0.01
CA TYR C 615 23.57 71.11 1.23
C TYR C 615 23.95 72.35 2.09
N LYS C 616 24.78 73.26 1.63
CA LYS C 616 25.50 73.28 0.40
C LYS C 616 26.42 74.28 1.02
N LEU C 617 27.51 74.67 0.38
CA LEU C 617 27.90 74.20 -0.93
C LEU C 617 29.37 74.51 -1.05
N GLY C 618 30.07 73.80 -1.94
CA GLY C 618 31.47 74.05 -2.14
C GLY C 618 31.67 74.29 -3.61
N LYS C 619 32.34 75.37 -3.97
CA LYS C 619 32.56 75.67 -5.38
C LYS C 619 34.04 75.70 -5.72
N GLU C 624 32.74 73.80 -10.64
CA GLU C 624 31.83 72.75 -10.14
C GLU C 624 31.71 72.84 -8.62
N ALA C 625 30.81 72.03 -8.08
CA ALA C 625 30.77 71.79 -6.64
C ALA C 625 31.80 70.72 -6.29
N ILE C 626 32.40 70.92 -5.14
CA ILE C 626 33.43 70.10 -4.62
C ILE C 626 32.90 69.92 -3.20
N PHE C 627 33.57 69.13 -2.38
CA PHE C 627 33.15 68.95 -0.99
C PHE C 627 34.08 69.78 -0.12
N ASN C 628 33.82 69.79 1.18
CA ASN C 628 34.74 70.41 2.13
C ASN C 628 36.01 69.57 2.25
N ARG C 629 35.84 68.26 2.29
CA ARG C 629 36.95 67.33 2.47
C ARG C 629 36.55 65.98 1.84
N VAL C 630 37.55 65.23 1.36
CA VAL C 630 37.30 63.91 0.74
C VAL C 630 38.40 62.91 1.13
N VAL C 631 38.08 62.00 2.04
CA VAL C 631 39.07 61.09 2.61
C VAL C 631 39.15 59.82 1.77
N VAL C 632 40.35 59.45 1.33
CA VAL C 632 40.60 58.11 0.78
C VAL C 632 41.21 57.24 1.89
N MET C 633 40.40 56.30 2.40
CA MET C 633 40.71 55.62 3.66
C MET C 633 41.33 54.24 3.47
N ASP C 634 42.22 53.88 4.40
CA ASP C 634 42.74 52.53 4.54
C ASP C 634 41.74 51.71 5.36
N GLY C 635 41.32 50.58 4.81
CA GLY C 635 40.31 49.73 5.46
C GLY C 635 40.86 48.94 6.63
N ASN C 636 42.06 48.40 6.45
CA ASN C 636 42.69 47.56 7.48
C ASN C 636 43.09 48.35 8.71
N THR C 637 43.60 49.57 8.51
CA THR C 637 43.94 50.47 9.63
C THR C 637 42.67 50.94 10.35
N LEU C 638 41.66 51.34 9.58
CA LEU C 638 40.39 51.81 10.12
C LEU C 638 39.62 50.68 10.82
N ALA C 639 39.77 49.46 10.32
CA ALA C 639 39.13 48.28 10.91
C ALA C 639 39.75 47.89 12.26
N SER C 640 41.00 48.29 12.51
CA SER C 640 41.71 47.98 13.76
C SER C 640 41.57 49.06 14.84
N TYR C 641 41.04 50.23 14.47
CA TYR C 641 40.82 51.33 15.43
C TYR C 641 39.82 50.90 16.50
N LYS C 642 40.09 51.29 17.75
CA LYS C 642 39.16 51.08 18.85
C LYS C 642 38.72 52.45 19.37
N PRO C 643 37.39 52.67 19.52
CA PRO C 643 36.95 54.01 19.93
C PRO C 643 37.19 54.33 21.41
N THR C 644 37.15 53.31 22.27
CA THR C 644 37.35 53.48 23.70
C THR C 644 38.76 53.03 24.10
N PHE C 645 39.49 53.89 24.79
CA PHE C 645 40.73 53.48 25.48
C PHE C 645 40.30 52.73 26.75
N GLY C 646 40.68 51.46 26.82
CA GLY C 646 40.15 50.55 27.83
C GLY C 646 39.01 49.68 27.34
N ASP C 647 38.91 49.52 26.03
CA ASP C 647 38.13 48.43 25.45
C ASP C 647 38.81 48.01 24.16
N LYS C 648 38.95 46.70 23.99
CA LYS C 648 39.79 46.16 22.94
C LYS C 648 39.00 45.85 21.66
N THR C 649 37.67 45.90 21.73
CA THR C 649 36.81 45.68 20.55
C THR C 649 37.12 46.72 19.47
N THR C 650 37.52 46.23 18.31
CA THR C 650 37.90 47.09 17.19
C THR C 650 36.67 47.43 16.33
N MET C 651 36.88 48.28 15.30
CA MET C 651 35.78 48.69 14.37
C MET C 651 35.17 47.51 13.59
N GLN C 652 35.99 46.51 13.32
CA GLN C 652 35.51 45.22 12.83
C GLN C 652 34.74 44.45 13.91
N GLY C 653 35.22 44.54 15.15
CA GLY C 653 34.54 43.94 16.32
C GLY C 653 33.19 44.58 16.65
N ILE C 654 33.06 45.88 16.40
CA ILE C 654 31.77 46.57 16.52
C ILE C 654 30.79 45.95 15.53
N LEU C 655 31.23 45.79 14.28
CA LEU C 655 30.41 45.15 13.23
C LEU C 655 29.86 43.83 13.70
N ASP C 656 30.72 43.00 14.31
CA ASP C 656 30.35 41.64 14.70
C ASP C 656 29.84 41.50 16.15
N LEU C 657 29.32 42.59 16.73
CA LEU C 657 28.67 42.53 18.06
C LEU C 657 27.28 41.88 17.99
N PRO C 658 27.01 40.89 18.88
CA PRO C 658 25.70 40.24 18.86
C PRO C 658 24.59 41.14 19.39
N VAL C 659 23.36 40.81 19.05
CA VAL C 659 22.20 41.48 19.61
C VAL C 659 21.28 40.43 20.23
N PHE C 660 20.69 39.57 19.39
CA PHE C 660 19.90 38.43 19.87
C PHE C 660 20.82 37.26 20.19
N ASP C 661 20.81 36.84 21.46
CA ASP C 661 21.70 35.75 21.92
C ASP C 661 21.02 34.37 21.84
N ALA C 662 21.81 33.33 22.11
CA ALA C 662 21.27 31.98 22.39
C ALA C 662 22.01 31.33 23.56
N GLU D 9 -19.43 -15.12 29.87
CA GLU D 9 -19.36 -13.79 30.55
C GLU D 9 -20.01 -12.72 29.67
N ASN D 10 -21.06 -12.08 30.15
CA ASN D 10 -21.87 -11.17 29.33
C ASN D 10 -22.66 -10.12 30.13
N VAL D 11 -22.05 -8.98 30.43
CA VAL D 11 -22.72 -7.98 31.30
C VAL D 11 -22.52 -6.49 30.91
N ALA D 12 -21.33 -5.96 31.10
CA ALA D 12 -21.09 -4.51 30.91
C ALA D 12 -20.72 -4.29 29.47
N ILE D 13 -21.23 -3.22 28.86
CA ILE D 13 -21.22 -3.10 27.39
C ILE D 13 -20.73 -1.77 26.85
N GLU D 14 -21.59 -0.74 26.91
CA GLU D 14 -21.35 0.49 26.17
C GLU D 14 -20.07 1.14 26.60
N ASN D 15 -19.43 1.77 25.64
CA ASN D 15 -18.33 2.66 25.90
C ASN D 15 -18.65 3.91 25.09
N ASP D 16 -17.84 4.93 25.22
CA ASP D 16 -17.91 6.06 24.32
C ASP D 16 -16.53 6.27 23.75
N GLY D 17 -16.48 6.79 22.53
CA GLY D 17 -15.23 7.08 21.88
C GLY D 17 -15.45 7.94 20.67
N THR D 18 -14.44 8.74 20.34
CA THR D 18 -14.54 9.71 19.24
C THR D 18 -13.29 9.84 18.31
N PRO D 19 -12.59 8.73 18.00
CA PRO D 19 -11.68 8.75 16.79
C PRO D 19 -12.43 8.90 15.42
N PRO D 20 -11.71 8.64 14.30
CA PRO D 20 -12.37 8.25 13.04
C PRO D 20 -12.49 6.73 12.97
N ARG D 21 -12.96 6.19 11.84
CA ARG D 21 -13.37 4.76 11.80
C ARG D 21 -12.48 3.85 10.92
N ASP D 22 -12.20 2.65 11.44
CA ASP D 22 -11.19 1.71 10.89
C ASP D 22 -11.74 0.85 9.76
N LYS D 23 -10.84 0.12 9.09
CA LYS D 23 -11.23 -0.83 8.03
C LYS D 23 -10.30 -2.03 7.83
N GLU D 24 -10.81 -3.02 7.12
CA GLU D 24 -10.00 -4.06 6.49
C GLU D 24 -10.27 -4.03 5.02
N SER D 25 -9.26 -4.38 4.25
CA SER D 25 -9.37 -4.58 2.83
C SER D 25 -8.19 -5.48 2.59
N LEU D 26 -8.29 -6.40 1.66
CA LEU D 26 -7.27 -7.44 1.56
C LEU D 26 -6.48 -7.37 0.27
N SER D 27 -7.10 -7.86 -0.78
CA SER D 27 -6.44 -8.15 -2.05
C SER D 27 -7.52 -8.39 -3.10
N PRO D 28 -7.22 -8.06 -4.34
CA PRO D 28 -8.14 -7.39 -5.27
C PRO D 28 -9.38 -8.17 -5.73
N LEU D 29 -9.30 -9.51 -5.78
CA LEU D 29 -10.48 -10.35 -6.04
C LEU D 29 -11.41 -10.35 -4.85
N THR D 30 -10.86 -10.71 -3.70
CA THR D 30 -11.62 -10.79 -2.45
C THR D 30 -12.17 -9.44 -2.04
N ARG D 31 -11.57 -8.37 -2.55
CA ARG D 31 -12.08 -7.01 -2.36
C ARG D 31 -13.33 -6.78 -3.19
N PHE D 32 -13.25 -7.05 -4.48
CA PHE D 32 -14.42 -6.90 -5.37
C PHE D 32 -15.34 -8.15 -5.39
N LEU D 33 -15.12 -9.05 -4.43
CA LEU D 33 -16.13 -10.01 -3.95
C LEU D 33 -16.87 -9.45 -2.73
N ASN D 34 -16.10 -9.10 -1.70
CA ASN D 34 -16.66 -8.47 -0.48
C ASN D 34 -17.48 -7.20 -0.79
N ASN D 35 -17.08 -6.46 -1.83
CA ASN D 35 -17.90 -5.37 -2.36
C ASN D 35 -19.22 -5.89 -2.93
N GLU D 36 -19.16 -6.97 -3.71
CA GLU D 36 -20.39 -7.59 -4.26
C GLU D 36 -21.30 -8.17 -3.17
N LEU D 37 -20.71 -8.78 -2.12
CA LEU D 37 -21.53 -9.38 -1.03
C LEU D 37 -22.15 -8.33 -0.09
N TYR D 38 -21.32 -7.43 0.43
CA TYR D 38 -21.73 -6.52 1.51
C TYR D 38 -22.03 -5.09 1.06
N GLY D 39 -21.65 -4.75 -0.17
CA GLY D 39 -21.72 -3.36 -0.66
C GLY D 39 -20.34 -2.74 -0.67
N GLU D 40 -20.13 -1.72 -1.51
CA GLU D 40 -18.83 -1.02 -1.58
C GLU D 40 -18.55 -0.24 -0.29
N LYS D 41 -17.29 -0.01 -0.01
CA LYS D 41 -16.84 0.60 1.25
C LYS D 41 -17.54 1.95 1.58
N ASP D 42 -17.58 2.87 0.60
CA ASP D 42 -18.26 4.17 0.76
C ASP D 42 -19.77 4.06 0.95
N ALA D 43 -20.41 3.21 0.15
CA ALA D 43 -21.86 2.97 0.24
C ALA D 43 -22.28 2.47 1.62
N ARG D 44 -21.43 1.64 2.22
CA ARG D 44 -21.69 1.11 3.56
C ARG D 44 -21.73 2.19 4.62
N ARG D 45 -20.96 3.25 4.42
CA ARG D 45 -20.77 4.32 5.43
C ARG D 45 -21.74 5.47 5.26
N LYS D 46 -21.96 5.88 4.02
CA LYS D 46 -22.66 7.13 3.73
C LYS D 46 -24.01 7.19 4.42
N ILE D 47 -24.13 8.13 5.36
CA ILE D 47 -25.42 8.55 5.89
C ILE D 47 -25.80 9.84 5.15
N GLY D 48 -26.98 9.83 4.51
CA GLY D 48 -27.46 10.98 3.73
C GLY D 48 -27.85 12.15 4.62
N GLU D 49 -27.72 13.37 4.09
CA GLU D 49 -27.88 14.59 4.91
C GLU D 49 -29.32 14.81 5.42
N ILE D 50 -30.30 14.32 4.67
CA ILE D 50 -31.71 14.43 5.06
C ILE D 50 -31.94 13.65 6.35
N THR D 51 -31.45 12.41 6.38
CA THR D 51 -31.51 11.56 7.58
C THR D 51 -30.76 12.20 8.74
N GLN D 52 -29.51 12.62 8.50
CA GLN D 52 -28.72 13.27 9.53
C GLN D 52 -29.38 14.53 10.08
N THR D 53 -30.13 15.23 9.25
CA THR D 53 -30.91 16.39 9.72
C THR D 53 -32.06 15.96 10.63
N LEU D 54 -32.74 14.88 10.27
CA LEU D 54 -33.78 14.31 11.12
C LEU D 54 -33.20 13.74 12.42
N LEU D 55 -32.13 12.94 12.30
CA LEU D 55 -31.44 12.38 13.47
C LEU D 55 -30.82 13.45 14.40
N ASP D 56 -30.43 14.59 13.84
CA ASP D 56 -29.89 15.69 14.65
C ASP D 56 -30.99 16.41 15.43
N HIS D 57 -32.22 15.91 15.35
CA HIS D 57 -33.22 16.02 16.41
C HIS D 57 -32.89 14.85 17.32
N ALA D 58 -31.87 15.06 18.16
CA ALA D 58 -31.59 14.23 19.31
C ALA D 58 -32.37 14.83 20.47
N VAL D 59 -33.65 14.44 20.52
CA VAL D 59 -34.66 14.98 21.45
C VAL D 59 -34.31 16.37 22.01
N SER D 64 -30.33 8.81 25.56
CA SER D 64 -30.84 7.61 24.87
C SER D 64 -30.60 7.60 23.34
N GLN D 65 -30.61 8.77 22.69
CA GLN D 65 -30.82 8.83 21.24
C GLN D 65 -29.62 8.44 20.36
N LYS D 66 -28.39 8.60 20.85
CA LYS D 66 -27.20 8.13 20.09
C LYS D 66 -26.38 7.10 20.86
N VAL D 67 -25.87 6.11 20.14
CA VAL D 67 -25.28 4.90 20.74
C VAL D 67 -23.88 4.59 20.20
N THR D 68 -23.02 4.04 21.05
CA THR D 68 -21.77 3.42 20.63
C THR D 68 -21.37 2.31 21.58
N LEU D 69 -21.24 1.09 21.07
CA LEU D 69 -20.98 -0.11 21.88
C LEU D 69 -19.56 -0.62 21.63
N LYS D 70 -19.06 -1.43 22.55
CA LYS D 70 -17.80 -2.14 22.33
C LYS D 70 -18.05 -3.43 21.58
N GLY D 71 -17.72 -3.44 20.29
CA GLY D 71 -17.81 -4.63 19.47
C GLY D 71 -16.57 -5.49 19.64
N GLU D 72 -16.62 -6.67 19.03
CA GLU D 72 -15.56 -7.67 19.14
C GLU D 72 -14.26 -7.25 18.44
N VAL D 73 -14.36 -6.52 17.32
CA VAL D 73 -13.17 -6.04 16.56
C VAL D 73 -12.99 -4.52 16.58
N GLY D 74 -13.80 -3.84 17.38
CA GLY D 74 -13.88 -2.38 17.36
C GLY D 74 -15.22 -1.81 17.75
N ARG D 75 -15.39 -0.51 17.54
CA ARG D 75 -16.62 0.21 17.89
C ARG D 75 -17.77 -0.13 16.95
N LEU D 76 -18.99 -0.08 17.49
CA LEU D 76 -20.22 -0.25 16.70
C LEU D 76 -21.18 0.92 16.96
N THR D 77 -21.10 1.94 16.12
CA THR D 77 -21.91 3.14 16.28
C THR D 77 -23.32 2.94 15.80
N GLY D 78 -24.19 3.86 16.17
CA GLY D 78 -25.59 3.81 15.78
C GLY D 78 -26.47 4.69 16.63
N TYR D 79 -27.77 4.42 16.58
CA TYR D 79 -28.77 5.23 17.26
C TYR D 79 -29.79 4.33 17.97
N TYR D 80 -30.42 4.87 19.01
CA TYR D 80 -31.56 4.24 19.70
C TYR D 80 -32.69 5.24 19.58
N HIS D 81 -33.91 4.75 19.38
CA HIS D 81 -35.05 5.63 19.05
C HIS D 81 -36.26 5.43 19.99
N GLN D 82 -36.72 6.52 20.61
CA GLN D 82 -37.67 6.47 21.74
C GLN D 82 -39.06 6.07 21.29
N GLY D 83 -39.97 5.87 22.25
CA GLY D 83 -41.40 5.61 21.94
C GLY D 83 -42.14 6.87 21.50
N ALA D 84 -43.35 7.09 22.03
CA ALA D 84 -44.11 8.34 21.73
C ALA D 84 -44.98 8.79 22.91
N SER D 95 -47.00 -3.10 26.90
CA SER D 95 -46.36 -2.01 26.16
C SER D 95 -44.97 -1.65 26.75
N GLY D 96 -44.27 -0.71 26.11
CA GLY D 96 -42.92 -0.32 26.54
C GLY D 96 -41.86 -1.30 26.09
N LYS D 97 -42.07 -1.89 24.91
CA LYS D 97 -41.18 -2.92 24.34
C LYS D 97 -40.33 -2.35 23.18
N VAL D 98 -39.29 -3.11 22.79
CA VAL D 98 -38.20 -2.61 21.91
C VAL D 98 -37.95 -3.55 20.71
N VAL D 99 -37.56 -2.97 19.57
CA VAL D 99 -37.22 -3.72 18.36
C VAL D 99 -35.72 -3.64 18.12
N LEU D 100 -35.03 -4.78 18.24
CA LEU D 100 -33.61 -4.86 17.84
C LEU D 100 -33.56 -4.97 16.33
N PHE D 101 -33.11 -3.91 15.67
CA PHE D 101 -33.07 -3.86 14.22
C PHE D 101 -31.70 -4.30 13.73
N LEU D 102 -31.71 -5.38 12.94
CA LEU D 102 -30.51 -5.83 12.24
C LEU D 102 -30.61 -5.52 10.75
N HIS D 103 -29.79 -4.58 10.32
CA HIS D 103 -29.86 -4.05 8.96
C HIS D 103 -29.27 -5.02 7.94
N GLY D 104 -29.66 -4.82 6.68
CA GLY D 104 -29.10 -5.55 5.52
C GLY D 104 -27.84 -4.97 4.94
N SER D 105 -27.40 -5.52 3.81
CA SER D 105 -26.17 -5.04 3.13
C SER D 105 -26.43 -3.87 2.19
N GLY D 106 -25.35 -3.26 1.72
CA GLY D 106 -25.45 -2.20 0.71
C GLY D 106 -25.48 -0.77 1.24
N SER D 107 -26.23 -0.54 2.33
CA SER D 107 -26.40 0.80 2.90
C SER D 107 -25.99 0.82 4.35
N SER D 108 -25.95 2.03 4.92
CA SER D 108 -25.77 2.21 6.36
C SER D 108 -27.01 1.80 7.14
N ALA D 109 -26.84 1.55 8.43
CA ALA D 109 -27.97 1.22 9.30
C ALA D 109 -28.95 2.40 9.40
N GLU D 110 -28.41 3.61 9.38
CA GLU D 110 -29.21 4.80 9.55
C GLU D 110 -30.13 5.02 8.33
N GLU D 111 -29.62 4.73 7.15
CA GLU D 111 -30.39 4.88 5.90
C GLU D 111 -31.47 3.82 5.77
N GLN D 112 -31.10 2.56 6.07
CA GLN D 112 -32.05 1.45 6.01
C GLN D 112 -33.16 1.61 7.03
N ALA D 113 -32.82 2.14 8.19
CA ALA D 113 -33.78 2.30 9.29
C ALA D 113 -34.72 3.50 9.12
N SER D 114 -34.21 4.58 8.53
CA SER D 114 -34.96 5.85 8.40
C SER D 114 -36.43 5.67 7.96
N GLU D 115 -36.64 4.75 7.01
CA GLU D 115 -37.97 4.49 6.48
C GLU D 115 -38.84 3.71 7.47
N ILE D 116 -38.22 2.75 8.15
CA ILE D 116 -38.92 1.80 9.03
C ILE D 116 -39.14 2.40 10.43
N ARG D 117 -38.08 3.06 10.90
CA ARG D 117 -37.98 3.76 12.20
C ARG D 117 -39.28 4.39 12.73
N ASN D 118 -40.01 5.03 11.81
CA ASN D 118 -41.17 5.82 12.18
C ASN D 118 -42.40 4.98 12.52
N HIS D 119 -42.60 3.88 11.79
CA HIS D 119 -43.82 3.06 11.95
C HIS D 119 -43.90 2.30 13.29
N TYR D 120 -42.72 2.00 13.86
CA TYR D 120 -42.62 1.52 15.23
C TYR D 120 -42.77 2.66 16.22
N GLN D 121 -42.13 3.80 15.93
CA GLN D 121 -42.16 4.99 16.81
C GLN D 121 -43.59 5.44 17.18
N LYS D 122 -44.45 5.54 16.16
CA LYS D 122 -45.80 6.10 16.34
C LYS D 122 -46.69 5.20 17.19
N GLN D 123 -46.44 3.89 17.16
CA GLN D 123 -47.15 2.94 18.04
C GLN D 123 -46.69 3.01 19.50
N GLY D 124 -45.54 3.65 19.74
CA GLY D 124 -44.95 3.73 21.08
C GLY D 124 -43.92 2.65 21.34
N ILE D 125 -43.29 2.15 20.27
CA ILE D 125 -42.27 1.09 20.35
C ILE D 125 -40.89 1.74 20.19
N ASP D 126 -39.93 1.34 21.01
CA ASP D 126 -38.54 1.75 20.83
C ASP D 126 -37.88 0.93 19.70
N MET D 127 -36.68 1.34 19.29
CA MET D 127 -35.93 0.61 18.26
C MET D 127 -34.44 0.88 18.36
N LEU D 128 -33.65 -0.19 18.31
CA LEU D 128 -32.20 -0.06 18.36
C LEU D 128 -31.65 -0.28 16.97
N ALA D 129 -31.23 0.81 16.33
CA ALA D 129 -30.64 0.75 14.98
C ALA D 129 -29.14 0.95 15.03
N VAL D 130 -28.40 -0.14 15.20
CA VAL D 130 -26.93 -0.08 15.30
C VAL D 130 -26.28 -0.72 14.09
N ASN D 131 -25.20 -0.08 13.62
CA ASN D 131 -24.44 -0.58 12.47
C ASN D 131 -23.58 -1.77 12.85
N LEU D 132 -23.43 -2.68 11.90
CA LEU D 132 -22.56 -3.83 12.03
C LEU D 132 -21.17 -3.40 11.59
N ARG D 133 -20.18 -4.29 11.74
CA ARG D 133 -18.79 -3.93 11.42
C ARG D 133 -18.62 -3.62 9.93
N GLY D 134 -18.01 -2.47 9.65
CA GLY D 134 -17.81 -2.00 8.27
C GLY D 134 -18.94 -1.17 7.70
N TYR D 135 -19.94 -0.86 8.52
CA TYR D 135 -21.10 -0.05 8.11
C TYR D 135 -21.21 1.22 8.94
N GLY D 136 -21.78 2.25 8.34
CA GLY D 136 -22.00 3.53 9.02
C GLY D 136 -20.71 4.15 9.54
N GLU D 137 -20.57 4.19 10.87
CA GLU D 137 -19.35 4.72 11.54
C GLU D 137 -18.70 3.63 12.41
N SER D 138 -19.10 2.37 12.21
CA SER D 138 -18.65 1.26 13.04
C SER D 138 -17.33 0.73 12.52
N ASP D 139 -16.40 0.48 13.43
CA ASP D 139 -15.08 -0.02 13.05
C ASP D 139 -15.20 -1.44 12.55
N GLY D 140 -14.30 -1.80 11.63
CA GLY D 140 -14.11 -3.18 11.18
C GLY D 140 -14.33 -3.38 9.70
N GLY D 141 -14.25 -4.63 9.28
CA GLY D 141 -14.64 -5.06 7.92
C GLY D 141 -15.62 -6.22 8.02
N PRO D 142 -16.60 -6.28 7.10
CA PRO D 142 -17.67 -7.28 7.24
C PRO D 142 -17.17 -8.72 7.13
N SER D 143 -17.83 -9.62 7.86
CA SER D 143 -17.41 -11.01 7.98
C SER D 143 -18.56 -11.81 8.60
N GLU D 144 -18.78 -13.04 8.15
CA GLU D 144 -19.97 -13.81 8.61
C GLU D 144 -19.93 -14.11 10.12
N LYS D 145 -18.85 -14.74 10.57
CA LYS D 145 -18.65 -15.05 12.00
C LYS D 145 -18.68 -13.78 12.84
N GLY D 146 -18.11 -12.71 12.30
CA GLY D 146 -18.05 -11.44 12.99
C GLY D 146 -19.36 -10.70 13.07
N LEU D 147 -20.17 -10.79 12.02
CA LEU D 147 -21.45 -10.08 11.98
C LEU D 147 -22.42 -10.66 13.00
N TYR D 148 -22.42 -11.98 13.15
CA TYR D 148 -23.24 -12.64 14.16
C TYR D 148 -22.82 -12.15 15.54
N GLN D 149 -21.51 -12.07 15.77
CA GLN D 149 -20.96 -11.56 17.04
C GLN D 149 -21.42 -10.12 17.34
N ASP D 150 -21.42 -9.27 16.32
CA ASP D 150 -21.82 -7.88 16.48
C ASP D 150 -23.31 -7.74 16.78
N ALA D 151 -24.13 -8.61 16.20
CA ALA D 151 -25.56 -8.65 16.50
C ALA D 151 -25.80 -8.89 17.98
N ARG D 152 -24.99 -9.78 18.57
CA ARG D 152 -25.10 -10.13 19.98
C ARG D 152 -24.68 -9.01 20.90
N THR D 153 -23.71 -8.21 20.47
CA THR D 153 -23.32 -7.02 21.21
C THR D 153 -24.53 -6.09 21.37
N MET D 154 -25.28 -5.92 20.29
CA MET D 154 -26.48 -5.06 20.28
C MET D 154 -27.54 -5.63 21.22
N PHE D 155 -27.68 -6.94 21.19
CA PHE D 155 -28.55 -7.64 22.13
C PHE D 155 -28.09 -7.35 23.55
N ASN D 156 -26.82 -7.62 23.80
CA ASN D 156 -26.27 -7.42 25.12
C ASN D 156 -26.31 -5.95 25.58
N TYR D 157 -26.42 -5.00 24.66
CA TYR D 157 -26.71 -3.61 25.05
C TYR D 157 -28.15 -3.43 25.53
N LEU D 158 -29.08 -4.22 24.98
CA LEU D 158 -30.50 -4.13 25.37
C LEU D 158 -30.86 -4.85 26.68
N VAL D 159 -30.28 -6.03 26.91
CA VAL D 159 -30.50 -6.76 28.20
C VAL D 159 -29.62 -6.20 29.34
N ASN D 160 -28.32 -6.08 29.08
CA ASN D 160 -27.35 -5.73 30.11
C ASN D 160 -27.30 -4.24 30.49
N ASP D 161 -27.06 -3.40 29.49
CA ASP D 161 -26.85 -1.96 29.73
C ASP D 161 -28.09 -1.12 29.90
N LYS D 162 -28.99 -1.20 28.93
CA LYS D 162 -30.33 -0.66 29.07
C LYS D 162 -31.07 -1.64 29.97
N GLY D 163 -32.02 -1.12 30.75
CA GLY D 163 -32.78 -1.94 31.69
C GLY D 163 -33.96 -2.63 31.05
N ILE D 164 -33.62 -3.62 30.26
CA ILE D 164 -34.55 -4.54 29.68
C ILE D 164 -33.85 -5.77 30.20
N ASP D 165 -34.49 -6.55 31.04
CA ASP D 165 -35.87 -6.32 31.45
C ASP D 165 -36.94 -6.43 30.36
N PRO D 166 -37.09 -7.63 29.65
CA PRO D 166 -36.08 -8.65 29.86
C PRO D 166 -35.67 -9.19 28.51
N SER D 167 -36.50 -10.06 27.99
CA SER D 167 -36.33 -10.63 26.69
C SER D 167 -37.61 -10.37 25.91
N ASN D 168 -38.44 -9.45 26.36
CA ASN D 168 -39.63 -9.10 25.60
C ASN D 168 -39.28 -7.89 24.69
N ILE D 169 -38.54 -8.28 23.66
CA ILE D 169 -37.88 -7.61 22.56
C ILE D 169 -38.27 -8.41 21.34
N ILE D 170 -38.27 -7.79 20.17
CA ILE D 170 -38.27 -8.55 18.93
C ILE D 170 -37.02 -8.29 18.13
N ILE D 171 -36.51 -9.34 17.50
CA ILE D 171 -35.48 -9.18 16.53
C ILE D 171 -36.22 -8.81 15.31
N HIS D 172 -35.49 -8.22 14.40
CA HIS D 172 -36.02 -7.75 13.18
C HIS D 172 -34.75 -7.75 12.40
N GLY D 173 -34.82 -8.36 11.25
CA GLY D 173 -33.71 -8.42 10.40
C GLY D 173 -34.26 -8.31 9.01
N TYR D 174 -33.76 -7.31 8.32
CA TYR D 174 -33.92 -7.17 6.89
C TYR D 174 -32.88 -8.07 6.29
N SER D 175 -32.79 -8.16 4.98
CA SER D 175 -31.85 -9.12 4.40
C SER D 175 -30.45 -9.01 5.05
N MET D 176 -29.78 -10.17 5.17
CA MET D 176 -28.66 -10.37 6.10
C MET D 176 -29.12 -10.31 7.55
N GLY D 177 -30.42 -10.30 7.75
CA GLY D 177 -31.00 -9.76 8.96
C GLY D 177 -31.63 -10.81 9.78
N GLY D 178 -32.18 -11.81 9.08
CA GLY D 178 -31.95 -13.21 9.31
C GLY D 178 -31.43 -13.62 7.94
N PRO D 179 -30.30 -14.36 7.90
CA PRO D 179 -29.70 -15.08 9.01
C PRO D 179 -29.37 -14.34 10.27
N ILE D 180 -28.87 -13.12 10.17
CA ILE D 180 -28.17 -12.57 11.31
C ILE D 180 -29.05 -12.54 12.54
N ALA D 181 -30.28 -12.09 12.36
CA ALA D 181 -31.29 -12.16 13.42
C ALA D 181 -31.47 -13.57 13.82
N ALA D 182 -31.65 -14.44 12.84
CA ALA D 182 -31.97 -15.82 13.13
C ALA D 182 -30.91 -16.40 14.04
N ASP D 183 -29.64 -16.20 13.69
CA ASP D 183 -28.56 -16.66 14.54
C ASP D 183 -28.38 -15.89 15.85
N LEU D 184 -28.66 -14.58 15.89
CA LEU D 184 -28.75 -13.94 17.20
C LEU D 184 -29.85 -14.67 17.97
N ALA D 185 -30.99 -14.83 17.31
CA ALA D 185 -32.16 -15.40 17.96
C ALA D 185 -31.82 -16.77 18.51
N ARG D 186 -31.08 -17.56 17.73
CA ARG D 186 -30.72 -18.90 18.13
C ARG D 186 -30.02 -18.81 19.45
N TYR D 187 -29.00 -17.95 19.49
CA TYR D 187 -28.10 -17.89 20.63
C TYR D 187 -28.85 -17.56 21.91
N ALA D 188 -29.78 -16.62 21.83
CA ALA D 188 -30.45 -16.12 23.04
C ALA D 188 -31.13 -17.26 23.74
N ALA D 189 -31.87 -18.05 22.99
CA ALA D 189 -32.61 -19.17 23.57
C ALA D 189 -31.64 -20.13 24.24
N GLN D 190 -30.61 -20.52 23.50
CA GLN D 190 -29.50 -21.34 24.03
C GLN D 190 -28.97 -20.78 25.35
N ASN D 191 -28.88 -19.45 25.43
CA ASN D 191 -28.28 -18.74 26.57
C ASN D 191 -29.31 -18.26 27.61
N GLY D 192 -30.56 -18.69 27.45
CA GLY D 192 -31.60 -18.46 28.47
C GLY D 192 -32.23 -17.08 28.52
N GLN D 193 -31.92 -16.23 27.54
CA GLN D 193 -32.47 -14.88 27.47
C GLN D 193 -33.51 -14.82 26.34
N ALA D 194 -34.27 -15.91 26.20
CA ALA D 194 -35.05 -16.18 24.99
C ALA D 194 -35.89 -14.96 24.57
N VAL D 195 -35.65 -14.51 23.34
CA VAL D 195 -36.31 -13.31 22.77
C VAL D 195 -37.79 -13.61 22.42
N SER D 196 -38.63 -12.56 22.45
CA SER D 196 -40.09 -12.71 22.29
C SER D 196 -40.52 -13.15 20.90
N GLY D 197 -39.95 -12.54 19.87
CA GLY D 197 -40.36 -12.82 18.49
C GLY D 197 -39.30 -12.51 17.45
N LEU D 198 -39.33 -13.28 16.36
CA LEU D 198 -38.43 -13.08 15.23
C LEU D 198 -39.23 -12.49 14.07
N LEU D 199 -38.59 -11.59 13.33
CA LEU D 199 -39.17 -11.05 12.09
C LEU D 199 -38.16 -11.20 10.97
N LEU D 200 -38.48 -12.05 10.01
CA LEU D 200 -37.72 -12.15 8.77
C LEU D 200 -38.35 -11.25 7.72
N ASP D 201 -37.79 -10.04 7.61
CA ASP D 201 -38.31 -8.98 6.75
C ASP D 201 -37.60 -9.07 5.40
N ARG D 202 -38.33 -9.60 4.41
CA ARG D 202 -37.82 -9.75 3.02
C ARG D 202 -36.42 -10.40 2.98
N PRO D 203 -36.28 -11.56 3.63
CA PRO D 203 -35.00 -12.00 4.10
C PRO D 203 -34.20 -12.65 3.02
N MET D 204 -32.90 -12.73 3.26
CA MET D 204 -32.00 -13.52 2.43
C MET D 204 -32.10 -14.99 2.89
N PRO D 205 -32.58 -15.90 2.03
CA PRO D 205 -32.61 -17.31 2.47
C PRO D 205 -31.21 -17.88 2.65
N SER D 206 -30.34 -17.61 1.67
CA SER D 206 -28.93 -17.93 1.77
C SER D 206 -28.16 -17.04 0.81
N MET D 207 -26.91 -16.74 1.14
CA MET D 207 -26.12 -15.76 0.39
C MET D 207 -26.03 -16.15 -1.07
N THR D 208 -25.70 -17.42 -1.28
CA THR D 208 -25.68 -18.02 -2.60
C THR D 208 -26.96 -17.72 -3.36
N LYS D 209 -28.10 -18.07 -2.76
CA LYS D 209 -29.40 -17.91 -3.41
C LYS D 209 -29.82 -16.45 -3.56
N ALA D 210 -29.37 -15.60 -2.63
CA ALA D 210 -29.64 -14.18 -2.70
C ALA D 210 -29.01 -13.57 -3.95
N ILE D 211 -27.80 -14.03 -4.30
CA ILE D 211 -27.07 -13.51 -5.46
C ILE D 211 -27.72 -13.95 -6.77
N THR D 212 -27.95 -15.24 -6.92
CA THR D 212 -28.54 -15.78 -8.16
C THR D 212 -30.02 -15.37 -8.38
N ALA D 213 -30.71 -15.03 -7.30
CA ALA D 213 -32.17 -14.82 -7.36
C ALA D 213 -32.65 -13.61 -8.17
N HIS D 214 -31.85 -12.54 -8.17
CA HIS D 214 -32.26 -11.29 -8.82
C HIS D 214 -32.01 -11.31 -10.33
N GLU D 215 -31.81 -12.52 -10.86
CA GLU D 215 -31.11 -12.78 -12.10
C GLU D 215 -32.11 -13.51 -13.03
N VAL D 216 -31.77 -13.86 -14.29
CA VAL D 216 -30.51 -14.55 -14.77
C VAL D 216 -29.94 -15.71 -13.88
N ALA D 217 -30.79 -16.66 -13.49
CA ALA D 217 -30.33 -17.84 -12.76
C ALA D 217 -29.67 -18.86 -13.73
N ASN D 218 -29.16 -19.96 -13.25
CA ASN D 218 -28.58 -20.87 -14.22
C ASN D 218 -27.37 -20.25 -14.84
N PRO D 219 -26.71 -19.35 -14.02
CA PRO D 219 -25.59 -18.63 -14.64
C PRO D 219 -24.11 -18.99 -14.39
N ALA D 220 -23.28 -18.20 -15.06
CA ALA D 220 -21.81 -18.18 -14.97
C ALA D 220 -21.43 -16.82 -15.54
N GLY D 221 -20.26 -16.27 -15.23
CA GLY D 221 -19.30 -16.82 -14.27
C GLY D 221 -19.25 -15.94 -13.07
N ILE D 222 -18.98 -14.67 -13.30
CA ILE D 222 -18.86 -13.74 -12.24
C ILE D 222 -20.04 -13.81 -11.26
N VAL D 223 -21.25 -14.05 -11.76
CA VAL D 223 -22.39 -14.14 -10.85
C VAL D 223 -22.42 -15.49 -10.14
N GLY D 224 -22.12 -16.56 -10.88
CA GLY D 224 -22.17 -17.94 -10.36
C GLY D 224 -20.92 -18.39 -9.63
N ALA D 225 -19.77 -17.87 -10.06
CA ALA D 225 -18.51 -18.07 -9.35
C ALA D 225 -18.57 -17.48 -7.95
N ILE D 226 -19.14 -16.28 -7.81
CA ILE D 226 -19.31 -15.63 -6.49
C ILE D 226 -20.27 -16.41 -5.61
N ALA D 227 -21.33 -16.92 -6.21
CA ALA D 227 -22.31 -17.77 -5.54
C ALA D 227 -21.66 -19.06 -5.01
N LYS D 228 -20.89 -19.71 -5.88
CA LYS D 228 -20.18 -20.95 -5.54
C LYS D 228 -19.10 -20.72 -4.47
N ALA D 229 -18.51 -19.53 -4.49
CA ALA D 229 -17.53 -19.14 -3.46
C ALA D 229 -18.15 -19.03 -2.06
N VAL D 230 -19.36 -18.48 -2.02
CA VAL D 230 -19.97 -18.07 -0.74
C VAL D 230 -21.04 -19.08 -0.30
N ASN D 231 -20.73 -20.35 -0.53
CA ASN D 231 -21.66 -21.46 -0.31
C ASN D 231 -21.80 -21.73 1.18
N GLY D 232 -23.04 -21.89 1.64
CA GLY D 232 -23.31 -22.19 3.03
C GLY D 232 -23.00 -21.05 3.99
N GLN D 233 -23.10 -19.82 3.47
CA GLN D 233 -23.03 -18.63 4.31
C GLN D 233 -24.40 -17.97 4.39
N PHE D 234 -24.74 -17.47 5.57
CA PHE D 234 -25.96 -16.69 5.79
C PHE D 234 -27.24 -17.44 5.41
N SER D 235 -27.35 -18.69 5.88
CA SER D 235 -28.51 -19.55 5.63
C SER D 235 -29.46 -19.48 6.80
N VAL D 236 -30.69 -19.04 6.54
CA VAL D 236 -31.67 -18.85 7.60
C VAL D 236 -32.03 -20.19 8.23
N GLU D 237 -32.40 -21.16 7.40
CA GLU D 237 -32.76 -22.50 7.87
C GLU D 237 -31.66 -23.14 8.70
N LYS D 238 -30.41 -22.90 8.30
CA LYS D 238 -29.25 -23.42 8.99
C LYS D 238 -29.04 -22.71 10.32
N ASN D 239 -29.24 -21.40 10.33
CA ASN D 239 -29.09 -20.61 11.55
C ASN D 239 -30.23 -20.86 12.55
N LEU D 240 -31.41 -21.24 12.06
CA LEU D 240 -32.58 -21.48 12.93
C LEU D 240 -32.53 -22.84 13.62
N LYS D 241 -31.79 -23.80 13.04
CA LYS D 241 -31.69 -25.14 13.65
C LYS D 241 -31.01 -25.06 15.02
N GLY D 242 -31.77 -25.41 16.06
CA GLY D 242 -31.37 -25.13 17.45
C GLY D 242 -32.44 -24.34 18.18
N LEU D 243 -33.03 -23.36 17.48
CA LEU D 243 -34.11 -22.53 18.02
C LEU D 243 -35.30 -23.41 18.40
N PRO D 244 -35.91 -23.17 19.59
CA PRO D 244 -37.18 -23.82 19.94
C PRO D 244 -38.29 -23.48 18.96
N LYS D 245 -39.03 -24.50 18.51
CA LYS D 245 -40.01 -24.33 17.43
C LYS D 245 -41.27 -23.54 17.82
N GLU D 246 -41.47 -23.34 19.13
CA GLU D 246 -42.57 -22.48 19.65
C GLU D 246 -42.34 -21.00 19.35
N THR D 247 -41.07 -20.58 19.30
CA THR D 247 -40.71 -19.18 19.08
C THR D 247 -41.43 -18.66 17.84
N PRO D 248 -42.19 -17.55 17.98
CA PRO D 248 -42.94 -17.00 16.86
C PRO D 248 -42.03 -16.34 15.83
N ILE D 249 -42.14 -16.82 14.59
CA ILE D 249 -41.39 -16.32 13.46
C ILE D 249 -42.38 -15.73 12.48
N LEU D 250 -42.20 -14.45 12.16
CA LEU D 250 -43.00 -13.79 11.14
C LEU D 250 -42.15 -13.59 9.88
N LEU D 251 -42.58 -14.22 8.80
CA LEU D 251 -41.82 -14.23 7.55
C LEU D 251 -42.59 -13.44 6.49
N LEU D 252 -42.09 -12.27 6.13
CA LEU D 252 -42.71 -11.42 5.10
C LEU D 252 -41.81 -11.33 3.88
N THR D 253 -42.32 -11.77 2.71
CA THR D 253 -41.50 -11.82 1.49
C THR D 253 -41.82 -10.70 0.50
N ASP D 254 -40.82 -10.34 -0.29
CA ASP D 254 -40.97 -9.40 -1.39
C ASP D 254 -41.61 -10.08 -2.59
N ASN D 255 -41.99 -9.29 -3.58
CA ASN D 255 -42.67 -9.81 -4.80
C ASN D 255 -41.70 -10.23 -5.91
N GLU D 256 -40.41 -10.10 -5.64
CA GLU D 256 -39.36 -10.39 -6.61
C GLU D 256 -38.61 -11.66 -6.22
N GLY D 257 -37.63 -12.04 -7.05
CA GLY D 257 -36.97 -13.35 -6.96
C GLY D 257 -36.49 -13.85 -5.59
N LEU D 258 -36.23 -12.92 -4.68
CA LEU D 258 -35.82 -13.27 -3.30
C LEU D 258 -36.98 -13.72 -2.40
N GLY D 259 -38.19 -13.28 -2.73
CA GLY D 259 -39.41 -13.84 -2.16
C GLY D 259 -39.75 -15.21 -2.72
N GLU D 260 -39.67 -15.34 -4.04
CA GLU D 260 -39.78 -16.62 -4.72
C GLU D 260 -38.93 -17.71 -4.00
N GLU D 261 -37.72 -17.35 -3.59
CA GLU D 261 -36.86 -18.25 -2.79
C GLU D 261 -37.20 -18.21 -1.31
N GLY D 262 -37.74 -17.08 -0.87
CA GLY D 262 -38.29 -16.96 0.48
C GLY D 262 -39.50 -17.86 0.73
N GLU D 263 -40.40 -17.93 -0.24
CA GLU D 263 -41.60 -18.76 -0.08
C GLU D 263 -41.30 -20.24 -0.23
N LYS D 264 -40.23 -20.56 -0.98
CA LYS D 264 -39.65 -21.90 -0.94
C LYS D 264 -39.16 -22.22 0.47
N LEU D 265 -38.52 -21.26 1.11
CA LEU D 265 -38.04 -21.38 2.50
C LEU D 265 -39.20 -21.53 3.49
N ARG D 266 -40.20 -20.66 3.35
CA ARG D 266 -41.36 -20.67 4.25
C ARG D 266 -41.92 -22.08 4.43
N ALA D 267 -42.15 -22.75 3.30
CA ALA D 267 -42.69 -24.11 3.28
C ALA D 267 -41.79 -25.12 4.00
N LYS D 268 -40.48 -24.98 3.83
CA LYS D 268 -39.51 -25.82 4.53
C LYS D 268 -39.67 -25.61 6.03
N LEU D 269 -39.71 -24.33 6.43
CA LEU D 269 -39.84 -23.95 7.85
C LEU D 269 -41.19 -24.32 8.46
N ALA D 270 -42.27 -24.19 7.71
CA ALA D 270 -43.61 -24.58 8.19
C ALA D 270 -43.63 -26.09 8.50
N ILE D 271 -43.29 -26.89 7.49
CA ILE D 271 -43.28 -28.36 7.59
C ILE D 271 -42.35 -28.87 8.70
N ALA D 272 -41.19 -28.25 8.84
CA ALA D 272 -40.27 -28.60 9.92
C ALA D 272 -40.92 -28.39 11.30
N GLY D 273 -41.82 -27.41 11.38
CA GLY D 273 -42.64 -27.21 12.57
C GLY D 273 -42.43 -25.89 13.32
N TYR D 274 -41.63 -24.97 12.75
CA TYR D 274 -41.40 -23.67 13.38
C TYR D 274 -42.70 -22.88 13.36
N ASN D 275 -42.81 -21.91 14.26
CA ASN D 275 -44.08 -21.17 14.44
C ASN D 275 -44.18 -20.01 13.41
N VAL D 276 -44.28 -20.40 12.14
CA VAL D 276 -44.14 -19.45 11.03
C VAL D 276 -45.50 -18.91 10.61
N THR D 277 -45.70 -17.60 10.79
CA THR D 277 -46.87 -16.91 10.25
C THR D 277 -46.43 -15.79 9.32
N GLY D 278 -47.40 -15.09 8.74
CA GLY D 278 -47.15 -14.01 7.78
C GLY D 278 -47.67 -14.40 6.41
N GLU D 279 -47.33 -13.62 5.40
CA GLU D 279 -47.68 -13.95 4.00
C GLU D 279 -46.60 -13.43 3.05
N GLN D 280 -46.80 -13.64 1.76
CA GLN D 280 -46.03 -12.92 0.76
C GLN D 280 -46.69 -11.57 0.47
N THR D 281 -45.92 -10.50 0.51
CA THR D 281 -46.38 -9.15 0.17
C THR D 281 -46.37 -9.00 -1.34
N PHE D 282 -46.94 -7.91 -1.87
CA PHE D 282 -46.62 -7.49 -3.25
C PHE D 282 -45.83 -6.16 -3.34
N TYR D 283 -44.93 -5.96 -2.38
CA TYR D 283 -44.01 -4.83 -2.40
C TYR D 283 -42.62 -5.29 -2.79
N GLY D 284 -41.85 -4.38 -3.38
CA GLY D 284 -40.48 -4.65 -3.82
C GLY D 284 -39.47 -4.70 -2.68
N HIS D 285 -38.37 -5.42 -2.91
CA HIS D 285 -37.39 -5.71 -1.86
C HIS D 285 -36.67 -4.51 -1.22
N GLU D 286 -36.88 -3.31 -1.75
CA GLU D 286 -36.35 -2.09 -1.11
C GLU D 286 -37.47 -1.12 -0.70
N ALA D 287 -38.70 -1.60 -0.71
CA ALA D 287 -39.86 -0.78 -0.40
C ALA D 287 -40.21 -0.95 1.06
N SER D 288 -39.39 -0.39 1.92
CA SER D 288 -39.61 -0.49 3.36
C SER D 288 -40.90 0.21 3.77
N ASN D 289 -40.99 1.52 3.49
CA ASN D 289 -42.09 2.36 4.00
C ASN D 289 -43.47 1.83 3.59
N ARG D 290 -43.54 1.30 2.38
CA ARG D 290 -44.78 0.74 1.87
C ARG D 290 -45.14 -0.56 2.63
N LEU D 291 -44.14 -1.41 2.86
CA LEU D 291 -44.34 -2.70 3.54
C LEU D 291 -44.70 -2.49 5.00
N MET D 292 -43.88 -1.73 5.70
CA MET D 292 -44.14 -1.38 7.10
C MET D 292 -45.44 -0.61 7.22
N GLY D 293 -45.74 0.21 6.21
CA GLY D 293 -47.02 0.90 6.13
C GLY D 293 -48.18 -0.05 6.38
N GLN D 294 -48.19 -1.16 5.64
CA GLN D 294 -49.26 -2.14 5.76
C GLN D 294 -49.10 -2.97 7.02
N TYR D 295 -47.93 -3.60 7.17
CA TYR D 295 -47.76 -4.73 8.11
C TYR D 295 -47.37 -4.40 9.56
N ALA D 296 -47.28 -3.11 9.89
CA ALA D 296 -46.84 -2.68 11.24
C ALA D 296 -47.72 -3.25 12.35
N ASP D 297 -49.03 -3.27 12.13
CA ASP D 297 -49.97 -3.85 13.09
C ASP D 297 -49.70 -5.34 13.25
N GLN D 298 -49.73 -6.07 12.12
CA GLN D 298 -49.47 -7.54 12.11
C GLN D 298 -48.07 -7.93 12.62
N ILE D 299 -47.10 -7.01 12.53
CA ILE D 299 -45.77 -7.22 13.14
C ILE D 299 -45.82 -7.10 14.67
N VAL D 300 -46.38 -6.00 15.17
CA VAL D 300 -46.31 -5.67 16.62
C VAL D 300 -47.26 -6.55 17.44
N SER D 301 -48.30 -7.08 16.81
CA SER D 301 -49.08 -8.13 17.45
C SER D 301 -48.42 -9.50 17.22
N GLY D 302 -47.13 -9.50 16.85
CA GLY D 302 -46.42 -10.71 16.41
C GLY D 302 -45.24 -11.03 17.30
N LEU D 303 -45.43 -10.75 18.59
CA LEU D 303 -44.53 -11.19 19.63
C LEU D 303 -45.25 -11.90 20.79
N PHE D 304 -46.60 -11.92 20.77
CA PHE D 304 -47.42 -12.64 21.80
C PHE D 304 -48.45 -13.63 21.23
N ASN D 305 -49.19 -14.30 22.12
CA ASN D 305 -49.83 -15.58 21.85
C ASN D 305 -51.37 -15.55 21.70
N ALA D 306 -51.98 -14.36 21.65
CA ALA D 306 -53.40 -14.26 21.30
C ALA D 306 -53.82 -12.89 20.75
N GLU D 307 -53.46 -12.54 19.50
CA GLU D 307 -52.67 -13.34 18.55
C GLU D 307 -53.28 -14.72 18.21
N GLN D 308 -52.55 -15.83 18.45
CA GLN D 308 -52.93 -17.20 17.97
C GLN D 308 -54.41 -17.56 18.25
N ALA D 309 -54.97 -16.94 19.27
CA ALA D 309 -56.40 -16.96 19.54
C ALA D 309 -57.24 -16.28 18.46
N ALA D 310 -56.94 -15.01 18.20
CA ALA D 310 -57.51 -14.28 17.04
C ALA D 310 -57.13 -14.98 15.72
N VAL D 311 -56.07 -15.76 15.78
CA VAL D 311 -55.65 -16.65 14.69
C VAL D 311 -56.73 -17.70 14.40
N GLU D 312 -57.01 -18.54 15.39
CA GLU D 312 -58.09 -19.54 15.31
C GLU D 312 -59.43 -18.82 15.08
N ALA D 313 -59.55 -17.59 15.56
CA ALA D 313 -60.77 -16.79 15.35
C ALA D 313 -61.13 -16.60 13.89
N GLY D 314 -60.28 -15.87 13.15
CA GLY D 314 -60.49 -15.66 11.72
C GLY D 314 -60.37 -16.97 10.94
N GLU D 315 -59.57 -17.89 11.48
CA GLU D 315 -59.41 -19.22 10.91
C GLU D 315 -60.72 -20.01 10.92
N VAL D 316 -61.37 -20.07 12.07
CA VAL D 316 -62.65 -20.79 12.21
C VAL D 316 -63.72 -20.13 11.35
N LEU D 317 -63.78 -18.80 11.36
CA LEU D 317 -64.82 -18.09 10.60
C LEU D 317 -64.74 -18.50 9.12
N LYS D 318 -63.51 -18.59 8.61
CA LYS D 318 -63.26 -19.22 7.31
C LYS D 318 -63.77 -20.65 7.32
N GLY D 319 -63.26 -21.45 8.26
CA GLY D 319 -63.70 -22.83 8.43
C GLY D 319 -65.21 -22.98 8.30
N LEU D 320 -65.92 -22.23 9.15
CA LEU D 320 -67.41 -22.24 9.21
C LEU D 320 -68.06 -21.99 7.87
N GLU D 321 -67.70 -20.88 7.24
CA GLU D 321 -68.18 -20.54 5.89
C GLU D 321 -67.86 -21.59 4.88
N LYS D 322 -66.59 -21.89 4.79
CA LYS D 322 -66.11 -22.77 3.75
C LYS D 322 -66.86 -24.10 3.83
N ASP D 323 -67.16 -24.54 5.04
CA ASP D 323 -68.01 -25.71 5.27
C ASP D 323 -69.46 -25.44 4.86
N PHE D 324 -69.93 -24.23 5.16
CA PHE D 324 -71.21 -23.64 4.64
C PHE D 324 -71.44 -23.99 3.15
N LYS D 325 -70.38 -23.97 2.36
CA LYS D 325 -70.42 -24.32 0.93
C LYS D 325 -70.84 -25.74 0.64
N ARG D 326 -70.30 -26.70 1.37
CA ARG D 326 -70.61 -28.08 1.10
C ARG D 326 -71.89 -28.09 1.84
N TYR D 327 -72.86 -27.46 1.22
CA TYR D 327 -74.21 -27.38 1.67
C TYR D 327 -74.77 -28.66 2.17
N ILE D 344 -72.87 -34.77 -7.51
CA ILE D 344 -72.42 -33.90 -8.60
C ILE D 344 -70.89 -33.90 -8.78
N ARG D 345 -70.16 -33.98 -7.66
CA ARG D 345 -68.70 -33.85 -7.63
C ARG D 345 -68.00 -34.82 -8.57
N THR D 346 -68.49 -36.05 -8.61
CA THR D 346 -67.87 -37.12 -9.42
C THR D 346 -68.27 -37.07 -10.90
N THR D 347 -69.45 -36.52 -11.21
CA THR D 347 -69.98 -36.61 -12.58
C THR D 347 -69.22 -35.75 -13.63
N LYS D 348 -69.10 -36.33 -14.83
CA LYS D 348 -68.37 -35.78 -16.00
C LYS D 348 -68.51 -34.29 -16.37
N ASP D 349 -69.65 -33.68 -16.03
CA ASP D 349 -69.87 -32.26 -16.30
C ASP D 349 -69.05 -31.41 -15.32
N PHE D 350 -69.10 -31.80 -14.06
CA PHE D 350 -68.34 -31.15 -12.99
C PHE D 350 -66.83 -31.17 -13.25
N LEU D 351 -66.34 -32.32 -13.72
CA LEU D 351 -64.91 -32.50 -14.01
C LEU D 351 -64.45 -31.70 -15.23
N ASN D 352 -65.38 -31.40 -16.15
CA ASN D 352 -65.09 -30.49 -17.28
C ASN D 352 -64.84 -29.04 -16.83
N GLY D 353 -65.41 -28.65 -15.69
CA GLY D 353 -65.25 -27.31 -15.13
C GLY D 353 -64.30 -27.12 -13.95
N TYR D 354 -63.74 -28.22 -13.45
CA TYR D 354 -62.75 -28.18 -12.38
C TYR D 354 -61.38 -27.90 -13.02
N LYS D 355 -61.05 -26.60 -13.16
CA LYS D 355 -59.71 -26.16 -13.62
C LYS D 355 -59.52 -24.64 -13.57
N ASN D 356 -58.25 -24.24 -13.62
CA ASN D 356 -57.86 -22.83 -13.48
C ASN D 356 -58.23 -21.95 -14.68
N ASP D 357 -58.70 -20.73 -14.38
CA ASP D 357 -59.08 -19.73 -15.40
C ASP D 357 -60.29 -20.12 -16.26
N HIS D 358 -61.02 -21.17 -15.86
CA HIS D 358 -62.19 -21.62 -16.61
C HIS D 358 -63.46 -20.93 -16.10
N ALA D 359 -63.45 -20.59 -14.81
CA ALA D 359 -64.56 -19.87 -14.20
C ALA D 359 -64.71 -18.44 -14.71
N LYS D 360 -63.60 -17.83 -15.14
CA LYS D 360 -63.62 -16.43 -15.61
C LYS D 360 -64.38 -16.24 -16.94
N GLU D 361 -64.57 -17.33 -17.69
CA GLU D 361 -65.34 -17.30 -18.93
C GLU D 361 -66.83 -17.53 -18.66
N ILE D 362 -67.14 -18.62 -17.96
CA ILE D 362 -68.53 -19.12 -17.88
C ILE D 362 -69.29 -18.82 -16.58
N VAL D 363 -68.63 -18.18 -15.62
CA VAL D 363 -69.29 -17.75 -14.36
C VAL D 363 -69.30 -16.23 -14.21
N ASP D 364 -70.49 -15.65 -14.28
CA ASP D 364 -70.66 -14.20 -14.37
C ASP D 364 -70.58 -13.52 -13.01
N GLY D 365 -70.18 -12.25 -13.02
CA GLY D 365 -70.06 -11.45 -11.80
C GLY D 365 -68.88 -11.78 -10.90
N PHE D 366 -68.05 -12.75 -11.31
CA PHE D 366 -66.97 -13.28 -10.47
C PHE D 366 -65.62 -12.67 -10.87
N ARG D 367 -65.03 -11.96 -9.92
CA ARG D 367 -63.70 -11.39 -10.08
C ARG D 367 -62.70 -12.34 -9.41
N SER D 368 -61.45 -12.30 -9.88
CA SER D 368 -60.38 -13.16 -9.34
C SER D 368 -59.81 -12.68 -8.00
N ASP D 369 -60.16 -11.46 -7.58
CA ASP D 369 -59.70 -10.92 -6.28
C ASP D 369 -60.69 -11.14 -5.11
N MET D 370 -61.85 -11.73 -5.40
CA MET D 370 -62.85 -12.04 -4.37
C MET D 370 -62.32 -13.04 -3.33
N SER D 371 -62.87 -12.95 -2.12
CA SER D 371 -62.51 -13.87 -1.02
C SER D 371 -63.24 -15.19 -1.16
N ILE D 372 -62.97 -16.12 -0.27
CA ILE D 372 -63.75 -17.34 -0.20
C ILE D 372 -65.20 -16.97 0.21
N LYS D 373 -65.32 -16.04 1.16
CA LYS D 373 -66.66 -15.62 1.67
C LYS D 373 -67.56 -15.14 0.54
N GLN D 374 -66.97 -14.41 -0.41
CA GLN D 374 -67.70 -13.91 -1.58
C GLN D 374 -67.91 -15.00 -2.65
N LEU D 375 -66.90 -15.87 -2.81
CA LEU D 375 -66.97 -16.96 -3.80
C LEU D 375 -67.98 -18.04 -3.41
N VAL D 376 -68.04 -18.36 -2.12
CA VAL D 376 -69.00 -19.36 -1.60
C VAL D 376 -70.42 -18.81 -1.61
N ASP D 377 -70.56 -17.51 -1.38
CA ASP D 377 -71.83 -16.82 -1.60
C ASP D 377 -72.22 -16.83 -3.07
N LEU D 378 -71.26 -16.62 -3.96
CA LEU D 378 -71.48 -16.76 -5.40
C LEU D 378 -72.00 -18.16 -5.76
N PHE D 379 -71.56 -19.17 -5.01
CA PHE D 379 -71.98 -20.54 -5.27
C PHE D 379 -73.47 -20.71 -5.01
N VAL D 380 -73.93 -20.26 -3.85
CA VAL D 380 -75.31 -20.55 -3.40
C VAL D 380 -76.34 -19.59 -3.99
N LYS D 381 -76.06 -18.29 -3.93
CA LYS D 381 -76.95 -17.27 -4.46
C LYS D 381 -76.87 -17.33 -5.98
N GLY D 382 -78.01 -17.40 -6.66
CA GLY D 382 -78.05 -17.53 -8.12
C GLY D 382 -77.85 -18.98 -8.58
N SER D 383 -78.32 -19.26 -9.78
CA SER D 383 -78.37 -20.62 -10.33
C SER D 383 -77.16 -20.90 -11.23
N TRP D 384 -76.55 -22.07 -11.06
CA TRP D 384 -75.47 -22.50 -11.96
C TRP D 384 -75.70 -23.92 -12.48
N SER D 385 -75.08 -24.21 -13.63
CA SER D 385 -75.12 -25.53 -14.25
C SER D 385 -74.07 -26.47 -13.63
N ALA D 386 -74.13 -27.73 -14.04
CA ALA D 386 -73.19 -28.76 -13.55
C ALA D 386 -71.72 -28.36 -13.82
N GLU D 387 -71.47 -27.81 -15.00
CA GLU D 387 -70.11 -27.39 -15.40
C GLU D 387 -69.68 -26.08 -14.73
N GLN D 388 -70.60 -25.13 -14.59
CA GLN D 388 -70.33 -23.86 -13.92
C GLN D 388 -69.99 -24.07 -12.44
N LYS D 389 -70.71 -25.01 -11.81
CA LYS D 389 -70.48 -25.36 -10.40
C LYS D 389 -69.08 -25.93 -10.18
N GLY D 390 -68.60 -26.71 -11.14
CA GLY D 390 -67.22 -27.23 -11.14
C GLY D 390 -66.16 -26.15 -11.29
N ALA D 391 -66.44 -25.14 -12.09
CA ALA D 391 -65.51 -24.04 -12.30
C ALA D 391 -65.28 -23.22 -11.03
N LEU D 392 -66.35 -22.96 -10.30
CA LEU D 392 -66.25 -22.30 -9.00
C LEU D 392 -65.59 -23.20 -7.96
N ALA D 393 -65.85 -24.51 -8.06
CA ALA D 393 -65.33 -25.48 -7.10
C ALA D 393 -63.82 -25.43 -7.02
N TRP D 394 -63.16 -25.48 -8.17
CA TRP D 394 -61.72 -25.33 -8.24
C TRP D 394 -61.31 -24.00 -7.63
N GLU D 395 -61.99 -22.92 -8.03
CA GLU D 395 -61.65 -21.56 -7.60
C GLU D 395 -61.78 -21.42 -6.08
N ILE D 396 -62.79 -22.07 -5.50
CA ILE D 396 -63.00 -22.05 -4.05
C ILE D 396 -62.00 -22.96 -3.33
N GLU D 397 -61.92 -24.21 -3.78
CA GLU D 397 -61.07 -25.22 -3.15
C GLU D 397 -59.56 -24.94 -3.28
N SER D 398 -59.17 -24.14 -4.28
CA SER D 398 -57.77 -23.72 -4.43
C SER D 398 -57.35 -22.68 -3.37
N ARG D 399 -58.16 -21.63 -3.21
CA ARG D 399 -57.98 -20.66 -2.09
C ARG D 399 -58.01 -21.37 -0.75
N ALA D 400 -58.89 -22.37 -0.68
CA ALA D 400 -59.14 -23.14 0.52
C ALA D 400 -57.94 -23.95 1.03
N LEU D 401 -57.05 -24.34 0.12
CA LEU D 401 -55.96 -25.21 0.50
C LEU D 401 -55.06 -24.58 1.57
N LYS D 402 -54.69 -23.31 1.39
CA LYS D 402 -53.76 -22.62 2.32
C LYS D 402 -54.27 -22.61 3.75
N VAL D 403 -55.57 -22.47 3.91
CA VAL D 403 -56.19 -22.38 5.25
C VAL D 403 -56.29 -23.75 5.97
N THR D 404 -55.92 -24.85 5.30
CA THR D 404 -55.92 -26.18 5.94
C THR D 404 -54.72 -26.47 6.87
N PHE D 405 -53.71 -25.59 6.92
CA PHE D 405 -52.41 -25.96 7.57
C PHE D 405 -52.30 -25.70 9.09
N GLN D 406 -52.46 -24.45 9.52
CA GLN D 406 -52.63 -24.10 10.95
C GLN D 406 -54.14 -24.10 11.30
N ASN D 407 -54.51 -24.33 12.56
CA ASN D 407 -53.61 -24.64 13.70
C ASN D 407 -53.42 -26.15 13.86
N LYS D 408 -52.62 -26.56 14.85
CA LYS D 408 -52.57 -27.95 15.32
C LYS D 408 -52.36 -27.98 16.83
N SER D 409 -53.00 -28.95 17.49
CA SER D 409 -53.12 -28.95 18.97
C SER D 409 -51.79 -29.27 19.65
N GLU D 410 -51.39 -28.39 20.57
CA GLU D 410 -50.05 -28.41 21.12
C GLU D 410 -49.76 -29.62 22.01
N LYS D 411 -50.80 -30.34 22.44
CA LYS D 411 -50.63 -31.62 23.18
C LYS D 411 -49.81 -32.67 22.39
N TYR D 412 -49.96 -32.66 21.06
CA TYR D 412 -49.18 -33.55 20.18
C TYR D 412 -47.72 -33.14 20.11
N ASN D 413 -47.49 -31.82 20.10
CA ASN D 413 -46.13 -31.28 20.19
C ASN D 413 -45.54 -31.58 21.57
N ARG D 414 -46.32 -31.29 22.60
CA ARG D 414 -45.96 -31.58 23.99
C ARG D 414 -45.50 -33.03 24.15
N LEU D 415 -46.34 -33.95 23.69
CA LEU D 415 -46.06 -35.39 23.80
C LEU D 415 -44.80 -35.78 23.05
N PHE D 416 -44.57 -35.15 21.90
CA PHE D 416 -43.38 -35.40 21.12
C PHE D 416 -42.12 -34.94 21.85
N ARG D 417 -42.20 -33.75 22.43
CA ARG D 417 -41.10 -33.19 23.21
C ARG D 417 -40.79 -34.03 24.45
N GLU D 418 -41.84 -34.52 25.11
CA GLU D 418 -41.68 -35.41 26.27
C GLU D 418 -40.87 -36.67 25.94
N ILE D 419 -41.16 -37.29 24.79
CA ILE D 419 -40.52 -38.56 24.39
C ILE D 419 -39.04 -38.36 24.02
N ALA D 420 -38.72 -37.27 23.34
CA ALA D 420 -37.32 -36.93 23.03
C ALA D 420 -36.51 -36.58 24.28
N SER D 421 -37.18 -36.01 25.30
CA SER D 421 -36.53 -35.58 26.55
C SER D 421 -36.05 -36.74 27.43
N ALA D 422 -36.98 -37.59 27.83
CA ALA D 422 -36.69 -38.73 28.70
C ALA D 422 -35.85 -39.78 27.96
N GLY D 423 -35.01 -40.49 28.70
CA GLY D 423 -34.19 -41.57 28.14
C GLY D 423 -33.06 -41.08 27.25
N VAL D 424 -32.51 -42.01 26.46
CA VAL D 424 -31.40 -41.71 25.53
C VAL D 424 -31.93 -40.94 24.32
N VAL D 425 -31.74 -39.61 24.33
CA VAL D 425 -32.43 -38.71 23.39
C VAL D 425 -32.21 -39.20 21.96
N ASP D 426 -33.29 -39.24 21.19
CA ASP D 426 -33.28 -39.88 19.87
C ASP D 426 -32.76 -38.95 18.79
N ALA D 427 -31.96 -39.50 17.90
CA ALA D 427 -31.40 -38.73 16.79
C ALA D 427 -32.40 -38.55 15.65
N LYS D 428 -33.59 -39.17 15.74
CA LYS D 428 -34.56 -39.09 14.64
C LYS D 428 -36.03 -38.96 15.07
N ALA D 429 -36.27 -38.15 16.10
CA ALA D 429 -37.63 -37.91 16.59
C ALA D 429 -38.20 -36.74 15.80
N THR D 430 -38.35 -36.92 14.48
CA THR D 430 -38.77 -35.78 13.61
C THR D 430 -40.27 -35.57 13.61
N GLU D 431 -40.67 -34.31 13.48
CA GLU D 431 -42.06 -33.87 13.54
C GLU D 431 -42.41 -32.99 12.35
N GLN D 432 -43.37 -33.44 11.54
CA GLN D 432 -43.63 -32.78 10.25
C GLN D 432 -45.13 -32.45 10.14
N LEU D 433 -45.43 -31.19 9.82
CA LEU D 433 -46.80 -30.64 9.97
C LEU D 433 -47.58 -30.63 8.67
N ALA D 434 -48.28 -31.73 8.44
CA ALA D 434 -49.01 -31.98 7.21
C ALA D 434 -50.39 -31.33 7.29
N PRO D 435 -50.99 -31.00 6.13
CA PRO D 435 -52.20 -30.18 6.13
C PRO D 435 -53.39 -30.91 6.71
N GLN D 436 -54.24 -30.19 7.41
CA GLN D 436 -55.41 -30.78 8.09
C GLN D 436 -56.72 -30.49 7.33
N LEU D 437 -57.11 -31.39 6.44
CA LEU D 437 -58.16 -31.08 5.46
C LEU D 437 -59.56 -30.97 6.10
N MET D 438 -60.23 -29.85 5.79
CA MET D 438 -61.60 -29.57 6.19
C MET D 438 -62.46 -29.60 4.92
N SER D 451 -57.27 -38.09 2.98
CA SER D 451 -56.50 -38.34 4.26
C SER D 451 -55.74 -39.72 4.44
N ASP D 452 -56.09 -40.69 3.57
CA ASP D 452 -55.22 -41.87 3.33
C ASP D 452 -54.20 -41.55 2.25
N PRO D 453 -54.37 -40.36 1.56
CA PRO D 453 -53.47 -39.97 0.53
C PRO D 453 -52.05 -40.09 1.05
N LEU D 454 -51.74 -39.21 2.00
CA LEU D 454 -50.43 -39.13 2.62
C LEU D 454 -50.05 -40.47 3.26
N SER D 455 -51.06 -41.26 3.61
CA SER D 455 -50.88 -42.64 4.07
C SER D 455 -50.09 -43.61 3.17
N LYS D 456 -50.64 -43.92 1.98
CA LYS D 456 -49.92 -44.70 0.95
C LYS D 456 -48.72 -43.92 0.43
N LEU D 457 -48.77 -42.60 0.59
CA LEU D 457 -47.75 -41.72 0.05
C LEU D 457 -46.45 -41.67 0.86
N VAL D 458 -46.57 -41.67 2.20
CA VAL D 458 -45.40 -41.93 3.06
C VAL D 458 -44.88 -43.30 2.69
N LEU D 459 -45.81 -44.23 2.58
CA LEU D 459 -45.49 -45.60 2.26
C LEU D 459 -44.71 -45.69 0.95
N VAL D 460 -45.28 -45.11 -0.12
CA VAL D 460 -44.61 -45.04 -1.43
C VAL D 460 -43.26 -44.35 -1.28
N ALA D 461 -43.26 -43.21 -0.60
CA ALA D 461 -42.05 -42.43 -0.33
C ALA D 461 -40.96 -43.24 0.38
N LYS D 462 -41.36 -44.00 1.39
CA LYS D 462 -40.41 -44.75 2.22
C LYS D 462 -39.81 -45.96 1.49
N GLN D 463 -40.50 -46.44 0.46
CA GLN D 463 -39.90 -47.37 -0.51
C GLN D 463 -38.80 -46.66 -1.30
N LEU D 464 -39.12 -45.50 -1.88
CA LEU D 464 -38.16 -44.69 -2.65
C LEU D 464 -36.96 -44.30 -1.79
N GLU D 465 -37.22 -43.87 -0.55
CA GLU D 465 -36.18 -43.46 0.38
C GLU D 465 -35.30 -44.65 0.81
N ASN D 466 -35.90 -45.84 0.82
CA ASN D 466 -35.16 -47.07 1.08
C ASN D 466 -34.25 -47.41 -0.10
N GLY D 471 -36.12 -38.76 1.17
CA GLY D 471 -37.06 -38.39 2.22
C GLY D 471 -38.30 -37.71 1.67
N VAL D 472 -38.84 -38.29 0.60
CA VAL D 472 -39.88 -37.60 -0.22
C VAL D 472 -41.28 -37.53 0.43
N ALA D 473 -41.42 -38.11 1.63
CA ALA D 473 -42.54 -37.81 2.53
C ALA D 473 -42.54 -36.35 2.95
N ARG D 474 -41.37 -35.90 3.44
CA ARG D 474 -41.12 -34.49 3.79
C ARG D 474 -41.34 -33.57 2.59
N GLN D 475 -40.86 -33.97 1.41
CA GLN D 475 -40.99 -33.13 0.22
C GLN D 475 -42.44 -32.99 -0.21
N LEU D 476 -43.19 -34.09 -0.24
CA LEU D 476 -44.60 -34.03 -0.61
C LEU D 476 -45.29 -32.87 0.12
N LEU D 477 -45.23 -32.92 1.45
CA LEU D 477 -45.86 -31.92 2.33
C LEU D 477 -45.45 -30.51 1.95
N GLU D 478 -44.16 -30.29 1.79
CA GLU D 478 -43.62 -29.00 1.39
C GLU D 478 -44.22 -28.53 0.06
N LYS D 479 -44.31 -29.45 -0.89
CA LYS D 479 -44.84 -29.14 -2.22
C LYS D 479 -46.34 -28.91 -2.22
N MET D 480 -47.04 -29.62 -1.34
CA MET D 480 -48.44 -29.34 -1.11
C MET D 480 -48.64 -27.92 -0.55
N TYR D 481 -47.78 -27.54 0.41
CA TYR D 481 -47.82 -26.19 1.02
C TYR D 481 -47.47 -25.17 -0.03
N SER D 482 -46.41 -25.43 -0.77
CA SER D 482 -46.00 -24.55 -1.85
C SER D 482 -47.14 -24.34 -2.85
N ALA D 483 -47.66 -25.44 -3.38
CA ALA D 483 -48.83 -25.41 -4.28
C ALA D 483 -50.00 -24.59 -3.70
N ALA D 484 -50.12 -24.64 -2.37
CA ALA D 484 -51.11 -23.84 -1.62
C ALA D 484 -51.02 -22.36 -1.93
N ALA D 485 -49.90 -21.76 -1.54
CA ALA D 485 -49.66 -20.33 -1.74
C ALA D 485 -49.90 -19.93 -3.20
N VAL D 486 -49.33 -20.70 -4.12
CA VAL D 486 -49.39 -20.41 -5.58
C VAL D 486 -50.74 -20.02 -6.19
N LEU D 487 -51.74 -20.88 -5.97
CA LEU D 487 -53.09 -20.64 -6.47
C LEU D 487 -53.76 -19.54 -5.69
N SER D 488 -53.21 -19.29 -4.50
CA SER D 488 -53.67 -18.22 -3.63
C SER D 488 -53.53 -16.83 -4.25
N TYR D 493 -48.80 -13.43 -11.24
CA TYR D 493 -47.84 -14.51 -11.01
C TYR D 493 -48.26 -15.80 -11.70
N SER D 494 -47.69 -16.95 -11.34
CA SER D 494 -46.27 -16.99 -10.91
C SER D 494 -45.39 -17.24 -12.08
N ASP D 495 -45.74 -18.31 -12.77
CA ASP D 495 -45.08 -18.79 -13.95
C ASP D 495 -46.00 -19.88 -14.43
N SER D 496 -45.70 -20.51 -15.55
CA SER D 496 -46.55 -21.59 -16.01
C SER D 496 -45.85 -22.65 -15.22
N GLU D 497 -46.01 -22.49 -13.92
CA GLU D 497 -45.64 -23.45 -12.90
C GLU D 497 -46.92 -23.96 -12.29
N ASN D 498 -47.91 -23.07 -12.18
CA ASN D 498 -49.24 -23.41 -11.64
C ASN D 498 -49.98 -24.52 -12.38
N ALA D 499 -49.81 -24.61 -13.69
CA ALA D 499 -50.44 -25.69 -14.47
C ALA D 499 -50.03 -27.04 -13.87
N ASN D 500 -48.90 -27.04 -13.15
CA ASN D 500 -48.45 -28.17 -12.36
C ASN D 500 -49.12 -28.21 -11.00
N ALA D 501 -49.13 -27.07 -10.30
CA ALA D 501 -49.83 -26.96 -9.02
C ALA D 501 -51.30 -27.43 -9.10
N SER D 502 -51.96 -27.07 -10.20
CA SER D 502 -53.36 -27.48 -10.43
C SER D 502 -53.49 -28.95 -10.78
N LYS D 503 -52.47 -29.48 -11.44
CA LYS D 503 -52.40 -30.92 -11.67
C LYS D 503 -52.23 -31.62 -10.35
N LEU D 504 -51.36 -31.08 -9.49
CA LEU D 504 -51.17 -31.65 -8.15
C LEU D 504 -52.49 -31.72 -7.43
N LEU D 505 -53.17 -30.59 -7.40
CA LEU D 505 -54.44 -30.49 -6.72
C LEU D 505 -55.51 -31.42 -7.34
N SER D 506 -55.60 -31.40 -8.67
CA SER D 506 -56.56 -32.26 -9.37
C SER D 506 -56.31 -33.72 -9.03
N SER D 507 -55.03 -34.12 -9.12
CA SER D 507 -54.59 -35.46 -8.72
C SER D 507 -55.05 -35.81 -7.32
N LEU D 508 -54.84 -34.89 -6.41
CA LEU D 508 -55.32 -35.04 -5.04
C LEU D 508 -56.81 -35.34 -5.00
N ALA D 509 -57.61 -34.38 -5.44
CA ALA D 509 -59.07 -34.48 -5.46
C ALA D 509 -59.56 -35.76 -6.10
N ALA D 510 -58.87 -36.21 -7.15
CA ALA D 510 -59.18 -37.49 -7.81
C ALA D 510 -59.11 -38.64 -6.82
N ILE D 511 -58.04 -38.64 -6.01
CA ILE D 511 -57.89 -39.60 -4.90
C ILE D 511 -59.09 -39.58 -3.95
N HIS D 512 -59.80 -38.44 -3.88
CA HIS D 512 -61.08 -38.35 -3.14
C HIS D 512 -62.11 -39.42 -3.55
N ALA D 513 -62.43 -39.46 -4.85
CA ALA D 513 -63.42 -40.43 -5.37
C ALA D 513 -62.82 -41.83 -5.56
N LYS D 514 -61.66 -41.90 -6.21
CA LYS D 514 -61.17 -43.13 -6.85
C LYS D 514 -59.91 -43.73 -6.16
N ASN D 515 -60.15 -44.67 -5.25
CA ASN D 515 -59.09 -45.53 -4.69
C ASN D 515 -58.52 -46.47 -5.77
N PRO D 516 -57.26 -46.94 -5.59
CA PRO D 516 -56.80 -48.12 -6.35
C PRO D 516 -57.57 -49.40 -5.97
N VAL D 537 -51.09 -53.17 18.49
CA VAL D 537 -50.11 -52.09 18.66
C VAL D 537 -48.67 -52.64 18.77
N ASN D 538 -48.48 -53.68 19.60
CA ASN D 538 -47.20 -54.40 19.68
C ASN D 538 -46.95 -55.26 18.43
N GLY D 539 -48.03 -55.76 17.83
CA GLY D 539 -47.97 -56.46 16.54
C GLY D 539 -47.46 -55.58 15.41
N VAL D 540 -47.75 -54.28 15.51
CA VAL D 540 -47.19 -53.29 14.59
C VAL D 540 -45.69 -53.07 14.83
N VAL D 541 -45.27 -53.10 16.09
CA VAL D 541 -43.83 -53.00 16.45
C VAL D 541 -43.05 -54.23 15.97
N GLU D 542 -43.66 -55.41 16.00
CA GLU D 542 -42.95 -56.65 15.66
C GLU D 542 -42.80 -56.89 14.16
N LYS D 543 -43.88 -56.77 13.39
CA LYS D 543 -43.85 -57.06 11.95
C LYS D 543 -42.68 -56.38 11.24
N LYS D 552 -34.92 -54.36 3.72
CA LYS D 552 -36.10 -54.21 2.88
C LYS D 552 -37.20 -53.45 3.61
N PRO D 553 -37.90 -52.52 2.91
CA PRO D 553 -38.78 -51.59 3.59
C PRO D 553 -40.08 -52.25 4.05
N VAL D 554 -40.47 -51.99 5.29
CA VAL D 554 -41.70 -52.54 5.88
C VAL D 554 -42.79 -51.47 5.87
N LEU D 555 -43.78 -51.63 4.99
CA LEU D 555 -44.73 -50.55 4.65
C LEU D 555 -46.18 -50.87 5.04
N LEU D 556 -46.52 -50.56 6.29
CA LEU D 556 -47.84 -50.88 6.87
C LEU D 556 -48.81 -49.70 6.77
N GLU D 557 -50.09 -50.01 6.62
CA GLU D 557 -51.15 -49.00 6.52
C GLU D 557 -52.32 -49.37 7.44
N LEU D 558 -52.77 -48.38 8.20
CA LEU D 558 -53.86 -48.52 9.16
C LEU D 558 -54.85 -47.45 8.75
N ASP D 559 -56.13 -47.79 8.80
CA ASP D 559 -57.20 -46.95 8.27
C ASP D 559 -58.38 -46.92 9.23
N ALA D 560 -58.20 -46.23 10.35
CA ALA D 560 -59.24 -46.18 11.40
C ALA D 560 -60.40 -45.25 10.99
N PRO D 561 -61.58 -45.37 11.64
CA PRO D 561 -62.80 -44.75 11.11
C PRO D 561 -62.78 -43.21 11.04
N GLY D 562 -62.06 -42.57 11.96
CA GLY D 562 -61.87 -41.12 11.90
C GLY D 562 -60.62 -40.73 11.11
N HIS D 563 -59.47 -40.99 11.70
CA HIS D 563 -58.17 -40.76 11.08
C HIS D 563 -57.52 -42.08 10.68
N ALA D 564 -56.64 -42.03 9.70
CA ALA D 564 -55.89 -43.21 9.24
C ALA D 564 -54.39 -43.10 9.53
N MET D 565 -53.94 -43.88 10.51
CA MET D 565 -52.61 -43.75 11.11
C MET D 565 -51.88 -45.07 11.07
N ALA D 566 -50.71 -45.11 10.46
CA ALA D 566 -49.91 -46.32 10.41
C ALA D 566 -48.44 -46.00 10.46
N ALA D 567 -47.63 -47.05 10.38
CA ALA D 567 -46.21 -46.96 10.61
C ALA D 567 -45.42 -47.60 9.48
N TRP D 568 -44.10 -47.38 9.51
CA TRP D 568 -43.19 -47.89 8.49
C TRP D 568 -41.79 -48.14 9.05
N ALA D 569 -40.95 -48.80 8.26
CA ALA D 569 -39.52 -48.98 8.57
C ALA D 569 -38.70 -48.94 7.29
N ASP D 575 -29.02 -48.48 10.16
CA ASP D 575 -29.95 -47.60 10.85
C ASP D 575 -31.33 -47.64 10.22
N ARG D 576 -32.33 -47.96 11.03
CA ARG D 576 -33.69 -48.05 10.56
C ARG D 576 -34.49 -47.04 11.34
N VAL D 577 -35.23 -46.21 10.61
CA VAL D 577 -36.06 -45.17 11.21
C VAL D 577 -37.53 -45.58 11.13
N TYR D 578 -38.05 -46.05 12.26
CA TYR D 578 -39.41 -46.57 12.35
C TYR D 578 -40.34 -45.39 12.59
N GLY D 579 -41.41 -45.29 11.81
CA GLY D 579 -42.23 -44.06 11.76
C GLY D 579 -43.72 -44.27 11.94
N PHE D 580 -44.46 -43.17 11.91
CA PHE D 580 -45.91 -43.18 12.15
C PHE D 580 -46.47 -41.84 11.64
N TYR D 581 -47.58 -41.92 10.88
CA TYR D 581 -48.33 -40.73 10.44
C TYR D 581 -49.75 -40.74 11.03
N ASP D 582 -50.08 -39.69 11.79
CA ASP D 582 -51.47 -39.41 12.18
C ASP D 582 -52.00 -38.22 11.37
N PRO D 583 -53.22 -38.34 10.80
CA PRO D 583 -53.74 -37.24 9.97
C PRO D 583 -54.08 -35.91 10.66
N ASN D 584 -54.52 -35.92 11.91
CA ASN D 584 -54.68 -34.64 12.63
C ASN D 584 -53.68 -34.42 13.77
N ALA D 585 -52.44 -34.90 13.58
CA ALA D 585 -51.37 -34.68 14.58
C ALA D 585 -49.93 -34.65 14.00
N GLY D 586 -49.80 -34.44 12.70
CA GLY D 586 -48.49 -34.49 12.04
C GLY D 586 -47.89 -35.89 11.98
N ILE D 587 -46.57 -35.95 12.00
CA ILE D 587 -45.83 -37.18 11.74
C ILE D 587 -44.77 -37.35 12.84
N VAL D 588 -44.36 -38.59 13.10
CA VAL D 588 -43.18 -38.87 13.93
C VAL D 588 -42.36 -40.03 13.37
N GLU D 589 -41.04 -39.89 13.42
CA GLU D 589 -40.13 -41.00 13.14
C GLU D 589 -39.27 -41.20 14.40
N PHE D 590 -38.74 -42.42 14.59
CA PHE D 590 -37.74 -42.70 15.65
C PHE D 590 -36.75 -43.79 15.17
N SER D 591 -35.46 -43.54 15.38
CA SER D 591 -34.40 -44.50 15.01
C SER D 591 -34.19 -45.58 16.09
N SER D 592 -34.67 -45.30 17.31
CA SER D 592 -34.71 -46.29 18.39
C SER D 592 -36.08 -46.98 18.40
N ALA D 593 -36.07 -48.30 18.15
CA ALA D 593 -37.30 -49.11 18.11
C ALA D 593 -38.08 -49.12 19.44
N GLU D 594 -37.36 -49.05 20.56
CA GLU D 594 -37.99 -49.02 21.90
C GLU D 594 -38.71 -47.70 22.12
N LYS D 595 -38.17 -46.61 21.62
CA LYS D 595 -38.92 -45.35 21.62
C LYS D 595 -40.17 -45.42 20.78
N PHE D 596 -40.14 -46.09 19.62
CA PHE D 596 -41.25 -46.01 18.66
C PHE D 596 -42.43 -46.53 19.43
N GLY D 597 -42.19 -47.60 20.17
CA GLY D 597 -43.24 -48.18 20.97
C GLY D 597 -43.59 -47.24 22.08
N ASP D 598 -42.60 -46.47 22.48
CA ASP D 598 -42.88 -45.62 23.60
C ASP D 598 -43.72 -44.39 23.33
N TYR D 599 -43.49 -43.60 22.27
CA TYR D 599 -44.47 -42.57 21.94
C TYR D 599 -45.67 -43.19 21.34
N LEU D 600 -45.46 -44.34 20.74
CA LEU D 600 -46.58 -45.05 20.18
C LEU D 600 -47.25 -45.87 21.28
N THR D 601 -46.70 -45.80 22.48
CA THR D 601 -47.52 -45.93 23.65
C THR D 601 -48.57 -44.84 23.60
N ARG D 602 -48.23 -43.66 23.08
CA ARG D 602 -48.95 -42.50 23.55
C ARG D 602 -50.42 -42.57 23.28
N PHE D 603 -51.07 -42.30 24.38
CA PHE D 603 -52.48 -42.19 24.59
C PHE D 603 -53.14 -40.98 23.97
N PHE D 604 -54.47 -41.00 24.02
CA PHE D 604 -55.33 -39.89 23.57
C PHE D 604 -56.17 -39.36 24.73
N GLY D 605 -56.69 -40.27 25.56
CA GLY D 605 -57.40 -39.92 26.81
C GLY D 605 -56.71 -40.47 28.05
N ASN D 628 -60.48 -51.98 9.35
CA ASN D 628 -60.10 -50.61 9.61
C ASN D 628 -58.65 -50.45 10.13
N ARG D 629 -57.60 -50.83 9.40
CA ARG D 629 -57.51 -51.85 8.32
C ARG D 629 -56.02 -52.22 8.25
N VAL D 630 -55.66 -53.18 7.39
CA VAL D 630 -54.29 -53.68 7.29
C VAL D 630 -53.90 -53.64 5.82
N VAL D 631 -52.82 -52.94 5.48
CA VAL D 631 -52.15 -53.16 4.18
C VAL D 631 -50.61 -53.14 4.29
N VAL D 632 -50.00 -54.27 3.96
CA VAL D 632 -48.56 -54.34 3.64
C VAL D 632 -48.42 -54.24 2.11
N MET D 633 -47.99 -53.08 1.63
CA MET D 633 -47.93 -52.83 0.17
C MET D 633 -46.53 -52.88 -0.41
N ASP D 634 -46.44 -53.44 -1.61
CA ASP D 634 -45.29 -53.28 -2.48
C ASP D 634 -45.29 -51.85 -2.99
N GLY D 635 -44.15 -51.17 -2.85
CA GLY D 635 -44.02 -49.76 -3.22
C GLY D 635 -43.88 -49.51 -4.72
N ASN D 636 -43.15 -50.39 -5.40
CA ASN D 636 -42.88 -50.23 -6.85
C ASN D 636 -44.15 -50.40 -7.71
N THR D 637 -44.99 -51.37 -7.36
CA THR D 637 -46.29 -51.58 -8.05
C THR D 637 -47.30 -50.47 -7.71
N LEU D 638 -47.36 -50.10 -6.44
CA LEU D 638 -48.23 -49.02 -5.96
C LEU D 638 -47.81 -47.65 -6.51
N ALA D 639 -46.49 -47.46 -6.68
CA ALA D 639 -45.94 -46.21 -7.23
C ALA D 639 -46.23 -46.02 -8.71
N SER D 640 -46.48 -47.13 -9.42
CA SER D 640 -46.79 -47.09 -10.87
C SER D 640 -48.29 -46.86 -11.19
N TYR D 641 -49.18 -47.00 -10.20
CA TYR D 641 -50.58 -46.53 -10.33
C TYR D 641 -50.61 -44.99 -10.50
N LYS D 642 -51.48 -44.50 -11.40
CA LYS D 642 -51.62 -43.04 -11.62
C LYS D 642 -52.97 -42.51 -11.11
N MET D 651 -48.39 -42.35 -8.71
CA MET D 651 -48.27 -42.20 -7.26
C MET D 651 -46.88 -41.73 -6.83
N GLN D 652 -45.83 -42.30 -7.43
CA GLN D 652 -44.47 -41.69 -7.40
C GLN D 652 -44.44 -40.38 -8.22
N GLY D 653 -45.21 -40.35 -9.31
CA GLY D 653 -45.46 -39.13 -10.07
C GLY D 653 -46.13 -38.03 -9.27
N ILE D 654 -47.07 -38.40 -8.40
CA ILE D 654 -47.70 -37.44 -7.48
C ILE D 654 -46.67 -36.88 -6.48
N LEU D 655 -45.84 -37.76 -5.90
CA LEU D 655 -44.68 -37.32 -5.09
C LEU D 655 -43.79 -36.38 -5.89
N ASP D 656 -43.51 -36.77 -7.14
CA ASP D 656 -42.52 -36.07 -7.99
C ASP D 656 -43.17 -35.05 -8.95
N LEU D 657 -44.39 -34.61 -8.65
CA LEU D 657 -45.04 -33.54 -9.44
C LEU D 657 -44.46 -32.19 -9.04
N PRO D 658 -43.98 -31.41 -10.02
CA PRO D 658 -43.32 -30.15 -9.68
C PRO D 658 -44.31 -29.10 -9.20
N VAL D 659 -43.81 -28.07 -8.53
CA VAL D 659 -44.62 -26.92 -8.18
C VAL D 659 -43.91 -25.66 -8.65
N PHE D 660 -42.70 -25.43 -8.14
CA PHE D 660 -41.87 -24.31 -8.60
C PHE D 660 -41.06 -24.70 -9.84
#